data_7KQ6
#
_entry.id   7KQ6
#
_cell.length_a   106.980
_cell.length_b   116.080
_cell.length_c   107.330
_cell.angle_alpha   90.000
_cell.angle_beta   119.755
_cell.angle_gamma   90.000
#
_symmetry.space_group_name_H-M   'P 1 21 1'
#
loop_
_entity.id
_entity.type
_entity.pdbx_description
1 polymer 'Acetyl-coenzyme A synthetase'
2 non-polymer "ADENOSINE-5'-MONOPHOSPHATE-PROPYL ESTER"
3 non-polymer 1,2-ETHANEDIOL
4 water water
#
_entity_poly.entity_id   1
_entity_poly.type   'polypeptide(L)'
_entity_poly.pdbx_seq_one_letter_code
;MHHHHHHHHENLYFQGSETPAEPKLPVVVEAHQVDTFDVPGVFYENHPHEPHLSGMNEYNQLYQQSINDPDTFWARMARD
LITFEKDFDKTHIGTLEGGDNAWFVGGRLNASFNCVDRHAMRDPNKVAIIYEADEPGHGRSITYAELLKEVSRLAWVMKS
QGVRKGDTVAIYLPMIPEAIFALLACARIGAIHSVVFAGFSSDSLRDRTLDARSKFIITTDEGKRGGKVIGTKKIVDEAL
KQCPDVTNCLVFKRTGADVPWTKGRDLWWHEEVDKYPNYLPAESMDSEDPLFLLYTSGSTGKPKGVMHTTAGYLVGAAAT
GKYVFDIHPADRFFCGGDVGWITGHTYVVYAPLLLGCTTVVFESTPAYPNFSRYWDVIEKHKVTQFYVAPTALRLLKRAG
DHHINHEMKDLRILGSVGEPIAAEVWKWYHEVVGKRQAHIVDTYWQTETGSHVITPLGGITPTKPGSASLPFFGIDPVIL
DPVTGAEIPGNDVEGILAFRKPWPSMARTVWGDHKRYMDTYLNVYKGFYFTGDGAGRDHEGYYWIRGRVDDVVNVSGHRL
STAEIEAALIEHHCVAEAAVVGVPDPLTGQAVHAFVALKSGNDNREQLQKELIMQVRKSIGPFAAPKVVFVIDDLPKTRS
GKIMRRILRKILSGEEDSLGDISTLSDPSVVNKIIDTFHEWKKAMAAAAAAAAAVSATAPPNSTTG
;
_entity_poly.pdbx_strand_id   A,B,C
#
loop_
_chem_comp.id
_chem_comp.type
_chem_comp.name
_chem_comp.formula
EDO non-polymer 1,2-ETHANEDIOL 'C2 H6 O2'
PRX non-polymer 'ADENOSINE-5'-MONOPHOSPHATE-PROPYL ESTER' 'C13 H20 N5 O7 P'
#
# COMPACT_ATOMS: atom_id res chain seq x y z
N LEU A 25 34.55 -50.53 10.78
CA LEU A 25 34.83 -51.00 9.42
C LEU A 25 34.21 -50.13 8.30
N PRO A 26 33.01 -49.56 8.47
CA PRO A 26 32.47 -48.68 7.44
C PRO A 26 33.10 -47.29 7.50
N VAL A 27 32.87 -46.53 6.42
CA VAL A 27 33.36 -45.15 6.36
C VAL A 27 32.64 -44.29 7.39
N VAL A 28 31.32 -44.37 7.41
CA VAL A 28 30.53 -43.68 8.43
C VAL A 28 30.49 -44.57 9.67
N VAL A 29 31.48 -44.41 10.55
CA VAL A 29 31.66 -45.35 11.65
C VAL A 29 30.53 -45.28 12.67
N GLU A 30 29.80 -44.15 12.72
CA GLU A 30 28.74 -44.03 13.72
C GLU A 30 27.58 -44.97 13.43
N ALA A 31 27.39 -45.35 12.17
CA ALA A 31 26.29 -46.21 11.78
C ALA A 31 26.59 -47.69 11.92
N HIS A 32 27.83 -48.05 12.29
CA HIS A 32 28.20 -49.47 12.31
C HIS A 32 27.33 -50.23 13.29
N GLN A 33 26.61 -51.23 12.77
CA GLN A 33 25.74 -52.09 13.57
C GLN A 33 24.67 -51.29 14.32
N VAL A 34 24.10 -50.30 13.63
CA VAL A 34 22.92 -49.58 14.09
C VAL A 34 21.80 -49.91 13.12
N ASP A 35 20.81 -50.68 13.59
CA ASP A 35 19.66 -50.99 12.75
C ASP A 35 18.57 -49.94 12.93
N THR A 36 17.69 -49.87 11.93
CA THR A 36 16.54 -48.99 12.03
C THR A 36 15.53 -49.52 13.05
N PHE A 37 14.73 -48.60 13.60
CA PHE A 37 13.63 -48.90 14.49
C PHE A 37 12.34 -48.46 13.81
N ASP A 38 11.36 -49.35 13.75
CA ASP A 38 10.06 -48.96 13.21
C ASP A 38 9.33 -48.06 14.19
N VAL A 39 8.42 -47.25 13.65
CA VAL A 39 7.45 -46.51 14.45
C VAL A 39 6.70 -47.51 15.34
N PRO A 40 6.55 -47.23 16.64
CA PRO A 40 5.82 -48.15 17.51
C PRO A 40 4.42 -48.44 16.99
N GLY A 41 4.03 -49.71 17.04
CA GLY A 41 2.71 -50.10 16.57
C GLY A 41 1.58 -49.34 17.25
N VAL A 42 1.72 -49.11 18.56
CA VAL A 42 0.64 -48.46 19.30
C VAL A 42 0.42 -47.02 18.84
N PHE A 43 1.42 -46.40 18.21
CA PHE A 43 1.27 -45.04 17.70
C PHE A 43 0.05 -44.93 16.79
N TYR A 44 -0.12 -45.90 15.89
CA TYR A 44 -1.23 -45.88 14.94
C TYR A 44 -2.54 -46.28 15.61
N GLU A 45 -2.48 -47.21 16.56
CA GLU A 45 -3.69 -47.65 17.26
C GLU A 45 -4.30 -46.49 18.05
N ASN A 46 -3.46 -45.69 18.71
CA ASN A 46 -3.92 -44.65 19.61
C ASN A 46 -4.09 -43.30 18.94
N HIS A 47 -3.80 -43.20 17.64
CA HIS A 47 -3.80 -41.92 16.95
C HIS A 47 -5.22 -41.34 16.92
N PRO A 48 -5.41 -40.06 17.27
CA PRO A 48 -6.76 -39.48 17.19
C PRO A 48 -7.26 -39.35 15.77
N HIS A 49 -6.36 -39.23 14.81
CA HIS A 49 -6.69 -39.15 13.39
C HIS A 49 -5.88 -40.24 12.68
N GLU A 50 -5.12 -39.88 11.65
CA GLU A 50 -4.15 -40.77 11.04
C GLU A 50 -3.06 -39.91 10.44
N PRO A 51 -1.87 -40.46 10.22
CA PRO A 51 -0.81 -39.66 9.59
C PRO A 51 -1.27 -39.13 8.24
N HIS A 52 -0.67 -38.02 7.84
CA HIS A 52 -0.94 -37.38 6.57
C HIS A 52 -0.39 -38.14 5.39
N LEU A 53 0.43 -39.17 5.64
CA LEU A 53 1.01 -40.00 4.60
C LEU A 53 0.64 -41.44 4.88
N SER A 54 0.56 -42.24 3.82
CA SER A 54 0.20 -43.63 3.97
C SER A 54 1.37 -44.52 4.39
N GLY A 55 2.59 -44.00 4.34
CA GLY A 55 3.77 -44.78 4.63
C GLY A 55 4.96 -44.26 3.85
N MET A 56 6.05 -45.03 3.89
CA MET A 56 7.30 -44.60 3.27
C MET A 56 7.22 -44.56 1.75
N ASN A 57 6.41 -45.43 1.14
CA ASN A 57 6.22 -45.36 -0.30
C ASN A 57 5.74 -43.98 -0.72
N GLU A 58 4.76 -43.43 0.00
CA GLU A 58 4.25 -42.11 -0.38
C GLU A 58 5.28 -41.02 -0.10
N TYR A 59 5.98 -41.11 1.04
CA TYR A 59 7.12 -40.21 1.26
C TYR A 59 8.07 -40.24 0.07
N ASN A 60 8.47 -41.43 -0.36
CA ASN A 60 9.43 -41.51 -1.46
C ASN A 60 8.86 -40.94 -2.75
N GLN A 61 7.58 -41.20 -3.03
CA GLN A 61 6.97 -40.66 -4.24
C GLN A 61 6.93 -39.13 -4.18
N LEU A 62 6.46 -38.57 -3.06
CA LEU A 62 6.41 -37.12 -2.93
C LEU A 62 7.81 -36.52 -2.89
N TYR A 63 8.75 -37.21 -2.22
CA TYR A 63 10.12 -36.68 -2.16
C TYR A 63 10.70 -36.57 -3.56
N GLN A 64 10.57 -37.64 -4.36
CA GLN A 64 11.12 -37.60 -5.71
C GLN A 64 10.48 -36.49 -6.53
N GLN A 65 9.18 -36.26 -6.38
CA GLN A 65 8.55 -35.16 -7.11
C GLN A 65 9.10 -33.82 -6.65
N SER A 66 9.35 -33.67 -5.35
CA SER A 66 9.85 -32.40 -4.82
C SER A 66 11.24 -32.08 -5.34
N ILE A 67 12.02 -33.09 -5.74
CA ILE A 67 13.34 -32.89 -6.33
C ILE A 67 13.27 -32.82 -7.85
N ASN A 68 12.44 -33.66 -8.48
CA ASN A 68 12.43 -33.73 -9.94
C ASN A 68 11.52 -32.67 -10.56
N ASP A 69 10.48 -32.25 -9.86
CA ASP A 69 9.54 -31.26 -10.38
C ASP A 69 9.09 -30.36 -9.23
N PRO A 70 10.01 -29.57 -8.69
CA PRO A 70 9.64 -28.69 -7.56
C PRO A 70 8.60 -27.64 -7.92
N ASP A 71 8.53 -27.22 -9.18
CA ASP A 71 7.49 -26.27 -9.59
C ASP A 71 6.11 -26.81 -9.28
N THR A 72 5.83 -28.04 -9.69
CA THR A 72 4.52 -28.64 -9.44
C THR A 72 4.36 -28.99 -7.96
N PHE A 73 5.37 -29.62 -7.36
CA PHE A 73 5.23 -30.09 -5.97
C PHE A 73 5.01 -28.93 -5.02
N TRP A 74 5.83 -27.88 -5.12
CA TRP A 74 5.72 -26.79 -4.15
C TRP A 74 4.52 -25.90 -4.41
N ALA A 75 4.05 -25.81 -5.66
CA ALA A 75 2.86 -25.01 -5.90
C ALA A 75 1.65 -25.64 -5.24
N ARG A 76 1.54 -26.98 -5.33
CA ARG A 76 0.44 -27.68 -4.68
C ARG A 76 0.57 -27.62 -3.16
N MET A 77 1.78 -27.83 -2.64
CA MET A 77 1.97 -27.73 -1.19
C MET A 77 1.59 -26.34 -0.68
N ALA A 78 2.02 -25.29 -1.38
CA ALA A 78 1.72 -23.93 -0.95
C ALA A 78 0.22 -23.66 -0.99
N ARG A 79 -0.44 -24.07 -2.08
CA ARG A 79 -1.87 -23.83 -2.19
C ARG A 79 -2.65 -24.71 -1.22
N ASP A 80 -2.10 -25.85 -0.82
CA ASP A 80 -2.72 -26.67 0.22
C ASP A 80 -2.76 -25.94 1.55
N LEU A 81 -1.65 -25.30 1.92
CA LEU A 81 -1.39 -24.92 3.30
C LEU A 81 -1.48 -23.45 3.60
N ILE A 82 -1.34 -22.57 2.60
CA ILE A 82 -1.27 -21.13 2.81
C ILE A 82 -2.37 -20.46 2.00
N THR A 83 -3.09 -19.54 2.63
CA THR A 83 -4.14 -18.77 1.97
C THR A 83 -3.53 -17.48 1.41
N PHE A 84 -3.48 -17.37 0.08
CA PHE A 84 -2.96 -16.17 -0.57
C PHE A 84 -4.10 -15.22 -0.88
N GLU A 85 -3.84 -13.92 -0.70
CA GLU A 85 -4.76 -12.90 -1.20
C GLU A 85 -4.76 -12.88 -2.71
N LYS A 86 -3.56 -13.01 -3.28
CA LYS A 86 -3.36 -13.07 -4.72
C LYS A 86 -2.51 -14.29 -5.00
N ASP A 87 -3.00 -15.17 -5.87
CA ASP A 87 -2.27 -16.38 -6.23
C ASP A 87 -0.93 -16.01 -6.87
N PHE A 88 0.06 -16.89 -6.71
CA PHE A 88 1.37 -16.60 -7.28
C PHE A 88 1.42 -16.96 -8.76
N ASP A 89 2.37 -16.35 -9.47
CA ASP A 89 2.58 -16.57 -10.90
C ASP A 89 3.52 -17.74 -11.18
N LYS A 90 4.50 -17.96 -10.32
CA LYS A 90 5.53 -18.96 -10.57
C LYS A 90 6.08 -19.45 -9.25
N THR A 91 6.34 -20.75 -9.18
CA THR A 91 6.77 -21.34 -7.93
C THR A 91 8.13 -20.79 -7.50
N HIS A 92 9.08 -20.70 -8.42
CA HIS A 92 10.44 -20.36 -8.05
C HIS A 92 11.19 -19.77 -9.24
N ILE A 93 11.97 -18.71 -8.98
CA ILE A 93 12.94 -18.20 -9.95
C ILE A 93 14.28 -18.03 -9.25
N GLY A 94 15.34 -17.89 -10.05
CA GLY A 94 16.68 -17.75 -9.52
C GLY A 94 17.40 -19.08 -9.37
N THR A 95 18.65 -18.98 -8.88
CA THR A 95 19.49 -20.16 -8.68
C THR A 95 20.28 -19.99 -7.39
N LEU A 96 20.81 -21.11 -6.89
CA LEU A 96 21.72 -21.04 -5.74
C LEU A 96 22.91 -20.15 -6.03
N GLU A 97 23.59 -20.38 -7.15
CA GLU A 97 24.78 -19.59 -7.44
C GLU A 97 24.44 -18.12 -7.68
N GLY A 98 23.24 -17.85 -8.20
CA GLY A 98 22.84 -16.47 -8.42
C GLY A 98 22.51 -15.70 -7.15
N GLY A 99 22.21 -16.40 -6.06
CA GLY A 99 21.84 -15.71 -4.83
C GLY A 99 20.63 -14.82 -5.03
N ASP A 100 19.73 -15.24 -5.92
CA ASP A 100 18.58 -14.46 -6.37
C ASP A 100 17.29 -15.26 -6.25
N ASN A 101 17.25 -16.24 -5.34
CA ASN A 101 16.09 -17.11 -5.23
C ASN A 101 14.86 -16.37 -4.74
N ALA A 102 13.73 -16.63 -5.40
CA ALA A 102 12.47 -16.06 -5.01
C ALA A 102 11.41 -17.13 -5.21
N TRP A 103 10.49 -17.24 -4.26
CA TRP A 103 9.49 -18.30 -4.27
C TRP A 103 8.09 -17.71 -4.24
N PHE A 104 7.18 -18.33 -5.00
CA PHE A 104 5.79 -17.90 -5.07
C PHE A 104 5.68 -16.46 -5.53
N VAL A 105 6.45 -16.11 -6.57
CA VAL A 105 6.54 -14.73 -7.00
C VAL A 105 5.21 -14.30 -7.60
N GLY A 106 4.84 -13.04 -7.37
CA GLY A 106 3.55 -12.53 -7.77
C GLY A 106 2.44 -12.78 -6.78
N GLY A 107 2.67 -13.65 -5.78
CA GLY A 107 1.66 -13.86 -4.77
C GLY A 107 1.62 -12.72 -3.77
N ARG A 108 0.45 -12.58 -3.12
CA ARG A 108 0.31 -11.66 -1.99
C ARG A 108 -0.42 -12.37 -0.87
N LEU A 109 -0.08 -12.00 0.35
CA LEU A 109 -0.55 -12.73 1.52
C LEU A 109 -0.16 -11.95 2.76
N ASN A 110 -0.61 -12.43 3.92
CA ASN A 110 -0.20 -11.86 5.19
C ASN A 110 -0.02 -12.99 6.19
N ALA A 111 1.12 -12.98 6.89
CA ALA A 111 1.43 -14.05 7.83
C ALA A 111 0.48 -14.08 9.02
N SER A 112 0.05 -12.90 9.51
CA SER A 112 -0.88 -12.92 10.64
C SER A 112 -2.26 -13.40 10.19
N PHE A 113 -2.65 -13.12 8.95
CA PHE A 113 -3.92 -13.66 8.46
C PHE A 113 -3.88 -15.18 8.46
N ASN A 114 -2.74 -15.77 8.08
CA ASN A 114 -2.64 -17.22 8.01
C ASN A 114 -2.45 -17.86 9.37
N CYS A 115 -1.85 -17.15 10.33
CA CYS A 115 -1.70 -17.68 11.68
C CYS A 115 -2.91 -17.42 12.56
N VAL A 116 -3.77 -16.48 12.19
CA VAL A 116 -4.79 -16.02 13.13
C VAL A 116 -6.15 -15.89 12.45
N ASP A 117 -6.29 -14.92 11.54
CA ASP A 117 -7.60 -14.57 11.00
C ASP A 117 -8.33 -15.79 10.46
N ARG A 118 -7.66 -16.58 9.61
CA ARG A 118 -8.43 -17.61 8.91
C ARG A 118 -8.93 -18.67 9.88
N HIS A 119 -8.25 -18.84 11.01
CA HIS A 119 -8.70 -19.77 12.04
C HIS A 119 -9.79 -19.15 12.91
N ALA A 120 -9.64 -17.88 13.27
CA ALA A 120 -10.68 -17.21 14.04
C ALA A 120 -11.98 -17.14 13.25
N MET A 121 -11.89 -16.98 11.93
N MET A 121 -11.88 -17.01 11.92
CA MET A 121 -13.10 -16.99 11.11
CA MET A 121 -13.07 -16.97 11.08
C MET A 121 -13.84 -18.31 11.24
C MET A 121 -13.80 -18.30 11.05
N ARG A 122 -13.10 -19.41 11.25
CA ARG A 122 -13.71 -20.73 11.22
C ARG A 122 -14.06 -21.25 12.60
N ASP A 123 -13.28 -20.93 13.62
CA ASP A 123 -13.45 -21.52 14.96
C ASP A 123 -12.92 -20.53 15.98
N PRO A 124 -13.67 -19.44 16.23
CA PRO A 124 -13.13 -18.37 17.08
C PRO A 124 -12.79 -18.83 18.49
N ASN A 125 -13.51 -19.81 19.04
CA ASN A 125 -13.28 -20.21 20.42
C ASN A 125 -12.28 -21.34 20.56
N LYS A 126 -11.69 -21.81 19.46
CA LYS A 126 -10.60 -22.76 19.57
C LYS A 126 -9.43 -22.14 20.30
N VAL A 127 -8.80 -22.91 21.19
CA VAL A 127 -7.64 -22.38 21.93
C VAL A 127 -6.45 -22.31 20.98
N ALA A 128 -5.85 -21.13 20.84
CA ALA A 128 -4.64 -21.00 20.03
C ALA A 128 -3.37 -21.12 20.86
N ILE A 129 -3.36 -20.54 22.07
CA ILE A 129 -2.17 -20.48 22.90
C ILE A 129 -2.52 -20.96 24.30
N ILE A 130 -1.72 -21.89 24.82
CA ILE A 130 -1.72 -22.20 26.25
C ILE A 130 -0.50 -21.54 26.85
N TYR A 131 -0.72 -20.58 27.74
CA TYR A 131 0.39 -19.93 28.45
C TYR A 131 0.61 -20.65 29.77
N GLU A 132 1.79 -21.22 29.93
CA GLU A 132 2.21 -21.83 31.18
C GLU A 132 3.18 -20.86 31.84
N ALA A 133 2.75 -20.25 32.94
CA ALA A 133 3.54 -19.20 33.59
C ALA A 133 4.68 -19.81 34.39
N ASP A 134 5.64 -18.95 34.80
CA ASP A 134 6.77 -19.42 35.58
C ASP A 134 6.33 -20.18 36.81
N GLU A 135 5.31 -19.64 37.53
CA GLU A 135 4.74 -20.37 38.67
C GLU A 135 3.66 -21.31 38.18
N PRO A 136 3.67 -22.57 38.58
CA PRO A 136 2.58 -23.48 38.19
C PRO A 136 1.24 -23.01 38.71
N GLY A 137 0.18 -23.43 38.03
CA GLY A 137 -1.16 -23.08 38.41
C GLY A 137 -1.56 -21.67 38.04
N HIS A 138 -0.67 -20.92 37.41
CA HIS A 138 -1.07 -19.64 36.85
C HIS A 138 -1.26 -19.86 35.35
N GLY A 139 -0.94 -18.86 34.53
CA GLY A 139 -1.13 -19.03 33.11
C GLY A 139 -2.60 -18.92 32.73
N ARG A 140 -2.85 -19.07 31.43
CA ARG A 140 -4.20 -18.97 30.88
C ARG A 140 -4.19 -19.54 29.47
N SER A 141 -5.39 -19.77 28.95
CA SER A 141 -5.57 -20.21 27.57
C SER A 141 -6.19 -19.08 26.76
N ILE A 142 -5.77 -18.97 25.50
CA ILE A 142 -6.11 -17.84 24.64
C ILE A 142 -6.72 -18.37 23.35
N THR A 143 -7.95 -17.97 23.05
CA THR A 143 -8.60 -18.45 21.84
C THR A 143 -8.08 -17.72 20.60
N TYR A 144 -8.42 -18.26 19.42
CA TYR A 144 -8.03 -17.59 18.18
C TYR A 144 -8.68 -16.22 18.06
N ALA A 145 -9.93 -16.07 18.53
CA ALA A 145 -10.55 -14.76 18.51
C ALA A 145 -9.88 -13.81 19.49
N GLU A 146 -9.48 -14.30 20.67
CA GLU A 146 -8.75 -13.45 21.60
C GLU A 146 -7.40 -13.06 21.01
N LEU A 147 -6.74 -14.01 20.34
CA LEU A 147 -5.46 -13.72 19.69
C LEU A 147 -5.62 -12.64 18.61
N LEU A 148 -6.68 -12.72 17.82
CA LEU A 148 -6.89 -11.72 16.78
C LEU A 148 -7.08 -10.33 17.39
N LYS A 149 -7.82 -10.25 18.49
CA LYS A 149 -7.96 -8.98 19.21
C LYS A 149 -6.61 -8.44 19.68
N GLU A 150 -5.81 -9.27 20.35
CA GLU A 150 -4.58 -8.75 20.94
C GLU A 150 -3.58 -8.37 19.85
N VAL A 151 -3.49 -9.18 18.79
CA VAL A 151 -2.61 -8.82 17.68
C VAL A 151 -3.07 -7.52 17.03
N SER A 152 -4.39 -7.37 16.85
CA SER A 152 -4.91 -6.17 16.20
C SER A 152 -4.64 -4.92 17.03
N ARG A 153 -4.93 -4.97 18.33
CA ARG A 153 -4.78 -3.71 19.04
C ARG A 153 -3.31 -3.39 19.32
N LEU A 154 -2.44 -4.40 19.40
CA LEU A 154 -1.01 -4.09 19.49
C LEU A 154 -0.52 -3.51 18.17
N ALA A 155 -0.98 -4.04 17.05
CA ALA A 155 -0.62 -3.45 15.76
C ALA A 155 -1.11 -2.00 15.68
N TRP A 156 -2.30 -1.72 16.21
CA TRP A 156 -2.79 -0.34 16.25
C TRP A 156 -1.82 0.57 17.02
N VAL A 157 -1.26 0.06 18.13
CA VAL A 157 -0.32 0.88 18.91
C VAL A 157 0.89 1.24 18.06
N MET A 158 1.49 0.25 17.42
CA MET A 158 2.67 0.52 16.60
C MET A 158 2.33 1.47 15.46
N LYS A 159 1.21 1.21 14.76
CA LYS A 159 0.78 2.11 13.70
C LYS A 159 0.60 3.53 14.22
N SER A 160 -0.07 3.67 15.36
CA SER A 160 -0.30 5.02 15.89
C SER A 160 0.99 5.72 16.27
N GLN A 161 1.99 4.95 16.68
CA GLN A 161 3.28 5.52 17.05
C GLN A 161 4.20 5.72 15.86
N GLY A 162 3.75 5.40 14.64
CA GLY A 162 4.48 5.71 13.43
C GLY A 162 5.18 4.54 12.76
N VAL A 163 5.02 3.32 13.24
CA VAL A 163 5.63 2.17 12.57
C VAL A 163 4.92 1.92 11.25
N ARG A 164 5.70 1.68 10.20
CA ARG A 164 5.15 1.48 8.86
CA ARG A 164 5.14 1.47 8.86
C ARG A 164 5.70 0.19 8.24
N LYS A 165 5.00 -0.28 7.20
CA LYS A 165 5.45 -1.42 6.42
C LYS A 165 6.93 -1.27 6.07
N GLY A 166 7.70 -2.33 6.34
CA GLY A 166 9.09 -2.35 6.01
C GLY A 166 10.02 -1.86 7.11
N ASP A 167 9.48 -1.23 8.16
CA ASP A 167 10.27 -0.86 9.33
C ASP A 167 10.62 -2.10 10.14
N THR A 168 11.80 -2.07 10.79
CA THR A 168 12.12 -3.15 11.73
C THR A 168 11.66 -2.75 13.12
N VAL A 169 11.29 -3.75 13.91
CA VAL A 169 10.85 -3.55 15.29
C VAL A 169 11.66 -4.49 16.17
N ALA A 170 12.34 -3.94 17.17
CA ALA A 170 13.12 -4.77 18.08
C ALA A 170 12.21 -5.37 19.14
N ILE A 171 12.35 -6.66 19.41
CA ILE A 171 11.54 -7.32 20.42
C ILE A 171 12.48 -7.94 21.45
N TYR A 172 12.31 -7.58 22.73
CA TYR A 172 13.16 -8.07 23.81
C TYR A 172 12.21 -8.59 24.89
N LEU A 173 11.68 -9.79 24.67
CA LEU A 173 10.62 -10.33 25.50
C LEU A 173 10.94 -11.74 25.97
N PRO A 174 10.45 -12.12 27.17
CA PRO A 174 10.57 -13.51 27.63
C PRO A 174 9.44 -14.33 27.04
N MET A 175 9.33 -15.59 27.47
CA MET A 175 8.33 -16.50 26.89
C MET A 175 6.99 -16.28 27.59
N ILE A 176 6.32 -15.23 27.14
CA ILE A 176 4.94 -14.95 27.53
C ILE A 176 4.12 -14.84 26.26
N PRO A 177 2.80 -15.00 26.35
CA PRO A 177 2.00 -14.96 25.11
C PRO A 177 2.08 -13.62 24.40
N GLU A 178 2.40 -12.54 25.14
CA GLU A 178 2.63 -11.24 24.51
C GLU A 178 3.79 -11.28 23.50
N ALA A 179 4.71 -12.24 23.63
CA ALA A 179 5.75 -12.37 22.61
C ALA A 179 5.13 -12.81 21.28
N ILE A 180 4.20 -13.76 21.31
CA ILE A 180 3.50 -14.14 20.09
C ILE A 180 2.68 -12.96 19.56
N PHE A 181 1.96 -12.25 20.45
CA PHE A 181 1.25 -11.05 19.99
C PHE A 181 2.18 -10.12 19.23
N ALA A 182 3.39 -9.93 19.76
CA ALA A 182 4.31 -8.96 19.18
C ALA A 182 4.81 -9.39 17.81
N LEU A 183 5.22 -10.65 17.67
CA LEU A 183 5.67 -11.10 16.35
C LEU A 183 4.56 -10.93 15.33
N LEU A 184 3.36 -11.39 15.67
CA LEU A 184 2.29 -11.41 14.69
C LEU A 184 1.72 -10.01 14.44
N ALA A 185 1.77 -9.12 15.44
CA ALA A 185 1.35 -7.75 15.17
C ALA A 185 2.32 -7.06 14.22
N CYS A 186 3.63 -7.31 14.36
CA CYS A 186 4.57 -6.81 13.36
C CYS A 186 4.22 -7.34 11.98
N ALA A 187 4.03 -8.65 11.86
CA ALA A 187 3.66 -9.23 10.57
C ALA A 187 2.36 -8.64 10.04
N ARG A 188 1.42 -8.29 10.94
CA ARG A 188 0.13 -7.80 10.48
C ARG A 188 0.25 -6.47 9.73
N ILE A 189 1.15 -5.59 10.17
CA ILE A 189 1.32 -4.31 9.49
C ILE A 189 2.49 -4.33 8.52
N GLY A 190 3.14 -5.47 8.34
CA GLY A 190 4.25 -5.57 7.42
C GLY A 190 5.54 -5.01 7.97
N ALA A 191 5.62 -4.80 9.28
CA ALA A 191 6.90 -4.49 9.90
C ALA A 191 7.69 -5.78 10.03
N ILE A 192 9.00 -5.63 10.21
CA ILE A 192 9.94 -6.74 10.19
C ILE A 192 10.41 -6.95 11.62
N HIS A 193 9.92 -7.99 12.29
CA HIS A 193 10.31 -8.16 13.68
C HIS A 193 11.74 -8.66 13.77
N SER A 194 12.44 -8.17 14.79
CA SER A 194 13.82 -8.55 15.05
C SER A 194 13.88 -8.90 16.53
N VAL A 195 13.71 -10.18 16.81
CA VAL A 195 13.61 -10.70 18.17
C VAL A 195 15.01 -10.87 18.73
N VAL A 196 15.25 -10.33 19.92
CA VAL A 196 16.53 -10.45 20.61
C VAL A 196 16.29 -11.26 21.88
N PHE A 197 16.94 -12.42 21.97
CA PHE A 197 16.80 -13.30 23.13
C PHE A 197 16.96 -12.51 24.42
N ALA A 198 16.01 -12.70 25.35
CA ALA A 198 15.99 -11.86 26.54
C ALA A 198 17.10 -12.21 27.54
N GLY A 199 17.97 -13.14 27.23
CA GLY A 199 19.19 -13.34 28.00
C GLY A 199 20.40 -12.58 27.50
N PHE A 200 20.26 -11.82 26.39
CA PHE A 200 21.37 -11.05 25.85
C PHE A 200 21.68 -9.84 26.72
N SER A 201 22.95 -9.44 26.73
CA SER A 201 23.40 -8.25 27.44
C SER A 201 22.91 -6.98 26.75
N SER A 202 23.09 -5.84 27.43
CA SER A 202 22.71 -4.56 26.85
CA SER A 202 22.70 -4.57 26.84
C SER A 202 23.52 -4.26 25.59
N ASP A 203 24.82 -4.58 25.61
CA ASP A 203 25.65 -4.38 24.42
C ASP A 203 25.11 -5.19 23.23
N SER A 204 24.70 -6.43 23.49
CA SER A 204 24.21 -7.28 22.40
C SER A 204 22.88 -6.77 21.85
N LEU A 205 21.97 -6.37 22.74
CA LEU A 205 20.72 -5.76 22.31
C LEU A 205 20.97 -4.47 21.52
N ARG A 206 21.86 -3.61 22.04
CA ARG A 206 22.19 -2.38 21.32
C ARG A 206 22.67 -2.68 19.91
N ASP A 207 23.62 -3.62 19.77
CA ASP A 207 24.23 -3.85 18.46
C ASP A 207 23.19 -4.31 17.45
N ARG A 208 22.24 -5.15 17.89
CA ARG A 208 21.22 -5.66 16.98
C ARG A 208 20.19 -4.59 16.64
N THR A 209 19.86 -3.76 17.62
CA THR A 209 18.93 -2.66 17.39
C THR A 209 19.52 -1.62 16.44
N LEU A 210 20.82 -1.33 16.58
CA LEU A 210 21.47 -0.41 15.66
C LEU A 210 21.53 -0.98 14.25
N ASP A 211 21.96 -2.23 14.11
CA ASP A 211 22.12 -2.79 12.78
C ASP A 211 20.78 -2.89 12.06
N ALA A 212 19.73 -3.30 12.78
CA ALA A 212 18.41 -3.37 12.18
C ALA A 212 17.80 -1.99 11.96
N ARG A 213 18.38 -0.93 12.55
CA ARG A 213 17.87 0.44 12.42
C ARG A 213 16.43 0.53 12.92
N SER A 214 16.12 -0.21 14.00
CA SER A 214 14.77 -0.18 14.55
C SER A 214 14.50 1.15 15.23
N LYS A 215 13.27 1.64 15.12
CA LYS A 215 12.85 2.87 15.78
C LYS A 215 11.87 2.61 16.91
N PHE A 216 11.50 1.36 17.14
CA PHE A 216 10.46 0.96 18.08
C PHE A 216 10.94 -0.33 18.73
N ILE A 217 10.79 -0.44 20.06
CA ILE A 217 11.19 -1.65 20.76
C ILE A 217 10.07 -2.05 21.71
N ILE A 218 9.88 -3.37 21.88
CA ILE A 218 8.87 -3.93 22.77
C ILE A 218 9.60 -4.76 23.83
N THR A 219 9.28 -4.54 25.11
CA THR A 219 9.93 -5.31 26.17
C THR A 219 8.98 -5.44 27.36
N THR A 220 9.50 -6.03 28.44
CA THR A 220 8.78 -6.17 29.72
C THR A 220 9.43 -5.27 30.76
N ASP A 221 8.69 -4.99 31.84
CA ASP A 221 9.33 -4.32 32.98
C ASP A 221 10.40 -5.22 33.58
N GLU A 222 10.06 -6.49 33.81
CA GLU A 222 10.98 -7.52 34.26
C GLU A 222 10.49 -8.86 33.72
N GLY A 223 11.40 -9.82 33.63
CA GLY A 223 10.99 -11.19 33.33
C GLY A 223 11.10 -12.05 34.58
N LYS A 224 10.39 -13.17 34.61
CA LYS A 224 10.47 -14.14 35.70
C LYS A 224 10.74 -15.50 35.08
N ARG A 225 11.81 -16.15 35.49
CA ARG A 225 12.14 -17.46 34.94
C ARG A 225 12.83 -18.29 36.01
N GLY A 226 12.25 -19.43 36.33
CA GLY A 226 12.79 -20.25 37.40
C GLY A 226 12.78 -19.54 38.74
N GLY A 227 11.80 -18.69 38.99
CA GLY A 227 11.73 -17.93 40.21
C GLY A 227 12.67 -16.74 40.29
N LYS A 228 13.49 -16.50 39.28
CA LYS A 228 14.48 -15.42 39.32
C LYS A 228 13.98 -14.24 38.50
N VAL A 229 14.28 -13.04 38.96
CA VAL A 229 13.86 -11.82 38.28
C VAL A 229 14.92 -11.43 37.26
N ILE A 230 14.48 -11.12 36.04
CA ILE A 230 15.35 -10.61 34.98
C ILE A 230 14.98 -9.15 34.75
N GLY A 231 15.93 -8.24 34.97
CA GLY A 231 15.66 -6.81 34.86
C GLY A 231 15.69 -6.29 33.44
N THR A 232 14.67 -6.64 32.64
CA THR A 232 14.70 -6.36 31.21
C THR A 232 14.65 -4.87 30.92
N LYS A 233 13.80 -4.11 31.63
CA LYS A 233 13.69 -2.68 31.35
C LYS A 233 15.01 -1.95 31.64
N LYS A 234 15.71 -2.35 32.71
CA LYS A 234 17.01 -1.73 33.00
C LYS A 234 18.02 -2.02 31.89
N ILE A 235 18.04 -3.25 31.38
CA ILE A 235 18.92 -3.61 30.28
C ILE A 235 18.57 -2.80 29.04
N VAL A 236 17.27 -2.71 28.72
CA VAL A 236 16.84 -1.93 27.57
C VAL A 236 17.24 -0.47 27.72
N ASP A 237 17.02 0.10 28.91
CA ASP A 237 17.40 1.49 29.13
C ASP A 237 18.87 1.71 28.81
N GLU A 238 19.74 0.79 29.25
CA GLU A 238 21.18 0.95 28.99
CA GLU A 238 21.17 0.99 28.98
C GLU A 238 21.47 0.87 27.49
N ALA A 239 20.84 -0.07 26.79
CA ALA A 239 21.04 -0.17 25.35
C ALA A 239 20.58 1.08 24.62
N LEU A 240 19.42 1.64 25.01
CA LEU A 240 18.82 2.71 24.25
C LEU A 240 19.57 4.03 24.39
N LYS A 241 20.42 4.17 25.41
CA LYS A 241 21.26 5.35 25.48
C LYS A 241 22.14 5.50 24.26
N GLN A 242 22.37 4.40 23.53
CA GLN A 242 23.20 4.38 22.34
C GLN A 242 22.40 4.01 21.09
N CYS A 243 21.07 4.02 21.18
CA CYS A 243 20.19 3.79 20.03
C CYS A 243 19.32 5.03 19.86
N PRO A 244 19.90 6.14 19.38
CA PRO A 244 19.16 7.41 19.35
C PRO A 244 17.94 7.39 18.45
N ASP A 245 17.87 6.46 17.51
CA ASP A 245 16.75 6.39 16.58
C ASP A 245 15.52 5.71 17.18
N VAL A 246 15.62 5.09 18.35
CA VAL A 246 14.48 4.44 18.98
C VAL A 246 13.67 5.53 19.68
N THR A 247 12.48 5.82 19.18
CA THR A 247 11.67 6.89 19.73
C THR A 247 10.50 6.42 20.58
N ASN A 248 10.20 5.12 20.58
CA ASN A 248 9.21 4.59 21.52
C ASN A 248 9.63 3.22 22.01
N CYS A 249 9.33 2.97 23.27
CA CYS A 249 9.63 1.70 23.93
C CYS A 249 8.36 1.27 24.62
N LEU A 250 7.74 0.20 24.12
CA LEU A 250 6.48 -0.30 24.66
C LEU A 250 6.78 -1.35 25.73
N VAL A 251 6.28 -1.13 26.93
CA VAL A 251 6.66 -1.94 28.08
C VAL A 251 5.43 -2.70 28.54
N PHE A 252 5.52 -4.03 28.54
CA PHE A 252 4.49 -4.87 29.15
C PHE A 252 4.75 -5.04 30.64
N LYS A 253 3.71 -4.82 31.45
CA LYS A 253 3.84 -4.92 32.90
C LYS A 253 3.69 -6.38 33.30
N ARG A 254 4.82 -7.08 33.36
CA ARG A 254 4.85 -8.49 33.76
C ARG A 254 4.89 -8.68 35.27
N THR A 255 5.72 -7.92 35.99
CA THR A 255 5.81 -8.04 37.44
C THR A 255 5.22 -6.88 38.21
N GLY A 256 5.10 -5.70 37.61
CA GLY A 256 4.63 -4.55 38.37
C GLY A 256 5.69 -3.89 39.23
N ALA A 257 6.94 -4.30 39.11
CA ALA A 257 8.00 -3.69 39.90
C ALA A 257 8.23 -2.25 39.45
N ASP A 258 8.66 -1.40 40.39
CA ASP A 258 9.08 -0.06 40.03
C ASP A 258 10.30 -0.16 39.11
N VAL A 259 10.18 0.36 37.91
CA VAL A 259 11.30 0.38 36.96
C VAL A 259 11.51 1.80 36.50
N PRO A 260 12.73 2.15 36.08
CA PRO A 260 12.98 3.48 35.52
C PRO A 260 12.05 3.74 34.34
N TRP A 261 11.63 5.00 34.20
CA TRP A 261 10.66 5.34 33.18
C TRP A 261 11.07 6.64 32.49
N THR A 262 11.04 6.63 31.16
CA THR A 262 11.40 7.78 30.33
C THR A 262 10.13 8.37 29.73
N LYS A 263 9.66 9.48 30.31
CA LYS A 263 8.49 10.16 29.77
C LYS A 263 8.78 10.59 28.33
N GLY A 264 7.79 10.45 27.46
CA GLY A 264 7.94 10.82 26.07
C GLY A 264 8.52 9.73 25.18
N ARG A 265 9.01 8.64 25.76
CA ARG A 265 9.53 7.53 24.98
C ARG A 265 8.86 6.24 25.40
N ASP A 266 8.77 6.01 26.71
CA ASP A 266 8.21 4.76 27.21
C ASP A 266 6.69 4.84 27.26
N LEU A 267 6.04 3.72 26.94
CA LEU A 267 4.59 3.58 26.95
C LEU A 267 4.23 2.24 27.60
N TRP A 268 3.11 2.21 28.32
CA TRP A 268 2.65 0.97 28.94
C TRP A 268 1.76 0.22 27.96
N TRP A 269 2.13 -1.04 27.68
CA TRP A 269 1.32 -1.89 26.81
C TRP A 269 -0.17 -1.82 27.17
N HIS A 270 -0.49 -2.05 28.45
CA HIS A 270 -1.90 -2.14 28.85
C HIS A 270 -2.60 -0.80 28.68
N GLU A 271 -1.91 0.31 28.93
CA GLU A 271 -2.54 1.61 28.74
C GLU A 271 -2.80 1.90 27.26
N GLU A 272 -1.84 1.57 26.40
CA GLU A 272 -1.98 1.91 24.99
C GLU A 272 -3.03 1.04 24.29
N VAL A 273 -3.05 -0.28 24.55
CA VAL A 273 -3.95 -1.13 23.77
C VAL A 273 -5.40 -0.83 24.12
N ASP A 274 -5.67 -0.34 25.33
CA ASP A 274 -7.05 -0.03 25.69
C ASP A 274 -7.61 1.12 24.86
N LYS A 275 -6.76 1.90 24.23
CA LYS A 275 -7.21 3.02 23.40
C LYS A 275 -7.77 2.57 22.05
N TYR A 276 -7.41 1.40 21.54
CA TYR A 276 -7.54 1.10 20.14
C TYR A 276 -8.53 -0.02 19.88
N PRO A 277 -9.07 -0.11 18.66
CA PRO A 277 -10.05 -1.16 18.35
C PRO A 277 -9.46 -2.56 18.48
N ASN A 278 -10.36 -3.54 18.56
CA ASN A 278 -10.02 -4.95 18.72
C ASN A 278 -9.86 -5.66 17.39
N TYR A 279 -9.90 -4.92 16.27
CA TYR A 279 -9.63 -5.46 14.95
C TYR A 279 -8.87 -4.40 14.16
N LEU A 280 -7.94 -4.85 13.34
CA LEU A 280 -7.19 -4.01 12.43
C LEU A 280 -7.05 -4.78 11.11
N PRO A 281 -7.20 -4.12 9.97
CA PRO A 281 -6.89 -4.79 8.70
C PRO A 281 -5.47 -5.33 8.67
N ALA A 282 -5.27 -6.37 7.87
CA ALA A 282 -3.93 -6.92 7.64
C ALA A 282 -3.31 -6.29 6.39
N GLU A 283 -2.04 -5.90 6.50
CA GLU A 283 -1.35 -5.28 5.37
C GLU A 283 -1.09 -6.33 4.28
N SER A 284 -1.37 -5.97 3.03
CA SER A 284 -1.12 -6.89 1.91
C SER A 284 0.38 -6.96 1.61
N MET A 285 0.99 -8.13 1.80
CA MET A 285 2.42 -8.29 1.60
C MET A 285 2.73 -9.12 0.36
N ASP A 286 3.84 -8.79 -0.29
CA ASP A 286 4.39 -9.64 -1.34
C ASP A 286 4.95 -10.92 -0.73
N SER A 287 4.87 -12.03 -1.50
CA SER A 287 5.53 -13.26 -1.09
C SER A 287 6.97 -13.03 -0.63
N GLU A 288 7.68 -12.09 -1.25
CA GLU A 288 9.10 -11.86 -0.98
C GLU A 288 9.35 -10.60 -0.16
N ASP A 289 8.33 -10.02 0.44
CA ASP A 289 8.58 -9.00 1.45
C ASP A 289 9.25 -9.64 2.66
N PRO A 290 10.15 -8.91 3.31
CA PRO A 290 10.79 -9.48 4.51
C PRO A 290 9.75 -9.69 5.61
N LEU A 291 9.85 -10.83 6.27
CA LEU A 291 9.04 -11.15 7.44
C LEU A 291 9.78 -10.89 8.74
N PHE A 292 11.02 -11.36 8.87
CA PHE A 292 11.75 -11.08 10.09
C PHE A 292 13.25 -11.15 9.84
N LEU A 293 13.98 -10.57 10.78
CA LEU A 293 15.43 -10.71 10.94
C LEU A 293 15.69 -11.49 12.21
N LEU A 294 16.67 -12.38 12.17
CA LEU A 294 17.09 -13.09 13.38
C LEU A 294 18.61 -13.06 13.42
N TYR A 295 19.17 -12.27 14.34
CA TYR A 295 20.63 -12.15 14.41
C TYR A 295 21.23 -13.46 14.88
N THR A 296 22.23 -13.95 14.13
CA THR A 296 22.81 -15.27 14.29
CA THR A 296 22.83 -15.25 14.41
C THR A 296 24.33 -15.16 14.26
N SER A 297 25.01 -15.97 15.08
CA SER A 297 26.46 -15.95 15.12
C SER A 297 27.06 -16.79 14.00
N GLY A 298 28.09 -16.25 13.36
CA GLY A 298 28.79 -16.92 12.28
C GLY A 298 30.26 -17.13 12.61
N SER A 299 30.94 -17.79 11.68
CA SER A 299 32.34 -18.15 11.91
C SER A 299 33.23 -16.92 11.98
N THR A 300 32.90 -15.89 11.23
CA THR A 300 33.65 -14.64 11.26
C THR A 300 32.68 -13.49 11.46
N GLY A 301 33.15 -12.47 12.17
CA GLY A 301 32.43 -11.21 12.24
C GLY A 301 31.34 -11.17 13.29
N LYS A 302 30.76 -9.96 13.40
CA LYS A 302 29.62 -9.69 14.26
C LYS A 302 28.45 -10.60 13.87
N PRO A 303 27.48 -10.80 14.76
CA PRO A 303 26.27 -11.52 14.37
C PRO A 303 25.62 -10.92 13.11
N LYS A 304 25.10 -11.80 12.27
CA LYS A 304 24.46 -11.46 11.01
C LYS A 304 22.94 -11.48 11.20
N GLY A 305 22.26 -10.46 10.66
CA GLY A 305 20.81 -10.47 10.64
C GLY A 305 20.28 -11.33 9.52
N VAL A 306 20.01 -12.60 9.80
CA VAL A 306 19.51 -13.54 8.80
C VAL A 306 18.07 -13.17 8.48
N MET A 307 17.78 -12.87 7.20
CA MET A 307 16.47 -12.38 6.79
CA MET A 307 16.47 -12.38 6.80
C MET A 307 15.65 -13.51 6.17
N HIS A 308 14.43 -13.69 6.65
CA HIS A 308 13.47 -14.58 6.03
C HIS A 308 12.35 -13.73 5.42
N THR A 309 11.91 -14.11 4.22
CA THR A 309 10.78 -13.40 3.62
C THR A 309 9.50 -14.16 3.99
N THR A 310 8.42 -13.98 3.24
CA THR A 310 7.11 -14.29 3.80
C THR A 310 6.56 -15.64 3.29
N ALA A 311 6.25 -15.76 2.01
CA ALA A 311 5.51 -16.95 1.57
C ALA A 311 6.35 -18.23 1.72
N GLY A 312 7.58 -18.23 1.22
CA GLY A 312 8.39 -19.44 1.28
C GLY A 312 8.65 -19.89 2.70
N TYR A 313 8.94 -18.93 3.60
CA TYR A 313 9.15 -19.28 5.00
C TYR A 313 7.89 -19.92 5.59
N LEU A 314 6.71 -19.32 5.35
CA LEU A 314 5.49 -19.88 5.92
C LEU A 314 5.17 -21.25 5.33
N VAL A 315 5.43 -21.44 4.03
CA VAL A 315 5.17 -22.73 3.40
C VAL A 315 6.04 -23.81 4.05
N GLY A 316 7.33 -23.50 4.23
CA GLY A 316 8.20 -24.46 4.89
C GLY A 316 7.79 -24.74 6.33
N ALA A 317 7.38 -23.69 7.06
CA ALA A 317 6.95 -23.90 8.44
C ALA A 317 5.71 -24.80 8.51
N ALA A 318 4.70 -24.49 7.71
CA ALA A 318 3.49 -25.31 7.70
C ALA A 318 3.78 -26.71 7.18
N ALA A 319 4.56 -26.82 6.10
CA ALA A 319 4.84 -28.14 5.55
C ALA A 319 5.55 -29.03 6.54
N THR A 320 6.56 -28.50 7.25
CA THR A 320 7.28 -29.34 8.22
C THR A 320 6.43 -29.57 9.47
N GLY A 321 5.69 -28.57 9.93
CA GLY A 321 4.80 -28.84 11.04
C GLY A 321 3.85 -29.98 10.75
N LYS A 322 3.32 -30.01 9.53
CA LYS A 322 2.34 -31.03 9.16
C LYS A 322 3.00 -32.40 9.03
N TYR A 323 4.02 -32.50 8.18
CA TYR A 323 4.59 -33.80 7.79
C TYR A 323 5.69 -34.29 8.73
N VAL A 324 6.45 -33.38 9.36
CA VAL A 324 7.46 -33.84 10.31
C VAL A 324 6.83 -34.10 11.67
N PHE A 325 6.08 -33.15 12.20
CA PHE A 325 5.52 -33.29 13.54
C PHE A 325 4.12 -33.87 13.56
N ASP A 326 3.57 -34.27 12.41
CA ASP A 326 2.27 -34.92 12.36
C ASP A 326 1.20 -34.05 13.03
N ILE A 327 1.22 -32.75 12.73
CA ILE A 327 0.30 -31.83 13.38
C ILE A 327 -1.07 -31.88 12.69
N HIS A 328 -2.10 -32.03 13.50
CA HIS A 328 -3.49 -31.89 13.08
C HIS A 328 -4.15 -30.77 13.89
N PRO A 329 -5.24 -30.19 13.41
CA PRO A 329 -5.78 -29.00 14.09
C PRO A 329 -6.10 -29.21 15.55
N ALA A 330 -6.52 -30.40 15.97
CA ALA A 330 -6.89 -30.58 17.38
C ALA A 330 -5.67 -30.73 18.30
N ASP A 331 -4.46 -30.80 17.76
CA ASP A 331 -3.29 -31.12 18.55
C ASP A 331 -2.92 -29.98 19.50
N ARG A 332 -2.12 -30.33 20.50
CA ARG A 332 -1.56 -29.38 21.48
C ARG A 332 -0.05 -29.50 21.40
N PHE A 333 0.58 -28.58 20.69
CA PHE A 333 2.00 -28.66 20.35
C PHE A 333 2.83 -27.88 21.35
N PHE A 334 3.91 -28.47 21.84
CA PHE A 334 4.74 -27.84 22.89
C PHE A 334 6.21 -27.91 22.46
N CYS A 335 6.73 -26.77 22.01
CA CYS A 335 8.16 -26.63 21.80
C CYS A 335 8.79 -25.94 23.01
N GLY A 336 9.85 -26.54 23.55
CA GLY A 336 10.55 -25.95 24.68
C GLY A 336 11.57 -24.89 24.32
N GLY A 337 11.71 -24.53 23.04
CA GLY A 337 12.68 -23.53 22.65
C GLY A 337 12.19 -22.12 22.95
N ASP A 338 13.13 -21.18 22.91
CA ASP A 338 12.81 -19.78 23.22
C ASP A 338 12.51 -19.02 21.94
N VAL A 339 11.60 -18.06 22.04
CA VAL A 339 11.28 -17.22 20.89
C VAL A 339 12.50 -16.47 20.39
N GLY A 340 13.52 -16.29 21.23
CA GLY A 340 14.75 -15.65 20.81
C GLY A 340 15.55 -16.43 19.78
N TRP A 341 15.20 -17.68 19.51
CA TRP A 341 15.94 -18.50 18.56
C TRP A 341 15.01 -19.00 17.46
N ILE A 342 15.62 -19.53 16.38
CA ILE A 342 14.81 -19.95 15.24
C ILE A 342 13.84 -21.06 15.62
N THR A 343 14.20 -21.92 16.58
CA THR A 343 13.28 -22.99 16.97
C THR A 343 11.96 -22.41 17.49
N GLY A 344 12.06 -21.35 18.30
CA GLY A 344 10.87 -20.72 18.81
C GLY A 344 10.11 -19.96 17.73
N HIS A 345 10.85 -19.30 16.83
CA HIS A 345 10.19 -18.66 15.68
C HIS A 345 9.33 -19.66 14.93
N THR A 346 9.94 -20.73 14.46
CA THR A 346 9.24 -21.59 13.51
C THR A 346 8.27 -22.54 14.19
N TYR A 347 8.58 -23.02 15.40
CA TYR A 347 7.76 -24.10 15.96
C TYR A 347 7.03 -23.75 17.26
N VAL A 348 7.40 -22.69 17.97
CA VAL A 348 6.47 -22.17 18.98
C VAL A 348 5.40 -21.32 18.30
N VAL A 349 5.80 -20.51 17.30
CA VAL A 349 4.89 -19.51 16.76
C VAL A 349 4.32 -19.94 15.40
N TYR A 350 5.14 -19.95 14.34
CA TYR A 350 4.56 -19.91 13.01
C TYR A 350 3.92 -21.24 12.61
N ALA A 351 4.65 -22.37 12.73
CA ALA A 351 4.10 -23.63 12.25
C ALA A 351 2.78 -24.02 12.92
N PRO A 352 2.68 -24.11 14.26
CA PRO A 352 1.40 -24.57 14.83
C PRO A 352 0.25 -23.62 14.56
N LEU A 353 0.50 -22.30 14.62
CA LEU A 353 -0.59 -21.36 14.36
C LEU A 353 -1.01 -21.37 12.88
N LEU A 354 -0.05 -21.47 11.95
CA LEU A 354 -0.43 -21.64 10.54
C LEU A 354 -1.35 -22.82 10.35
N LEU A 355 -1.07 -23.93 11.05
CA LEU A 355 -1.85 -25.15 10.89
C LEU A 355 -3.12 -25.14 11.74
N GLY A 356 -3.31 -24.11 12.56
CA GLY A 356 -4.54 -23.96 13.31
C GLY A 356 -4.66 -24.81 14.55
N CYS A 357 -3.55 -25.30 15.11
CA CYS A 357 -3.67 -26.08 16.33
C CYS A 357 -3.40 -25.20 17.55
N THR A 358 -3.12 -25.82 18.70
CA THR A 358 -2.80 -25.09 19.93
C THR A 358 -1.30 -25.15 20.15
N THR A 359 -0.69 -24.04 20.56
CA THR A 359 0.74 -24.05 20.87
C THR A 359 0.96 -23.61 22.31
N VAL A 360 1.96 -24.20 22.97
CA VAL A 360 2.25 -23.93 24.38
C VAL A 360 3.38 -22.92 24.47
N VAL A 361 3.15 -21.85 25.24
CA VAL A 361 4.18 -20.85 25.55
C VAL A 361 4.57 -21.07 27.00
N PHE A 362 5.82 -21.52 27.23
CA PHE A 362 6.29 -21.99 28.52
C PHE A 362 7.30 -20.97 29.06
N GLU A 363 6.94 -20.32 30.16
CA GLU A 363 7.77 -19.25 30.73
C GLU A 363 8.87 -19.77 31.65
N SER A 364 8.80 -21.02 32.09
CA SER A 364 9.68 -21.43 33.17
C SER A 364 10.88 -22.21 32.62
N THR A 365 11.56 -22.96 33.48
CA THR A 365 12.63 -23.87 33.15
C THR A 365 12.16 -25.30 33.41
N PRO A 366 12.84 -26.29 32.84
CA PRO A 366 12.48 -27.69 33.14
C PRO A 366 12.79 -28.12 34.56
N ALA A 367 13.40 -27.26 35.37
CA ALA A 367 13.78 -27.62 36.75
C ALA A 367 13.01 -26.85 37.80
N TYR A 368 12.05 -26.00 37.41
CA TYR A 368 11.35 -25.16 38.36
C TYR A 368 9.87 -25.45 38.35
N PRO A 369 9.23 -25.68 39.51
CA PRO A 369 9.82 -25.71 40.86
C PRO A 369 10.66 -26.94 41.12
N ASN A 370 10.54 -27.95 40.26
CA ASN A 370 11.29 -29.18 40.41
C ASN A 370 11.48 -29.80 39.04
N PHE A 371 12.21 -30.92 39.00
CA PHE A 371 12.56 -31.53 37.72
C PHE A 371 11.39 -32.23 37.04
N SER A 372 10.20 -32.25 37.63
CA SER A 372 9.02 -32.81 36.98
C SER A 372 8.33 -31.83 36.03
N ARG A 373 8.81 -30.59 35.90
CA ARG A 373 7.97 -29.52 35.34
C ARG A 373 7.52 -29.82 33.90
N TYR A 374 8.44 -30.24 33.03
CA TYR A 374 8.03 -30.52 31.65
C TYR A 374 6.85 -31.49 31.61
N TRP A 375 6.94 -32.54 32.41
CA TRP A 375 5.91 -33.59 32.37
C TRP A 375 4.63 -33.13 33.06
N ASP A 376 4.76 -32.34 34.13
CA ASP A 376 3.59 -31.67 34.72
C ASP A 376 2.82 -30.89 33.67
N VAL A 377 3.55 -30.16 32.82
CA VAL A 377 2.90 -29.31 31.81
C VAL A 377 2.26 -30.17 30.73
N ILE A 378 3.01 -31.17 30.24
CA ILE A 378 2.49 -32.05 29.20
C ILE A 378 1.25 -32.79 29.69
N GLU A 379 1.26 -33.24 30.95
CA GLU A 379 0.13 -33.98 31.47
C GLU A 379 -1.08 -33.07 31.69
N LYS A 380 -0.85 -31.87 32.23
CA LYS A 380 -1.98 -30.98 32.51
C LYS A 380 -2.69 -30.59 31.22
N HIS A 381 -1.94 -30.25 30.19
CA HIS A 381 -2.51 -29.71 28.95
C HIS A 381 -2.71 -30.77 27.87
N LYS A 382 -2.43 -32.05 28.17
CA LYS A 382 -2.69 -33.14 27.24
C LYS A 382 -1.91 -32.92 25.94
N VAL A 383 -0.64 -32.58 26.08
CA VAL A 383 0.20 -32.25 24.94
C VAL A 383 0.40 -33.48 24.07
N THR A 384 0.35 -33.29 22.75
CA THR A 384 0.47 -34.36 21.77
C THR A 384 1.84 -34.45 21.12
N GLN A 385 2.58 -33.34 21.03
CA GLN A 385 3.94 -33.33 20.49
C GLN A 385 4.79 -32.46 21.39
N PHE A 386 6.00 -32.92 21.69
CA PHE A 386 6.95 -32.19 22.52
C PHE A 386 8.26 -32.11 21.76
N TYR A 387 8.92 -30.94 21.85
CA TYR A 387 10.09 -30.62 21.03
C TYR A 387 11.15 -30.04 21.95
N VAL A 388 12.26 -30.77 22.14
CA VAL A 388 13.21 -30.51 23.22
C VAL A 388 14.64 -30.52 22.68
N ALA A 389 15.58 -29.85 23.44
CA ALA A 389 16.98 -30.01 23.09
C ALA A 389 17.63 -31.11 23.93
N PRO A 390 18.59 -31.87 23.37
CA PRO A 390 19.22 -32.94 24.16
C PRO A 390 19.90 -32.44 25.42
N THR A 391 20.33 -31.18 25.46
CA THR A 391 20.92 -30.64 26.68
C THR A 391 19.92 -30.71 27.83
N ALA A 392 18.66 -30.36 27.56
CA ALA A 392 17.64 -30.46 28.60
C ALA A 392 17.40 -31.91 28.98
N LEU A 393 17.39 -32.83 28.01
CA LEU A 393 17.19 -34.24 28.34
C LEU A 393 18.31 -34.77 29.22
N ARG A 394 19.56 -34.41 28.91
CA ARG A 394 20.67 -34.91 29.72
C ARG A 394 20.57 -34.42 31.16
N LEU A 395 20.19 -33.16 31.35
CA LEU A 395 20.00 -32.62 32.69
CA LEU A 395 20.03 -32.65 32.70
C LEU A 395 18.93 -33.39 33.44
N LEU A 396 17.80 -33.65 32.77
CA LEU A 396 16.71 -34.37 33.42
C LEU A 396 17.06 -35.82 33.66
N LYS A 397 17.70 -36.48 32.70
CA LYS A 397 18.09 -37.87 32.91
C LYS A 397 19.03 -37.98 34.11
N ARG A 398 19.95 -37.03 34.25
CA ARG A 398 20.84 -37.05 35.40
C ARG A 398 20.08 -36.86 36.71
N ALA A 399 18.99 -36.10 36.69
CA ALA A 399 18.24 -35.84 37.93
C ALA A 399 17.55 -37.10 38.45
N GLY A 400 17.18 -38.02 37.56
CA GLY A 400 16.65 -39.30 38.01
C GLY A 400 15.23 -39.58 37.55
N ASP A 401 14.91 -40.86 37.31
CA ASP A 401 13.62 -41.21 36.71
C ASP A 401 12.44 -41.01 37.66
N HIS A 402 12.69 -40.87 38.96
CA HIS A 402 11.57 -40.66 39.87
C HIS A 402 10.89 -39.32 39.67
N HIS A 403 11.50 -38.39 38.93
CA HIS A 403 10.83 -37.15 38.60
C HIS A 403 9.83 -37.31 37.45
N ILE A 404 9.85 -38.44 36.76
CA ILE A 404 8.98 -38.71 35.61
C ILE A 404 8.05 -39.83 36.03
N ASN A 405 6.77 -39.50 36.16
CA ASN A 405 5.75 -40.45 36.57
C ASN A 405 4.40 -39.85 36.19
N HIS A 406 4.18 -39.72 34.89
CA HIS A 406 3.10 -38.91 34.34
C HIS A 406 2.46 -39.71 33.21
N GLU A 407 1.13 -39.82 33.22
CA GLU A 407 0.47 -40.64 32.20
C GLU A 407 0.79 -40.14 30.80
N MET A 408 0.60 -38.85 30.56
CA MET A 408 0.87 -38.22 29.25
C MET A 408 0.33 -39.10 28.12
N LYS A 409 -0.97 -39.39 28.22
CA LYS A 409 -1.62 -40.35 27.32
C LYS A 409 -1.58 -39.91 25.86
N ASP A 410 -1.63 -38.61 25.60
CA ASP A 410 -1.72 -38.09 24.25
C ASP A 410 -0.37 -37.82 23.59
N LEU A 411 0.74 -38.01 24.32
CA LEU A 411 2.05 -37.64 23.82
C LEU A 411 2.51 -38.69 22.81
N ARG A 412 2.52 -38.33 21.52
CA ARG A 412 2.87 -39.29 20.49
C ARG A 412 4.06 -38.91 19.61
N ILE A 413 4.52 -37.66 19.64
CA ILE A 413 5.73 -37.24 18.91
C ILE A 413 6.71 -36.64 19.91
N LEU A 414 7.95 -37.11 19.87
CA LEU A 414 9.03 -36.57 20.71
C LEU A 414 10.14 -36.05 19.79
N GLY A 415 10.11 -34.74 19.54
CA GLY A 415 11.13 -34.12 18.72
C GLY A 415 12.38 -33.74 19.51
N SER A 416 13.49 -33.70 18.79
CA SER A 416 14.77 -33.31 19.37
C SER A 416 15.51 -32.43 18.37
N VAL A 417 16.21 -31.39 18.84
CA VAL A 417 16.89 -30.46 17.94
C VAL A 417 18.16 -29.92 18.59
N GLY A 418 19.18 -29.66 17.78
CA GLY A 418 20.36 -28.89 18.16
C GLY A 418 21.66 -29.67 18.11
N GLU A 419 21.58 -30.98 18.33
CA GLU A 419 22.72 -31.89 18.27
C GLU A 419 22.14 -33.29 18.14
N PRO A 420 22.95 -34.28 17.77
CA PRO A 420 22.38 -35.63 17.62
C PRO A 420 21.93 -36.14 18.99
N ILE A 421 20.74 -36.70 19.06
CA ILE A 421 20.33 -37.32 20.32
C ILE A 421 20.94 -38.72 20.33
N ALA A 422 22.00 -38.89 21.12
CA ALA A 422 22.86 -40.06 21.17
C ALA A 422 22.19 -41.23 21.88
N ALA A 423 22.74 -42.42 21.63
CA ALA A 423 22.05 -43.68 21.92
C ALA A 423 21.49 -43.73 23.34
N GLU A 424 22.32 -43.47 24.34
CA GLU A 424 21.86 -43.52 25.73
C GLU A 424 20.72 -42.55 25.99
N VAL A 425 20.83 -41.31 25.48
CA VAL A 425 19.78 -40.32 25.66
C VAL A 425 18.56 -40.69 24.82
N TRP A 426 18.82 -41.16 23.59
CA TRP A 426 17.73 -41.61 22.72
C TRP A 426 16.90 -42.70 23.40
N LYS A 427 17.57 -43.72 23.96
CA LYS A 427 16.85 -44.82 24.60
C LYS A 427 16.00 -44.31 25.78
N TRP A 428 16.58 -43.45 26.62
CA TRP A 428 15.85 -42.85 27.73
C TRP A 428 14.62 -42.09 27.24
N TYR A 429 14.80 -41.24 26.22
CA TYR A 429 13.68 -40.48 25.65
C TYR A 429 12.60 -41.42 25.13
N HIS A 430 13.01 -42.50 24.46
CA HIS A 430 12.06 -43.44 23.85
C HIS A 430 11.32 -44.24 24.91
N GLU A 431 12.04 -44.77 25.91
CA GLU A 431 11.47 -45.73 26.84
C GLU A 431 10.93 -45.09 28.12
N VAL A 432 11.69 -44.20 28.75
CA VAL A 432 11.22 -43.60 30.00
C VAL A 432 10.24 -42.48 29.73
N VAL A 433 10.60 -41.52 28.86
CA VAL A 433 9.71 -40.40 28.59
C VAL A 433 8.53 -40.85 27.72
N GLY A 434 8.82 -41.52 26.61
CA GLY A 434 7.77 -41.89 25.67
C GLY A 434 7.03 -43.17 25.95
N LYS A 435 7.48 -43.97 26.91
CA LYS A 435 6.85 -45.26 27.24
C LYS A 435 6.77 -46.19 26.03
N ARG A 436 7.70 -46.02 25.08
CA ARG A 436 7.71 -46.75 23.80
C ARG A 436 6.43 -46.55 23.00
N GLN A 437 5.70 -45.48 23.25
CA GLN A 437 4.48 -45.19 22.52
C GLN A 437 4.61 -44.03 21.56
N ALA A 438 5.71 -43.29 21.63
CA ALA A 438 5.92 -42.10 20.83
C ALA A 438 7.05 -42.31 19.84
N HIS A 439 7.01 -41.55 18.76
CA HIS A 439 8.03 -41.58 17.72
C HIS A 439 9.01 -40.44 17.97
N ILE A 440 10.30 -40.78 18.12
CA ILE A 440 11.34 -39.78 18.34
C ILE A 440 11.81 -39.26 16.99
N VAL A 441 11.80 -37.95 16.83
CA VAL A 441 12.08 -37.30 15.56
C VAL A 441 13.26 -36.35 15.79
N ASP A 442 14.45 -36.74 15.35
CA ASP A 442 15.65 -35.93 15.47
C ASP A 442 15.75 -35.00 14.25
N THR A 443 15.46 -33.71 14.46
CA THR A 443 15.35 -32.77 13.34
C THR A 443 16.65 -31.98 13.19
N TYR A 444 17.30 -32.13 12.04
CA TYR A 444 18.47 -31.32 11.71
C TYR A 444 18.04 -30.12 10.86
N TRP A 445 18.50 -28.92 11.26
CA TRP A 445 18.30 -27.69 10.48
C TRP A 445 19.09 -26.57 11.14
N GLN A 446 18.88 -25.34 10.68
CA GLN A 446 19.63 -24.20 11.20
C GLN A 446 18.83 -22.95 10.90
N THR A 447 19.22 -21.85 11.55
CA THR A 447 18.51 -20.58 11.38
C THR A 447 18.30 -20.27 9.90
N GLU A 448 19.33 -20.49 9.09
CA GLU A 448 19.32 -20.13 7.68
C GLU A 448 18.37 -20.99 6.84
N THR A 449 17.98 -22.18 7.32
CA THR A 449 17.10 -23.01 6.48
C THR A 449 15.63 -22.80 6.78
N GLY A 450 15.29 -22.07 7.83
CA GLY A 450 13.92 -21.68 8.10
C GLY A 450 13.08 -22.74 8.78
N SER A 451 13.27 -23.99 8.37
CA SER A 451 12.50 -25.12 8.85
C SER A 451 13.35 -26.37 8.69
N HIS A 452 12.85 -27.51 9.22
CA HIS A 452 13.57 -28.78 9.16
C HIS A 452 14.04 -29.10 7.75
N VAL A 453 15.25 -29.66 7.62
CA VAL A 453 15.73 -30.03 6.28
C VAL A 453 16.16 -31.49 6.18
N ILE A 454 16.68 -32.08 7.26
CA ILE A 454 16.93 -33.52 7.32
C ILE A 454 16.34 -34.04 8.62
N THR A 455 15.40 -34.97 8.51
CA THR A 455 14.60 -35.36 9.67
C THR A 455 13.74 -36.57 9.30
N PRO A 456 13.44 -37.44 10.25
CA PRO A 456 12.35 -38.40 10.03
C PRO A 456 11.02 -37.66 9.99
N LEU A 457 10.04 -38.28 9.34
CA LEU A 457 8.67 -37.78 9.36
C LEU A 457 7.90 -38.54 10.43
N GLY A 458 7.26 -37.78 11.33
CA GLY A 458 6.61 -38.37 12.48
C GLY A 458 5.55 -39.38 12.09
N GLY A 459 5.64 -40.58 12.65
CA GLY A 459 4.71 -41.65 12.34
C GLY A 459 5.00 -42.39 11.05
N ILE A 460 6.07 -42.02 10.34
CA ILE A 460 6.33 -42.59 9.01
C ILE A 460 7.72 -43.21 8.94
N THR A 461 8.74 -42.41 9.23
CA THR A 461 10.10 -42.82 8.87
C THR A 461 10.72 -43.73 9.94
N PRO A 462 11.26 -44.88 9.56
CA PRO A 462 12.08 -45.64 10.52
C PRO A 462 13.32 -44.85 10.90
N THR A 463 13.76 -45.01 12.14
CA THR A 463 14.80 -44.14 12.68
C THR A 463 16.01 -44.95 13.16
N LYS A 464 17.14 -44.26 13.26
CA LYS A 464 18.35 -44.79 13.85
C LYS A 464 18.80 -43.87 14.98
N PRO A 465 19.09 -44.40 16.17
CA PRO A 465 19.58 -43.52 17.25
C PRO A 465 20.85 -42.80 16.82
N GLY A 466 20.82 -41.47 16.91
CA GLY A 466 21.95 -40.65 16.56
C GLY A 466 21.97 -40.15 15.12
N SER A 467 21.00 -40.55 14.31
CA SER A 467 20.92 -40.15 12.91
C SER A 467 19.73 -39.22 12.71
N ALA A 468 19.90 -38.22 11.84
CA ALA A 468 18.78 -37.38 11.44
C ALA A 468 17.91 -38.03 10.36
N SER A 469 18.28 -39.22 9.89
N SER A 469 18.31 -39.21 9.89
CA SER A 469 17.54 -39.98 8.89
CA SER A 469 17.63 -40.00 8.85
C SER A 469 17.64 -39.39 7.49
C SER A 469 17.67 -39.34 7.48
N LEU A 470 16.52 -38.92 6.94
CA LEU A 470 16.38 -38.63 5.53
C LEU A 470 15.95 -37.19 5.23
N PRO A 471 16.26 -36.68 4.04
CA PRO A 471 15.95 -35.27 3.74
C PRO A 471 14.45 -35.02 3.72
N PHE A 472 14.08 -33.82 4.13
CA PHE A 472 12.71 -33.37 3.96
C PHE A 472 12.44 -33.10 2.49
N PHE A 473 11.15 -32.99 2.14
CA PHE A 473 10.74 -32.61 0.80
C PHE A 473 11.50 -31.38 0.34
N GLY A 474 11.97 -31.42 -0.91
CA GLY A 474 12.63 -30.28 -1.53
C GLY A 474 14.08 -30.09 -1.14
N ILE A 475 14.62 -30.94 -0.27
CA ILE A 475 16.00 -30.87 0.18
C ILE A 475 16.78 -31.98 -0.52
N ASP A 476 17.81 -31.59 -1.28
CA ASP A 476 18.63 -32.51 -2.06
C ASP A 476 20.04 -32.44 -1.50
N PRO A 477 20.36 -33.23 -0.47
CA PRO A 477 21.69 -33.14 0.15
C PRO A 477 22.75 -33.81 -0.68
N VAL A 478 23.95 -33.26 -0.59
CA VAL A 478 25.14 -33.86 -1.19
C VAL A 478 26.25 -33.83 -0.15
N ILE A 479 27.21 -34.75 -0.32
CA ILE A 479 28.39 -34.82 0.53
C ILE A 479 29.57 -34.40 -0.34
N LEU A 480 30.25 -33.32 0.06
CA LEU A 480 31.34 -32.75 -0.73
C LEU A 480 32.68 -33.04 -0.08
N ASP A 481 33.69 -33.33 -0.90
CA ASP A 481 35.05 -33.40 -0.41
C ASP A 481 35.44 -32.03 0.16
N PRO A 482 35.89 -31.95 1.40
CA PRO A 482 36.13 -30.63 2.01
C PRO A 482 37.13 -29.78 1.22
N VAL A 483 38.17 -30.40 0.68
CA VAL A 483 39.24 -29.68 0.00
C VAL A 483 38.86 -29.40 -1.45
N THR A 484 38.72 -30.46 -2.25
CA THR A 484 38.42 -30.27 -3.67
C THR A 484 37.03 -29.71 -3.90
N GLY A 485 36.13 -29.79 -2.93
CA GLY A 485 34.75 -29.42 -3.17
C GLY A 485 33.98 -30.36 -4.06
N ALA A 486 34.57 -31.48 -4.45
CA ALA A 486 33.90 -32.40 -5.37
C ALA A 486 32.79 -33.16 -4.66
N GLU A 487 31.70 -33.41 -5.39
CA GLU A 487 30.65 -34.27 -4.87
C GLU A 487 31.13 -35.71 -4.76
N ILE A 488 30.86 -36.33 -3.62
CA ILE A 488 31.22 -37.73 -3.36
C ILE A 488 29.96 -38.56 -3.56
N PRO A 489 29.88 -39.40 -4.59
CA PRO A 489 28.63 -40.08 -4.91
C PRO A 489 28.45 -41.34 -4.07
N GLY A 490 27.18 -41.75 -3.96
CA GLY A 490 26.89 -43.04 -3.38
C GLY A 490 26.77 -43.00 -1.86
N ASN A 491 26.75 -44.19 -1.28
CA ASN A 491 26.50 -44.35 0.15
C ASN A 491 27.77 -44.76 0.88
N ASP A 492 27.69 -44.69 2.21
CA ASP A 492 28.85 -44.81 3.10
C ASP A 492 29.95 -43.84 2.69
N VAL A 493 29.62 -42.55 2.68
CA VAL A 493 30.55 -41.49 2.33
C VAL A 493 30.49 -40.42 3.42
N GLU A 494 31.54 -39.60 3.50
CA GLU A 494 31.63 -38.56 4.50
C GLU A 494 32.29 -37.31 3.92
N GLY A 495 31.98 -36.16 4.51
CA GLY A 495 32.52 -34.89 4.06
C GLY A 495 31.65 -33.73 4.53
N ILE A 496 31.61 -32.70 3.70
CA ILE A 496 30.84 -31.48 3.95
C ILE A 496 29.39 -31.71 3.52
N LEU A 497 28.44 -31.23 4.33
CA LEU A 497 27.03 -31.31 3.98
C LEU A 497 26.63 -30.06 3.22
N ALA A 498 26.10 -30.23 2.01
CA ALA A 498 25.63 -29.13 1.19
C ALA A 498 24.30 -29.53 0.56
N PHE A 499 23.54 -28.53 0.11
CA PHE A 499 22.30 -28.79 -0.61
C PHE A 499 22.46 -28.35 -2.06
N ARG A 500 21.93 -29.17 -2.98
CA ARG A 500 22.10 -28.93 -4.40
C ARG A 500 21.08 -27.96 -4.98
N LYS A 501 19.97 -27.69 -4.28
CA LYS A 501 18.89 -26.93 -4.88
C LYS A 501 18.31 -25.97 -3.86
N PRO A 502 17.74 -24.86 -4.31
CA PRO A 502 17.05 -23.96 -3.39
C PRO A 502 15.80 -24.64 -2.82
N TRP A 503 15.34 -24.13 -1.69
CA TRP A 503 14.13 -24.63 -1.04
C TRP A 503 13.36 -23.43 -0.52
N PRO A 504 12.05 -23.59 -0.28
CA PRO A 504 11.20 -22.39 -0.09
C PRO A 504 11.57 -21.53 1.11
N SER A 505 11.94 -22.13 2.24
CA SER A 505 12.17 -21.38 3.47
C SER A 505 13.64 -20.96 3.65
N MET A 506 14.45 -21.04 2.59
CA MET A 506 15.86 -20.65 2.72
C MET A 506 15.95 -19.16 3.06
N ALA A 507 16.90 -18.84 3.95
CA ALA A 507 17.14 -17.42 4.21
C ALA A 507 17.51 -16.70 2.91
N ARG A 508 17.03 -15.47 2.77
CA ARG A 508 17.20 -14.77 1.50
C ARG A 508 18.39 -13.83 1.49
N THR A 509 18.81 -13.31 2.64
CA THR A 509 19.98 -12.43 2.68
C THR A 509 20.46 -12.31 4.11
N VAL A 510 21.60 -11.65 4.26
CA VAL A 510 22.06 -11.10 5.54
C VAL A 510 21.76 -9.61 5.49
N TRP A 511 21.01 -9.11 6.48
CA TRP A 511 20.54 -7.72 6.48
C TRP A 511 21.70 -6.74 6.24
N GLY A 512 21.56 -5.92 5.20
CA GLY A 512 22.56 -4.92 4.91
C GLY A 512 23.86 -5.45 4.33
N ASP A 513 23.95 -6.75 4.06
CA ASP A 513 25.23 -7.29 3.60
C ASP A 513 25.02 -8.52 2.75
N HIS A 514 24.40 -8.34 1.58
CA HIS A 514 24.17 -9.50 0.71
C HIS A 514 25.48 -10.13 0.28
N LYS A 515 26.55 -9.33 0.16
CA LYS A 515 27.84 -9.89 -0.25
C LYS A 515 28.32 -10.91 0.77
N ARG A 516 28.15 -10.62 2.07
CA ARG A 516 28.52 -11.58 3.10
C ARG A 516 27.65 -12.82 3.03
N TYR A 517 26.36 -12.65 2.77
CA TYR A 517 25.49 -13.80 2.54
C TYR A 517 26.01 -14.66 1.38
N MET A 518 26.34 -14.02 0.25
CA MET A 518 26.90 -14.76 -0.88
C MET A 518 28.18 -15.48 -0.48
N ASP A 519 29.12 -14.75 0.13
CA ASP A 519 30.43 -15.33 0.44
C ASP A 519 30.33 -16.45 1.47
N THR A 520 29.36 -16.36 2.38
CA THR A 520 29.26 -17.33 3.47
C THR A 520 28.60 -18.61 3.02
N TYR A 521 27.53 -18.52 2.23
CA TYR A 521 26.67 -19.66 1.95
C TYR A 521 26.76 -20.18 0.53
N LEU A 522 27.06 -19.33 -0.45
CA LEU A 522 26.84 -19.68 -1.86
C LEU A 522 28.08 -19.62 -2.72
N ASN A 523 29.13 -18.91 -2.29
CA ASN A 523 30.35 -18.79 -3.07
C ASN A 523 31.42 -19.80 -2.66
N VAL A 524 31.25 -20.44 -1.51
CA VAL A 524 32.23 -21.42 -1.05
C VAL A 524 32.29 -22.61 -2.00
N TYR A 525 31.14 -23.23 -2.26
CA TYR A 525 31.00 -24.34 -3.20
C TYR A 525 29.95 -23.89 -4.21
N LYS A 526 30.39 -23.30 -5.32
CA LYS A 526 29.45 -22.66 -6.23
C LYS A 526 28.50 -23.68 -6.84
N GLY A 527 27.21 -23.36 -6.82
CA GLY A 527 26.17 -24.29 -7.23
C GLY A 527 25.53 -25.04 -6.08
N PHE A 528 26.05 -24.89 -4.88
CA PHE A 528 25.51 -25.56 -3.71
C PHE A 528 25.27 -24.54 -2.61
N TYR A 529 24.45 -24.95 -1.64
CA TYR A 529 24.30 -24.23 -0.39
C TYR A 529 25.16 -24.93 0.66
N PHE A 530 26.03 -24.17 1.31
CA PHE A 530 26.98 -24.70 2.28
C PHE A 530 26.40 -24.56 3.70
N THR A 531 26.17 -25.70 4.37
CA THR A 531 25.59 -25.69 5.71
C THR A 531 26.60 -25.34 6.80
N GLY A 532 27.90 -25.45 6.53
CA GLY A 532 28.86 -25.32 7.61
C GLY A 532 28.98 -26.55 8.50
N ASP A 533 28.28 -27.63 8.18
CA ASP A 533 28.33 -28.86 8.95
C ASP A 533 29.01 -29.96 8.15
N GLY A 534 29.67 -30.86 8.86
CA GLY A 534 30.08 -32.12 8.29
C GLY A 534 29.01 -33.17 8.49
N ALA A 535 29.04 -34.20 7.65
CA ALA A 535 28.03 -35.24 7.74
C ALA A 535 28.55 -36.50 7.04
N GLY A 536 28.00 -37.63 7.46
CA GLY A 536 28.14 -38.87 6.73
C GLY A 536 26.78 -39.35 6.25
N ARG A 537 26.79 -40.03 5.11
CA ARG A 537 25.60 -40.69 4.58
C ARG A 537 25.91 -42.19 4.58
N ASP A 538 25.17 -42.95 5.38
CA ASP A 538 25.57 -44.33 5.64
C ASP A 538 25.13 -45.25 4.50
N HIS A 539 25.32 -46.56 4.71
CA HIS A 539 25.05 -47.56 3.69
C HIS A 539 23.61 -47.56 3.21
N GLU A 540 22.67 -47.09 4.02
CA GLU A 540 21.27 -47.03 3.63
C GLU A 540 20.82 -45.62 3.26
N GLY A 541 21.73 -44.68 3.12
CA GLY A 541 21.37 -43.31 2.77
C GLY A 541 20.95 -42.44 3.93
N TYR A 542 21.04 -42.93 5.15
CA TYR A 542 20.70 -42.14 6.33
C TYR A 542 21.84 -41.18 6.67
N TYR A 543 21.48 -40.02 7.19
CA TYR A 543 22.43 -38.94 7.41
C TYR A 543 22.84 -38.85 8.87
N TRP A 544 24.14 -38.70 9.10
CA TRP A 544 24.74 -38.60 10.42
C TRP A 544 25.47 -37.28 10.50
N ILE A 545 24.97 -36.36 11.33
CA ILE A 545 25.50 -34.99 11.37
C ILE A 545 26.70 -34.96 12.30
N ARG A 546 27.83 -34.47 11.78
CA ARG A 546 29.06 -34.43 12.55
C ARG A 546 29.28 -33.11 13.27
N GLY A 547 28.56 -32.06 12.89
CA GLY A 547 28.70 -30.77 13.54
C GLY A 547 29.47 -29.76 12.69
N ARG A 548 29.71 -28.61 13.30
CA ARG A 548 30.26 -27.47 12.57
C ARG A 548 31.72 -27.72 12.17
N VAL A 549 32.05 -27.36 10.93
CA VAL A 549 33.43 -27.39 10.45
C VAL A 549 34.07 -26.02 10.50
N ASP A 550 33.32 -24.99 10.89
CA ASP A 550 33.84 -23.65 11.05
C ASP A 550 34.01 -23.36 12.53
N ASP A 551 34.20 -22.09 12.87
CA ASP A 551 34.49 -21.71 14.25
C ASP A 551 33.22 -21.31 14.99
N VAL A 552 32.21 -22.16 14.83
CA VAL A 552 30.92 -22.02 15.48
C VAL A 552 30.78 -23.19 16.45
N VAL A 553 30.40 -22.91 17.68
CA VAL A 553 30.24 -23.95 18.68
C VAL A 553 28.83 -23.86 19.25
N ASN A 554 28.29 -25.02 19.59
CA ASN A 554 26.91 -25.14 20.05
C ASN A 554 26.97 -25.57 21.52
N VAL A 555 26.70 -24.62 22.42
CA VAL A 555 26.88 -24.81 23.85
C VAL A 555 25.51 -24.70 24.52
N SER A 556 25.01 -25.83 25.03
CA SER A 556 23.71 -25.89 25.71
C SER A 556 22.61 -25.33 24.82
N GLY A 557 22.69 -25.62 23.53
CA GLY A 557 21.73 -25.14 22.57
C GLY A 557 21.98 -23.74 22.05
N HIS A 558 23.04 -23.07 22.49
CA HIS A 558 23.35 -21.71 22.04
C HIS A 558 24.41 -21.78 20.94
N ARG A 559 24.07 -21.25 19.76
CA ARG A 559 25.02 -21.16 18.67
C ARG A 559 25.94 -19.97 18.91
N LEU A 560 27.22 -20.25 19.17
CA LEU A 560 28.17 -19.23 19.58
C LEU A 560 29.31 -19.13 18.58
N SER A 561 29.82 -17.92 18.41
CA SER A 561 31.00 -17.69 17.60
C SER A 561 32.22 -17.58 18.53
N THR A 562 33.19 -18.48 18.34
CA THR A 562 34.41 -18.35 19.12
C THR A 562 35.09 -17.00 18.85
N ALA A 563 34.98 -16.48 17.62
CA ALA A 563 35.57 -15.18 17.31
C ALA A 563 34.92 -14.07 18.12
N GLU A 564 33.60 -14.13 18.32
CA GLU A 564 32.93 -13.15 19.16
C GLU A 564 33.45 -13.20 20.59
N ILE A 565 33.64 -14.40 21.12
CA ILE A 565 34.09 -14.53 22.50
C ILE A 565 35.52 -14.04 22.63
N GLU A 566 36.39 -14.39 21.68
CA GLU A 566 37.75 -13.87 21.69
C GLU A 566 37.75 -12.34 21.69
N ALA A 567 36.91 -11.73 20.86
CA ALA A 567 36.86 -10.27 20.81
C ALA A 567 36.39 -9.70 22.14
N ALA A 568 35.44 -10.37 22.80
CA ALA A 568 35.03 -9.95 24.14
C ALA A 568 36.18 -10.01 25.11
N LEU A 569 36.94 -11.12 25.11
CA LEU A 569 38.05 -11.25 26.04
C LEU A 569 39.13 -10.20 25.78
N ILE A 570 39.29 -9.79 24.52
CA ILE A 570 40.29 -8.77 24.19
C ILE A 570 39.89 -7.40 24.70
N GLU A 571 38.59 -7.14 24.89
CA GLU A 571 38.15 -5.88 25.47
C GLU A 571 38.76 -5.63 26.85
N HIS A 572 39.22 -6.68 27.52
CA HIS A 572 39.82 -6.52 28.83
C HIS A 572 41.21 -5.91 28.71
N HIS A 573 41.48 -4.89 29.54
CA HIS A 573 42.73 -4.14 29.41
C HIS A 573 43.97 -5.02 29.60
N CYS A 574 43.84 -6.14 30.31
CA CYS A 574 44.99 -7.01 30.55
C CYS A 574 45.28 -7.95 29.38
N VAL A 575 44.27 -8.29 28.60
CA VAL A 575 44.41 -9.30 27.56
C VAL A 575 44.95 -8.66 26.30
N ALA A 576 45.99 -9.28 25.73
CA ALA A 576 46.55 -8.89 24.44
C ALA A 576 45.99 -9.74 23.30
N GLU A 577 46.05 -11.07 23.44
CA GLU A 577 45.54 -11.99 22.44
C GLU A 577 44.66 -13.03 23.13
N ALA A 578 43.69 -13.54 22.39
CA ALA A 578 42.76 -14.53 22.94
C ALA A 578 42.47 -15.60 21.90
N ALA A 579 42.20 -16.80 22.38
CA ALA A 579 41.84 -17.92 21.53
C ALA A 579 40.81 -18.76 22.25
N VAL A 580 39.66 -18.99 21.60
CA VAL A 580 38.56 -19.75 22.17
C VAL A 580 38.27 -20.94 21.28
N VAL A 581 38.04 -22.10 21.89
CA VAL A 581 37.71 -23.33 21.18
C VAL A 581 36.55 -24.02 21.88
N GLY A 582 35.86 -24.87 21.15
CA GLY A 582 34.78 -25.68 21.68
C GLY A 582 35.23 -27.13 21.86
N VAL A 583 35.00 -27.68 23.05
CA VAL A 583 35.42 -29.04 23.37
C VAL A 583 34.20 -29.86 23.77
N PRO A 584 34.20 -31.17 23.54
CA PRO A 584 33.05 -31.99 23.93
C PRO A 584 32.82 -31.95 25.44
N ASP A 585 31.55 -31.79 25.82
CA ASP A 585 31.13 -31.71 27.21
C ASP A 585 30.00 -32.70 27.46
N PRO A 586 30.06 -33.46 28.56
CA PRO A 586 29.06 -34.52 28.78
C PRO A 586 27.65 -34.00 29.02
N LEU A 587 27.46 -32.72 29.32
CA LEU A 587 26.13 -32.19 29.63
C LEU A 587 25.71 -31.09 28.66
N THR A 588 26.57 -30.11 28.40
CA THR A 588 26.25 -28.99 27.53
C THR A 588 26.50 -29.30 26.05
N GLY A 589 26.82 -30.55 25.72
CA GLY A 589 27.13 -30.92 24.35
C GLY A 589 28.54 -30.50 23.97
N GLN A 590 28.81 -29.20 24.05
CA GLN A 590 30.16 -28.68 23.94
C GLN A 590 30.34 -27.58 24.97
N ALA A 591 31.58 -27.37 25.38
CA ALA A 591 31.95 -26.31 26.31
C ALA A 591 33.00 -25.42 25.66
N VAL A 592 32.82 -24.12 25.79
CA VAL A 592 33.79 -23.17 25.28
C VAL A 592 34.94 -23.06 26.27
N HIS A 593 36.16 -23.14 25.77
CA HIS A 593 37.35 -22.92 26.59
C HIS A 593 38.19 -21.82 25.96
N ALA A 594 38.68 -20.91 26.80
CA ALA A 594 39.34 -19.69 26.35
C ALA A 594 40.77 -19.64 26.87
N PHE A 595 41.67 -19.18 26.01
CA PHE A 595 43.07 -18.94 26.36
C PHE A 595 43.37 -17.48 26.10
N VAL A 596 44.09 -16.85 27.03
CA VAL A 596 44.46 -15.43 26.88
C VAL A 596 45.95 -15.28 27.15
N ALA A 597 46.58 -14.36 26.43
CA ALA A 597 47.93 -13.92 26.72
C ALA A 597 47.85 -12.50 27.26
N LEU A 598 48.49 -12.27 28.40
CA LEU A 598 48.38 -10.99 29.07
C LEU A 598 49.39 -9.99 28.51
N LYS A 599 49.12 -8.70 28.73
CA LYS A 599 50.03 -7.66 28.32
C LYS A 599 51.18 -7.49 29.30
N SER A 600 50.95 -7.71 30.59
CA SER A 600 51.99 -7.58 31.60
C SER A 600 51.85 -8.67 32.65
N GLY A 601 51.79 -8.29 33.92
CA GLY A 601 51.58 -9.23 34.99
C GLY A 601 50.34 -8.92 35.81
N ASN A 602 49.81 -9.91 36.53
CA ASN A 602 48.62 -9.69 37.34
C ASN A 602 48.74 -10.58 38.57
N ASP A 603 49.21 -10.00 39.68
CA ASP A 603 49.34 -10.74 40.93
C ASP A 603 48.00 -11.27 41.43
N ASN A 604 46.90 -10.78 40.87
CA ASN A 604 45.57 -11.28 41.18
C ASN A 604 45.05 -12.13 40.01
N ARG A 605 45.84 -13.16 39.68
CA ARG A 605 45.55 -13.98 38.50
C ARG A 605 44.24 -14.73 38.65
N GLU A 606 43.97 -15.27 39.84
CA GLU A 606 42.66 -15.86 40.09
C GLU A 606 41.57 -14.80 40.04
N GLN A 607 41.88 -13.59 40.48
CA GLN A 607 40.91 -12.50 40.42
C GLN A 607 40.68 -12.03 38.99
N LEU A 608 41.74 -12.01 38.17
CA LEU A 608 41.58 -11.66 36.76
C LEU A 608 40.62 -12.63 36.08
N GLN A 609 40.69 -13.92 36.44
CA GLN A 609 39.81 -14.90 35.81
C GLN A 609 38.34 -14.55 36.02
N LYS A 610 38.01 -13.90 37.14
CA LYS A 610 36.63 -13.46 37.35
C LYS A 610 36.27 -12.29 36.45
N GLU A 611 37.18 -11.31 36.32
CA GLU A 611 36.89 -10.15 35.47
C GLU A 611 36.75 -10.55 34.01
N LEU A 612 37.53 -11.55 33.58
CA LEU A 612 37.42 -12.02 32.20
C LEU A 612 36.07 -12.69 31.96
N ILE A 613 35.59 -13.46 32.93
CA ILE A 613 34.27 -14.06 32.79
C ILE A 613 33.19 -13.00 32.76
N MET A 614 33.27 -12.00 33.65
CA MET A 614 32.30 -10.91 33.64
C MET A 614 32.35 -10.12 32.34
N GLN A 615 33.54 -9.99 31.75
CA GLN A 615 33.67 -9.27 30.49
C GLN A 615 32.84 -9.93 29.39
N VAL A 616 32.92 -11.26 29.29
CA VAL A 616 32.10 -11.96 28.31
C VAL A 616 30.62 -11.83 28.64
N ARG A 617 30.29 -11.91 29.94
CA ARG A 617 28.90 -11.71 30.35
C ARG A 617 28.39 -10.34 29.93
N LYS A 618 29.23 -9.30 30.05
CA LYS A 618 28.82 -7.96 29.64
C LYS A 618 28.73 -7.84 28.12
N SER A 619 29.72 -8.35 27.41
CA SER A 619 29.75 -8.21 25.95
C SER A 619 28.61 -8.97 25.30
N ILE A 620 28.37 -10.21 25.73
CA ILE A 620 27.41 -11.06 25.05
C ILE A 620 26.24 -11.38 25.97
N GLY A 621 26.51 -12.09 27.04
CA GLY A 621 25.48 -12.52 27.96
C GLY A 621 26.00 -13.66 28.82
N PRO A 622 25.32 -13.92 29.95
CA PRO A 622 25.76 -15.02 30.83
C PRO A 622 26.03 -16.33 30.10
N PHE A 623 25.16 -16.71 29.16
CA PHE A 623 25.23 -18.03 28.55
C PHE A 623 26.51 -18.24 27.74
N ALA A 624 27.21 -17.17 27.39
CA ALA A 624 28.41 -17.27 26.57
C ALA A 624 29.69 -17.27 27.39
N ALA A 625 29.60 -17.25 28.72
CA ALA A 625 30.79 -17.16 29.54
C ALA A 625 31.62 -18.43 29.43
N PRO A 626 32.92 -18.33 29.20
CA PRO A 626 33.75 -19.54 29.12
C PRO A 626 33.79 -20.25 30.47
N LYS A 627 33.79 -21.58 30.42
CA LYS A 627 33.87 -22.37 31.64
C LYS A 627 35.12 -22.02 32.44
N VAL A 628 36.23 -21.78 31.74
CA VAL A 628 37.47 -21.37 32.37
C VAL A 628 38.25 -20.51 31.36
N VAL A 629 39.04 -19.59 31.89
CA VAL A 629 39.96 -18.78 31.10
C VAL A 629 41.37 -19.10 31.57
N PHE A 630 42.19 -19.64 30.68
CA PHE A 630 43.56 -19.99 31.00
C PHE A 630 44.48 -18.83 30.61
N VAL A 631 45.18 -18.28 31.60
CA VAL A 631 46.16 -17.22 31.35
C VAL A 631 47.50 -17.88 31.14
N ILE A 632 48.09 -17.69 29.95
CA ILE A 632 49.33 -18.35 29.57
C ILE A 632 50.30 -17.31 29.00
N ASP A 633 51.56 -17.74 28.85
CA ASP A 633 52.59 -16.83 28.33
C ASP A 633 52.44 -16.62 26.83
N ASP A 634 52.30 -17.71 26.08
CA ASP A 634 52.16 -17.61 24.63
C ASP A 634 51.28 -18.72 24.07
N PRO B 26 -1.17 20.72 -57.12
CA PRO B 26 -1.91 20.39 -55.90
C PRO B 26 -1.66 21.38 -54.77
N VAL B 27 -2.52 21.34 -53.75
CA VAL B 27 -2.30 22.18 -52.57
C VAL B 27 -1.09 21.70 -51.78
N VAL B 28 -1.04 20.39 -51.51
CA VAL B 28 0.14 19.80 -50.88
C VAL B 28 1.20 19.61 -51.96
N VAL B 29 2.01 20.64 -52.19
CA VAL B 29 2.91 20.66 -53.35
C VAL B 29 3.97 19.57 -53.23
N GLU B 30 4.46 19.31 -52.02
CA GLU B 30 5.56 18.36 -51.88
C GLU B 30 5.15 16.94 -52.25
N ALA B 31 3.86 16.65 -52.40
CA ALA B 31 3.38 15.36 -52.85
C ALA B 31 3.26 15.26 -54.36
N HIS B 32 3.48 16.35 -55.09
CA HIS B 32 3.25 16.36 -56.53
C HIS B 32 4.24 15.45 -57.24
N GLN B 33 3.71 14.49 -58.00
CA GLN B 33 4.51 13.52 -58.75
C GLN B 33 5.49 12.78 -57.84
N VAL B 34 4.98 12.31 -56.71
CA VAL B 34 5.75 11.50 -55.78
C VAL B 34 5.23 10.07 -55.87
N ASP B 35 6.11 9.15 -56.25
CA ASP B 35 5.73 7.74 -56.34
C ASP B 35 5.47 7.15 -54.97
N THR B 36 4.57 6.18 -54.94
CA THR B 36 4.40 5.30 -53.80
C THR B 36 5.21 4.03 -54.01
N PHE B 37 5.89 3.58 -52.95
CA PHE B 37 6.77 2.40 -53.04
C PHE B 37 6.18 1.25 -52.24
N ASP B 38 6.10 0.08 -52.87
CA ASP B 38 5.69 -1.12 -52.15
C ASP B 38 6.81 -1.59 -51.25
N VAL B 39 6.43 -2.29 -50.19
CA VAL B 39 7.42 -3.06 -49.41
C VAL B 39 8.14 -4.00 -50.36
N PRO B 40 9.48 -4.08 -50.33
CA PRO B 40 10.19 -5.00 -51.20
C PRO B 40 9.75 -6.45 -50.98
N GLY B 41 9.58 -7.18 -52.09
CA GLY B 41 9.22 -8.59 -51.98
C GLY B 41 10.18 -9.39 -51.12
N VAL B 42 11.48 -9.08 -51.22
CA VAL B 42 12.50 -9.83 -50.49
C VAL B 42 12.36 -9.67 -48.99
N PHE B 43 11.72 -8.60 -48.52
CA PHE B 43 11.48 -8.44 -47.09
C PHE B 43 10.68 -9.61 -46.55
N TYR B 44 9.64 -10.02 -47.27
CA TYR B 44 8.84 -11.16 -46.83
C TYR B 44 9.62 -12.46 -47.01
N GLU B 45 10.34 -12.59 -48.12
CA GLU B 45 10.99 -13.87 -48.42
C GLU B 45 12.11 -14.19 -47.43
N ASN B 46 12.80 -13.18 -46.91
CA ASN B 46 13.90 -13.40 -45.97
C ASN B 46 13.48 -13.21 -44.52
N HIS B 47 12.21 -13.02 -44.25
CA HIS B 47 11.79 -12.68 -42.89
C HIS B 47 12.03 -13.89 -41.99
N PRO B 48 12.63 -13.71 -40.81
CA PRO B 48 12.75 -14.84 -39.89
C PRO B 48 11.41 -15.34 -39.39
N HIS B 49 10.38 -14.50 -39.39
CA HIS B 49 9.04 -14.88 -39.01
C HIS B 49 8.07 -14.40 -40.08
N GLU B 50 7.10 -13.57 -39.71
CA GLU B 50 6.20 -12.95 -40.67
C GLU B 50 5.61 -11.70 -40.04
N PRO B 51 5.11 -10.76 -40.84
CA PRO B 51 4.47 -9.58 -40.26
C PRO B 51 3.31 -9.95 -39.34
N HIS B 52 3.06 -9.06 -38.39
CA HIS B 52 1.94 -9.25 -37.47
C HIS B 52 0.60 -8.92 -38.10
N LEU B 53 0.59 -8.40 -39.32
CA LEU B 53 -0.63 -8.13 -40.07
C LEU B 53 -0.53 -8.81 -41.42
N SER B 54 -1.68 -9.13 -42.01
CA SER B 54 -1.71 -9.81 -43.30
C SER B 54 -1.54 -8.85 -44.47
N GLY B 55 -1.57 -7.54 -44.24
CA GLY B 55 -1.50 -6.58 -45.31
C GLY B 55 -2.31 -5.34 -44.96
N MET B 56 -2.50 -4.48 -45.97
CA MET B 56 -3.15 -3.19 -45.71
C MET B 56 -4.65 -3.33 -45.42
N ASN B 57 -5.32 -4.37 -45.95
CA ASN B 57 -6.72 -4.57 -45.59
CA ASN B 57 -6.72 -4.51 -45.58
C ASN B 57 -6.87 -4.75 -44.09
N GLU B 58 -5.99 -5.54 -43.48
CA GLU B 58 -6.10 -5.74 -42.03
C GLU B 58 -5.73 -4.47 -41.27
N TYR B 59 -4.72 -3.73 -41.74
CA TYR B 59 -4.45 -2.42 -41.15
C TYR B 59 -5.72 -1.54 -41.18
N ASN B 60 -6.38 -1.48 -42.34
CA ASN B 60 -7.54 -0.62 -42.48
C ASN B 60 -8.68 -1.07 -41.57
N GLN B 61 -8.90 -2.38 -41.48
CA GLN B 61 -9.98 -2.90 -40.64
C GLN B 61 -9.71 -2.63 -39.17
N LEU B 62 -8.48 -2.89 -38.72
CA LEU B 62 -8.13 -2.59 -37.33
C LEU B 62 -8.14 -1.09 -37.07
N TYR B 63 -7.64 -0.29 -38.02
CA TYR B 63 -7.64 1.16 -37.83
C TYR B 63 -9.06 1.68 -37.65
N GLN B 64 -9.98 1.22 -38.50
CA GLN B 64 -11.37 1.66 -38.38
C GLN B 64 -11.95 1.26 -37.03
N GLN B 65 -11.64 0.06 -36.55
CA GLN B 65 -12.14 -0.32 -35.23
C GLN B 65 -11.54 0.55 -34.14
N SER B 66 -10.25 0.91 -34.27
CA SER B 66 -9.63 1.74 -33.25
C SER B 66 -10.21 3.15 -33.20
N ILE B 67 -10.88 3.59 -34.28
CA ILE B 67 -11.58 4.88 -34.28
C ILE B 67 -13.05 4.71 -33.91
N ASN B 68 -13.72 3.73 -34.53
CA ASN B 68 -15.16 3.57 -34.31
C ASN B 68 -15.47 2.92 -32.97
N ASP B 69 -14.53 2.15 -32.42
CA ASP B 69 -14.81 1.43 -31.17
C ASP B 69 -13.52 1.29 -30.38
N PRO B 70 -12.92 2.40 -29.95
CA PRO B 70 -11.66 2.30 -29.19
C PRO B 70 -11.80 1.49 -27.92
N ASP B 71 -12.97 1.47 -27.28
CA ASP B 71 -13.06 0.73 -26.03
C ASP B 71 -12.85 -0.77 -26.27
N THR B 72 -13.38 -1.30 -27.38
CA THR B 72 -13.12 -2.70 -27.70
C THR B 72 -11.71 -2.90 -28.23
N PHE B 73 -11.30 -2.07 -29.18
CA PHE B 73 -9.99 -2.24 -29.81
C PHE B 73 -8.86 -2.19 -28.78
N TRP B 74 -8.84 -1.14 -27.96
CA TRP B 74 -7.71 -0.95 -27.05
C TRP B 74 -7.75 -1.89 -25.87
N ALA B 75 -8.94 -2.35 -25.45
CA ALA B 75 -9.00 -3.39 -24.44
C ALA B 75 -8.29 -4.64 -24.92
N ARG B 76 -8.57 -5.06 -26.17
CA ARG B 76 -7.94 -6.26 -26.69
C ARG B 76 -6.44 -6.06 -26.86
N MET B 77 -6.03 -4.90 -27.40
CA MET B 77 -4.61 -4.64 -27.59
C MET B 77 -3.88 -4.66 -26.26
N ALA B 78 -4.44 -3.99 -25.25
CA ALA B 78 -3.79 -3.93 -23.95
C ALA B 78 -3.67 -5.32 -23.34
N ARG B 79 -4.74 -6.11 -23.41
CA ARG B 79 -4.67 -7.44 -22.81
C ARG B 79 -3.77 -8.37 -23.61
N ASP B 80 -3.62 -8.12 -24.92
CA ASP B 80 -2.64 -8.84 -25.73
C ASP B 80 -1.22 -8.62 -25.23
N LEU B 81 -0.88 -7.36 -24.95
CA LEU B 81 0.51 -6.93 -24.88
C LEU B 81 1.03 -6.64 -23.47
N ILE B 82 0.16 -6.37 -22.51
CA ILE B 82 0.58 -5.96 -21.17
C ILE B 82 -0.03 -6.91 -20.16
N THR B 83 0.79 -7.37 -19.21
CA THR B 83 0.33 -8.24 -18.13
C THR B 83 -0.09 -7.35 -16.96
N PHE B 84 -1.40 -7.31 -16.67
CA PHE B 84 -1.91 -6.57 -15.53
C PHE B 84 -1.96 -7.46 -14.30
N GLU B 85 -1.62 -6.87 -13.14
CA GLU B 85 -1.84 -7.54 -11.87
C GLU B 85 -3.33 -7.64 -11.57
N LYS B 86 -4.07 -6.57 -11.86
CA LYS B 86 -5.52 -6.50 -11.76
C LYS B 86 -6.04 -5.99 -13.08
N ASP B 87 -6.97 -6.73 -13.69
CA ASP B 87 -7.57 -6.33 -14.95
C ASP B 87 -8.26 -4.98 -14.80
N PHE B 88 -8.32 -4.22 -15.90
CA PHE B 88 -8.97 -2.92 -15.83
C PHE B 88 -10.48 -3.04 -16.03
N ASP B 89 -11.19 -2.03 -15.51
CA ASP B 89 -12.65 -1.93 -15.53
C ASP B 89 -13.18 -1.35 -16.83
N LYS B 90 -12.48 -0.35 -17.37
CA LYS B 90 -12.96 0.37 -18.53
C LYS B 90 -11.76 0.85 -19.33
N THR B 91 -11.88 0.80 -20.65
CA THR B 91 -10.75 1.17 -21.49
C THR B 91 -10.39 2.65 -21.38
N HIS B 92 -11.39 3.54 -21.39
CA HIS B 92 -11.10 4.98 -21.43
C HIS B 92 -12.26 5.79 -20.85
N ILE B 93 -11.91 6.81 -20.07
CA ILE B 93 -12.87 7.82 -19.65
C ILE B 93 -12.26 9.20 -19.90
N GLY B 94 -13.12 10.21 -19.87
CA GLY B 94 -12.68 11.58 -20.12
C GLY B 94 -12.79 11.98 -21.58
N THR B 95 -12.42 13.22 -21.84
CA THR B 95 -12.50 13.81 -23.16
C THR B 95 -11.27 14.68 -23.38
N LEU B 96 -10.98 14.98 -24.65
CA LEU B 96 -9.92 15.94 -24.94
C LEU B 96 -10.22 17.28 -24.29
N GLU B 97 -11.41 17.84 -24.53
CA GLU B 97 -11.69 19.16 -24.00
C GLU B 97 -11.69 19.16 -22.47
N GLY B 98 -12.04 18.04 -21.85
CA GLY B 98 -12.05 17.98 -20.40
C GLY B 98 -10.67 17.89 -19.77
N GLY B 99 -9.66 17.48 -20.54
CA GLY B 99 -8.33 17.34 -19.98
C GLY B 99 -8.27 16.34 -18.86
N ASP B 100 -9.08 15.27 -18.94
CA ASP B 100 -9.31 14.34 -17.85
C ASP B 100 -9.20 12.90 -18.35
N ASN B 101 -8.42 12.69 -19.39
CA ASN B 101 -8.38 11.37 -20.01
C ASN B 101 -7.70 10.36 -19.09
N ALA B 102 -8.30 9.20 -18.97
CA ALA B 102 -7.73 8.12 -18.18
C ALA B 102 -7.95 6.83 -18.94
N TRP B 103 -6.93 5.99 -18.97
CA TRP B 103 -6.98 4.78 -19.77
C TRP B 103 -6.73 3.55 -18.90
N PHE B 104 -7.48 2.48 -19.17
CA PHE B 104 -7.36 1.21 -18.45
C PHE B 104 -7.59 1.45 -16.96
N VAL B 105 -8.64 2.21 -16.67
CA VAL B 105 -8.90 2.61 -15.27
C VAL B 105 -9.31 1.39 -14.47
N GLY B 106 -8.89 1.35 -13.22
CA GLY B 106 -9.11 0.17 -12.40
C GLY B 106 -8.04 -0.90 -12.53
N GLY B 107 -7.19 -0.81 -13.53
CA GLY B 107 -6.11 -1.78 -13.66
C GLY B 107 -4.96 -1.48 -12.70
N ARG B 108 -4.19 -2.53 -12.40
CA ARG B 108 -2.96 -2.43 -11.62
C ARG B 108 -1.87 -3.20 -12.36
N LEU B 109 -0.65 -2.70 -12.30
CA LEU B 109 0.44 -3.32 -13.06
C LEU B 109 1.74 -2.69 -12.58
N ASN B 110 2.85 -3.19 -13.10
CA ASN B 110 4.12 -2.53 -12.85
C ASN B 110 4.94 -2.55 -14.13
N ALA B 111 5.55 -1.41 -14.50
CA ALA B 111 6.28 -1.35 -15.75
C ALA B 111 7.52 -2.25 -15.73
N SER B 112 8.22 -2.32 -14.59
CA SER B 112 9.42 -3.17 -14.58
C SER B 112 9.03 -4.63 -14.65
N PHE B 113 7.88 -5.01 -14.09
CA PHE B 113 7.42 -6.39 -14.25
C PHE B 113 7.20 -6.72 -15.72
N ASN B 114 6.65 -5.77 -16.47
CA ASN B 114 6.35 -6.03 -17.88
C ASN B 114 7.58 -5.94 -18.76
N CYS B 115 8.59 -5.18 -18.34
CA CYS B 115 9.83 -5.08 -19.09
C CYS B 115 10.85 -6.13 -18.67
N VAL B 116 10.70 -6.74 -17.51
CA VAL B 116 11.76 -7.60 -17.01
C VAL B 116 11.21 -8.92 -16.47
N ASP B 117 10.49 -8.87 -15.35
CA ASP B 117 10.12 -10.10 -14.62
C ASP B 117 9.48 -11.12 -15.54
N ARG B 118 8.48 -10.69 -16.33
CA ARG B 118 7.71 -11.68 -17.08
C ARG B 118 8.58 -12.37 -18.12
N HIS B 119 9.63 -11.69 -18.59
CA HIS B 119 10.54 -12.31 -19.54
C HIS B 119 11.58 -13.19 -18.84
N ALA B 120 12.12 -12.71 -17.72
CA ALA B 120 13.07 -13.52 -16.94
C ALA B 120 12.43 -14.80 -16.42
N MET B 121 11.12 -14.77 -16.16
CA MET B 121 10.44 -15.98 -15.71
C MET B 121 10.36 -17.03 -16.81
N ARG B 122 10.23 -16.60 -18.06
CA ARG B 122 10.07 -17.53 -19.18
C ARG B 122 11.39 -17.93 -19.80
N ASP B 123 12.38 -17.04 -19.83
CA ASP B 123 13.63 -17.25 -20.57
C ASP B 123 14.72 -16.44 -19.90
N PRO B 124 15.18 -16.86 -18.72
CA PRO B 124 16.11 -16.01 -17.95
C PRO B 124 17.40 -15.70 -18.68
N ASN B 125 17.88 -16.61 -19.54
CA ASN B 125 19.16 -16.39 -20.19
C ASN B 125 19.03 -15.67 -21.52
N LYS B 126 17.83 -15.29 -21.92
CA LYS B 126 17.69 -14.49 -23.13
C LYS B 126 18.36 -13.15 -22.94
N VAL B 127 19.07 -12.69 -23.97
CA VAL B 127 19.76 -11.40 -23.90
C VAL B 127 18.73 -10.27 -23.95
N ALA B 128 18.71 -9.44 -22.91
CA ALA B 128 17.83 -8.26 -22.90
C ALA B 128 18.53 -7.04 -23.48
N ILE B 129 19.80 -6.85 -23.15
CA ILE B 129 20.53 -5.61 -23.48
C ILE B 129 21.87 -5.98 -24.09
N ILE B 130 22.17 -5.41 -25.24
CA ILE B 130 23.52 -5.39 -25.77
C ILE B 130 24.07 -4.00 -25.53
N TYR B 131 25.10 -3.91 -24.70
CA TYR B 131 25.79 -2.64 -24.45
C TYR B 131 26.96 -2.54 -25.41
N GLU B 132 26.94 -1.52 -26.25
CA GLU B 132 28.07 -1.21 -27.12
C GLU B 132 28.75 0.01 -26.53
N ALA B 133 29.96 -0.19 -26.00
CA ALA B 133 30.67 0.85 -25.28
C ALA B 133 31.28 1.85 -26.26
N ASP B 134 31.70 2.99 -25.71
CA ASP B 134 32.30 4.04 -26.55
C ASP B 134 33.45 3.49 -27.38
N GLU B 135 34.31 2.68 -26.76
CA GLU B 135 35.40 2.04 -27.50
C GLU B 135 34.92 0.72 -28.08
N PRO B 136 35.14 0.48 -29.38
CA PRO B 136 34.79 -0.83 -29.96
C PRO B 136 35.47 -1.96 -29.22
N GLY B 137 34.84 -3.13 -29.28
CA GLY B 137 35.43 -4.33 -28.71
C GLY B 137 35.27 -4.44 -27.22
N HIS B 138 34.58 -3.50 -26.61
CA HIS B 138 34.26 -3.58 -25.21
C HIS B 138 32.76 -3.88 -25.12
N GLY B 139 32.12 -3.40 -24.08
CA GLY B 139 30.70 -3.67 -23.94
C GLY B 139 30.45 -5.09 -23.46
N ARG B 140 29.17 -5.43 -23.36
CA ARG B 140 28.77 -6.73 -22.84
C ARG B 140 27.31 -6.96 -23.19
N SER B 141 26.88 -8.21 -23.05
CA SER B 141 25.47 -8.55 -23.16
C SER B 141 24.92 -8.91 -21.80
N ILE B 142 23.65 -8.56 -21.59
CA ILE B 142 23.00 -8.66 -20.27
C ILE B 142 21.69 -9.42 -20.45
N THR B 143 21.54 -10.53 -19.73
CA THR B 143 20.34 -11.37 -19.88
C THR B 143 19.17 -10.77 -19.11
N TYR B 144 17.98 -11.32 -19.36
CA TYR B 144 16.81 -10.83 -18.62
C TYR B 144 16.96 -11.11 -17.12
N ALA B 145 17.54 -12.26 -16.77
CA ALA B 145 17.76 -12.55 -15.35
C ALA B 145 18.78 -11.60 -14.73
N GLU B 146 19.86 -11.30 -15.47
CA GLU B 146 20.83 -10.32 -14.98
C GLU B 146 20.19 -8.95 -14.81
N LEU B 147 19.33 -8.57 -15.76
CA LEU B 147 18.63 -7.29 -15.69
C LEU B 147 17.72 -7.25 -14.47
N LEU B 148 17.00 -8.35 -14.19
CA LEU B 148 16.15 -8.40 -13.00
C LEU B 148 16.97 -8.19 -11.73
N LYS B 149 18.15 -8.80 -11.66
CA LYS B 149 19.02 -8.60 -10.50
C LYS B 149 19.44 -7.15 -10.35
N GLU B 150 19.90 -6.52 -11.44
CA GLU B 150 20.44 -5.17 -11.29
C GLU B 150 19.35 -4.15 -10.99
N VAL B 151 18.18 -4.29 -11.62
CA VAL B 151 17.05 -3.42 -11.30
C VAL B 151 16.65 -3.60 -9.84
N SER B 152 16.58 -4.85 -9.38
CA SER B 152 16.19 -5.14 -8.00
C SER B 152 17.14 -4.50 -6.99
N ARG B 153 18.45 -4.70 -7.15
CA ARG B 153 19.31 -4.22 -6.07
C ARG B 153 19.50 -2.71 -6.14
N LEU B 154 19.41 -2.10 -7.33
CA LEU B 154 19.38 -0.65 -7.39
C LEU B 154 18.10 -0.10 -6.75
N ALA B 155 16.98 -0.76 -6.98
CA ALA B 155 15.74 -0.36 -6.31
C ALA B 155 15.90 -0.46 -4.79
N TRP B 156 16.54 -1.53 -4.31
CA TRP B 156 16.84 -1.66 -2.89
C TRP B 156 17.64 -0.46 -2.38
N VAL B 157 18.60 0.04 -3.18
CA VAL B 157 19.40 1.19 -2.73
C VAL B 157 18.49 2.39 -2.52
N MET B 158 17.68 2.72 -3.52
CA MET B 158 16.77 3.86 -3.42
C MET B 158 15.81 3.70 -2.25
N LYS B 159 15.20 2.52 -2.13
CA LYS B 159 14.33 2.26 -0.98
C LYS B 159 15.06 2.53 0.33
N SER B 160 16.27 1.97 0.45
CA SER B 160 17.03 2.09 1.69
C SER B 160 17.37 3.54 2.01
N GLN B 161 17.59 4.36 0.98
CA GLN B 161 17.92 5.75 1.18
C GLN B 161 16.68 6.62 1.30
N GLY B 162 15.49 6.02 1.33
CA GLY B 162 14.27 6.75 1.63
C GLY B 162 13.36 7.06 0.46
N VAL B 163 13.70 6.64 -0.76
CA VAL B 163 12.82 6.89 -1.90
C VAL B 163 11.56 6.06 -1.74
N ARG B 164 10.40 6.68 -2.00
CA ARG B 164 9.10 6.04 -1.83
C ARG B 164 8.27 6.19 -3.09
N LYS B 165 7.22 5.38 -3.20
CA LYS B 165 6.27 5.49 -4.30
C LYS B 165 5.78 6.92 -4.46
N GLY B 166 5.85 7.42 -5.69
CA GLY B 166 5.40 8.77 -5.96
C GLY B 166 6.47 9.84 -5.85
N ASP B 167 7.63 9.54 -5.28
CA ASP B 167 8.75 10.48 -5.28
C ASP B 167 9.34 10.55 -6.70
N THR B 168 9.89 11.71 -7.05
CA THR B 168 10.62 11.78 -8.30
C THR B 168 12.10 11.53 -8.04
N VAL B 169 12.77 10.96 -9.04
CA VAL B 169 14.20 10.66 -8.97
C VAL B 169 14.85 11.27 -10.20
N ALA B 170 15.84 12.14 -10.00
CA ALA B 170 16.55 12.75 -11.11
C ALA B 170 17.63 11.80 -11.61
N ILE B 171 17.75 11.67 -12.93
CA ILE B 171 18.70 10.76 -13.55
C ILE B 171 19.54 11.56 -14.53
N TYR B 172 20.86 11.54 -14.36
CA TYR B 172 21.77 12.31 -15.21
C TYR B 172 22.85 11.33 -15.64
N LEU B 173 22.52 10.49 -16.62
CA LEU B 173 23.34 9.36 -17.02
C LEU B 173 23.54 9.36 -18.52
N PRO B 174 24.70 8.92 -18.98
CA PRO B 174 24.92 8.72 -20.41
C PRO B 174 24.36 7.37 -20.85
N MET B 175 24.66 6.99 -22.10
CA MET B 175 24.07 5.79 -22.72
C MET B 175 24.90 4.57 -22.32
N ILE B 176 24.65 4.12 -21.10
CA ILE B 176 25.22 2.88 -20.57
C ILE B 176 24.06 2.04 -20.06
N PRO B 177 24.25 0.73 -19.91
CA PRO B 177 23.11 -0.11 -19.47
C PRO B 177 22.59 0.27 -18.10
N GLU B 178 23.44 0.88 -17.27
CA GLU B 178 22.99 1.37 -15.98
C GLU B 178 21.89 2.42 -16.11
N ALA B 179 21.80 3.12 -17.24
CA ALA B 179 20.66 4.02 -17.43
C ALA B 179 19.35 3.24 -17.49
N ILE B 180 19.34 2.10 -18.19
CA ILE B 180 18.14 1.26 -18.19
C ILE B 180 17.87 0.74 -16.79
N PHE B 181 18.91 0.30 -16.07
CA PHE B 181 18.69 -0.17 -14.70
C PHE B 181 17.98 0.91 -13.89
N ALA B 182 18.38 2.17 -14.08
CA ALA B 182 17.87 3.27 -13.26
C ALA B 182 16.40 3.60 -13.57
N LEU B 183 16.05 3.74 -14.85
CA LEU B 183 14.64 3.96 -15.18
C LEU B 183 13.78 2.84 -14.61
N LEU B 184 14.19 1.59 -14.81
CA LEU B 184 13.31 0.48 -14.42
C LEU B 184 13.32 0.25 -12.92
N ALA B 185 14.43 0.56 -12.24
CA ALA B 185 14.41 0.48 -10.78
C ALA B 185 13.47 1.53 -10.20
N CYS B 186 13.41 2.72 -10.81
CA CYS B 186 12.43 3.71 -10.36
C CYS B 186 11.02 3.19 -10.57
N ALA B 187 10.74 2.68 -11.78
CA ALA B 187 9.43 2.10 -12.05
C ALA B 187 9.10 0.97 -11.07
N ARG B 188 10.11 0.19 -10.68
CA ARG B 188 9.84 -0.97 -9.84
C ARG B 188 9.28 -0.58 -8.48
N ILE B 189 9.75 0.54 -7.90
CA ILE B 189 9.25 0.99 -6.60
C ILE B 189 8.19 2.07 -6.76
N GLY B 190 7.78 2.37 -7.98
CA GLY B 190 6.77 3.39 -8.17
C GLY B 190 7.28 4.80 -8.01
N ALA B 191 8.60 4.99 -7.98
CA ALA B 191 9.15 6.33 -8.08
C ALA B 191 8.97 6.81 -9.53
N ILE B 192 9.10 8.11 -9.71
CA ILE B 192 8.83 8.76 -11.00
C ILE B 192 10.18 9.22 -11.54
N HIS B 193 10.72 8.54 -12.54
CA HIS B 193 12.04 8.96 -13.01
C HIS B 193 11.93 10.25 -13.81
N SER B 194 12.92 11.13 -13.62
CA SER B 194 12.99 12.39 -14.35
C SER B 194 14.38 12.43 -14.98
N VAL B 195 14.47 11.99 -16.22
CA VAL B 195 15.76 11.85 -16.90
C VAL B 195 16.16 13.19 -17.49
N VAL B 196 17.39 13.59 -17.22
CA VAL B 196 17.97 14.83 -17.74
C VAL B 196 19.11 14.44 -18.66
N PHE B 197 18.98 14.78 -19.93
CA PHE B 197 20.01 14.53 -20.93
C PHE B 197 21.39 14.93 -20.41
N ALA B 198 22.35 14.02 -20.51
CA ALA B 198 23.66 14.21 -19.90
C ALA B 198 24.49 15.28 -20.58
N GLY B 199 23.99 15.96 -21.61
CA GLY B 199 24.65 17.11 -22.17
C GLY B 199 24.15 18.46 -21.66
N PHE B 200 23.14 18.48 -20.80
CA PHE B 200 22.64 19.73 -20.24
C PHE B 200 23.63 20.34 -19.26
N SER B 201 23.59 21.67 -19.17
CA SER B 201 24.41 22.43 -18.23
C SER B 201 23.94 22.19 -16.79
N SER B 202 24.71 22.70 -15.83
CA SER B 202 24.29 22.60 -14.43
C SER B 202 23.01 23.40 -14.17
N ASP B 203 22.88 24.58 -14.78
CA ASP B 203 21.66 25.37 -14.61
C ASP B 203 20.43 24.58 -15.05
N SER B 204 20.54 23.92 -16.21
CA SER B 204 19.41 23.16 -16.75
C SER B 204 19.08 21.96 -15.88
N LEU B 205 20.10 21.24 -15.40
CA LEU B 205 19.87 20.14 -14.48
C LEU B 205 19.24 20.63 -13.19
N ARG B 206 19.78 21.72 -12.63
CA ARG B 206 19.20 22.34 -11.44
C ARG B 206 17.72 22.65 -11.62
N ASP B 207 17.38 23.37 -12.69
CA ASP B 207 15.98 23.78 -12.90
C ASP B 207 15.05 22.56 -12.94
N ARG B 208 15.45 21.50 -13.64
CA ARG B 208 14.58 20.32 -13.74
C ARG B 208 14.49 19.60 -12.41
N THR B 209 15.61 19.51 -11.68
CA THR B 209 15.62 18.83 -10.39
C THR B 209 14.81 19.59 -9.35
N LEU B 210 14.85 20.93 -9.40
CA LEU B 210 14.03 21.75 -8.50
C LEU B 210 12.56 21.59 -8.82
N ASP B 211 12.18 21.73 -10.09
CA ASP B 211 10.77 21.67 -10.45
C ASP B 211 10.18 20.31 -10.13
N ALA B 212 10.95 19.24 -10.34
CA ALA B 212 10.49 17.90 -10.01
C ALA B 212 10.46 17.63 -8.52
N ARG B 213 11.10 18.49 -7.72
CA ARG B 213 11.25 18.29 -6.28
C ARG B 213 11.89 16.93 -5.96
N SER B 214 12.88 16.53 -6.76
CA SER B 214 13.55 15.26 -6.54
C SER B 214 14.43 15.31 -5.30
N LYS B 215 14.48 14.21 -4.55
CA LYS B 215 15.32 14.14 -3.36
C LYS B 215 16.52 13.24 -3.56
N PHE B 216 16.65 12.62 -4.72
CA PHE B 216 17.64 11.58 -5.00
C PHE B 216 18.07 11.78 -6.44
N ILE B 217 19.36 11.66 -6.69
CA ILE B 217 19.87 11.81 -8.04
C ILE B 217 20.86 10.68 -8.31
N ILE B 218 20.90 10.25 -9.57
CA ILE B 218 21.76 9.17 -10.03
C ILE B 218 22.60 9.71 -11.18
N THR B 219 23.92 9.52 -11.12
CA THR B 219 24.78 10.02 -12.18
C THR B 219 26.02 9.13 -12.30
N THR B 220 26.93 9.50 -13.20
CA THR B 220 28.21 8.83 -13.38
C THR B 220 29.33 9.70 -12.81
N ASP B 221 30.49 9.10 -12.56
CA ASP B 221 31.64 9.96 -12.28
C ASP B 221 31.96 10.81 -13.49
N GLU B 222 32.02 10.19 -14.67
CA GLU B 222 32.24 10.85 -15.95
C GLU B 222 31.54 10.02 -17.01
N GLY B 223 31.19 10.68 -18.12
CA GLY B 223 30.76 10.00 -19.31
C GLY B 223 31.90 9.94 -20.32
N LYS B 224 31.81 8.98 -21.25
CA LYS B 224 32.77 8.90 -22.37
C LYS B 224 31.96 8.78 -23.65
N ARG B 225 32.14 9.73 -24.56
CA ARG B 225 31.40 9.70 -25.81
C ARG B 225 32.30 10.23 -26.93
N GLY B 226 32.48 9.43 -27.98
CA GLY B 226 33.39 9.82 -29.04
C GLY B 226 34.80 10.00 -28.55
N GLY B 227 35.19 9.28 -27.50
CA GLY B 227 36.51 9.43 -26.93
C GLY B 227 36.71 10.67 -26.08
N LYS B 228 35.67 11.47 -25.86
CA LYS B 228 35.73 12.68 -25.07
C LYS B 228 35.14 12.44 -23.69
N VAL B 229 35.75 13.06 -22.68
CA VAL B 229 35.26 12.96 -21.30
C VAL B 229 34.19 14.02 -21.07
N ILE B 230 33.09 13.61 -20.43
CA ILE B 230 32.04 14.51 -19.97
C ILE B 230 32.07 14.47 -18.44
N GLY B 231 32.36 15.62 -17.83
CA GLY B 231 32.50 15.66 -16.38
C GLY B 231 31.16 15.69 -15.66
N THR B 232 30.43 14.58 -15.68
CA THR B 232 29.06 14.58 -15.17
C THR B 232 29.02 14.88 -13.67
N LYS B 233 29.93 14.29 -12.89
CA LYS B 233 29.87 14.50 -11.44
C LYS B 233 30.10 15.97 -11.10
N LYS B 234 31.00 16.63 -11.83
CA LYS B 234 31.28 18.03 -11.54
C LYS B 234 30.08 18.91 -11.88
N ILE B 235 29.38 18.60 -12.98
CA ILE B 235 28.17 19.33 -13.33
C ILE B 235 27.09 19.10 -12.28
N VAL B 236 26.94 17.86 -11.82
CA VAL B 236 25.95 17.57 -10.79
C VAL B 236 26.30 18.32 -9.51
N ASP B 237 27.58 18.36 -9.13
CA ASP B 237 27.95 19.09 -7.92
C ASP B 237 27.52 20.54 -8.02
N GLU B 238 27.74 21.18 -9.17
CA GLU B 238 27.38 22.59 -9.26
C GLU B 238 25.88 22.77 -9.19
N ALA B 239 25.13 21.88 -9.86
CA ALA B 239 23.66 21.95 -9.79
C ALA B 239 23.15 21.76 -8.37
N LEU B 240 23.73 20.82 -7.62
CA LEU B 240 23.17 20.47 -6.32
C LEU B 240 23.37 21.58 -5.29
N LYS B 241 24.25 22.54 -5.55
CA LYS B 241 24.38 23.68 -4.64
C LYS B 241 23.05 24.41 -4.47
N GLN B 242 22.17 24.33 -5.47
CA GLN B 242 20.88 25.01 -5.42
C GLN B 242 19.72 24.03 -5.39
N CYS B 243 19.97 22.78 -5.01
CA CYS B 243 18.93 21.77 -4.83
C CYS B 243 19.04 21.19 -3.42
N PRO B 244 18.63 21.97 -2.41
CA PRO B 244 18.86 21.56 -1.02
C PRO B 244 18.02 20.36 -0.59
N ASP B 245 17.00 19.99 -1.35
CA ASP B 245 16.20 18.81 -1.00
C ASP B 245 16.85 17.51 -1.44
N VAL B 246 17.88 17.54 -2.28
CA VAL B 246 18.56 16.31 -2.70
C VAL B 246 19.50 15.87 -1.57
N THR B 247 19.18 14.75 -0.95
CA THR B 247 19.97 14.26 0.18
C THR B 247 20.91 13.12 -0.20
N ASN B 248 20.75 12.50 -1.37
CA ASN B 248 21.73 11.51 -1.81
C ASN B 248 21.98 11.64 -3.30
N CYS B 249 23.24 11.41 -3.68
CA CYS B 249 23.69 11.36 -5.07
C CYS B 249 24.39 10.03 -5.29
N LEU B 250 23.78 9.16 -6.09
CA LEU B 250 24.35 7.84 -6.33
C LEU B 250 25.20 7.89 -7.60
N VAL B 251 26.47 7.54 -7.47
CA VAL B 251 27.46 7.74 -8.54
C VAL B 251 27.90 6.39 -9.08
N PHE B 252 27.69 6.18 -10.38
CA PHE B 252 28.24 5.00 -11.06
C PHE B 252 29.66 5.27 -11.54
N LYS B 253 30.57 4.35 -11.21
CA LYS B 253 31.98 4.52 -11.57
C LYS B 253 32.16 4.05 -13.00
N ARG B 254 32.00 4.98 -13.95
CA ARG B 254 32.15 4.63 -15.35
C ARG B 254 33.61 4.72 -15.79
N THR B 255 34.31 5.79 -15.44
CA THR B 255 35.69 5.94 -15.85
C THR B 255 36.69 5.64 -14.74
N GLY B 256 36.27 5.71 -13.48
CA GLY B 256 37.22 5.56 -12.40
C GLY B 256 38.10 6.76 -12.17
N ALA B 257 37.88 7.85 -12.89
CA ALA B 257 38.70 9.03 -12.67
C ALA B 257 38.44 9.62 -11.29
N ASP B 258 39.44 10.31 -10.76
CA ASP B 258 39.24 11.01 -9.50
C ASP B 258 38.24 12.13 -9.72
N VAL B 259 37.19 12.16 -8.89
CA VAL B 259 36.16 13.19 -9.02
C VAL B 259 35.89 13.74 -7.62
N PRO B 260 35.39 14.97 -7.53
CA PRO B 260 35.05 15.52 -6.22
C PRO B 260 34.02 14.64 -5.53
N TRP B 261 34.17 14.51 -4.22
CA TRP B 261 33.30 13.65 -3.41
C TRP B 261 32.82 14.41 -2.19
N THR B 262 31.52 14.32 -1.91
CA THR B 262 30.92 14.98 -0.76
C THR B 262 30.41 13.88 0.18
N LYS B 263 31.14 13.65 1.27
CA LYS B 263 30.74 12.60 2.20
C LYS B 263 29.38 12.95 2.83
N GLY B 264 28.61 11.90 3.14
CA GLY B 264 27.29 12.10 3.70
C GLY B 264 26.20 12.39 2.69
N ARG B 265 26.54 12.56 1.42
CA ARG B 265 25.56 12.78 0.37
C ARG B 265 25.84 11.82 -0.78
N ASP B 266 27.10 11.75 -1.20
CA ASP B 266 27.48 10.94 -2.35
C ASP B 266 27.65 9.47 -1.93
N LEU B 267 27.21 8.56 -2.80
CA LEU B 267 27.35 7.13 -2.59
C LEU B 267 27.80 6.47 -3.88
N TRP B 268 28.60 5.42 -3.75
CA TRP B 268 29.07 4.68 -4.90
C TRP B 268 28.05 3.60 -5.25
N TRP B 269 27.61 3.58 -6.50
CA TRP B 269 26.68 2.56 -6.98
C TRP B 269 27.18 1.15 -6.66
N HIS B 270 28.42 0.83 -7.03
CA HIS B 270 28.92 -0.53 -6.84
C HIS B 270 28.98 -0.92 -5.36
N GLU B 271 29.32 0.04 -4.47
CA GLU B 271 29.37 -0.26 -3.04
C GLU B 271 27.97 -0.49 -2.47
N GLU B 272 26.99 0.28 -2.91
CA GLU B 272 25.68 0.15 -2.28
C GLU B 272 24.95 -1.09 -2.76
N VAL B 273 25.01 -1.39 -4.07
CA VAL B 273 24.19 -2.51 -4.55
C VAL B 273 24.72 -3.83 -3.99
N ASP B 274 26.01 -3.91 -3.69
CA ASP B 274 26.55 -5.14 -3.11
C ASP B 274 25.92 -5.44 -1.75
N LYS B 275 25.34 -4.45 -1.10
CA LYS B 275 24.73 -4.64 0.21
C LYS B 275 23.40 -5.39 0.14
N TYR B 276 22.73 -5.38 -1.01
CA TYR B 276 21.31 -5.64 -1.06
C TYR B 276 20.99 -6.90 -1.87
N PRO B 277 19.83 -7.51 -1.61
CA PRO B 277 19.45 -8.72 -2.34
C PRO B 277 19.33 -8.50 -3.83
N ASN B 278 19.37 -9.61 -4.57
CA ASN B 278 19.29 -9.61 -6.02
C ASN B 278 17.87 -9.73 -6.54
N TYR B 279 16.89 -9.70 -5.64
CA TYR B 279 15.49 -9.63 -6.02
C TYR B 279 14.78 -8.66 -5.08
N LEU B 280 13.79 -7.95 -5.61
CA LEU B 280 12.92 -7.10 -4.82
C LEU B 280 11.52 -7.20 -5.41
N PRO B 281 10.50 -7.31 -4.58
CA PRO B 281 9.11 -7.22 -5.07
C PRO B 281 8.89 -5.94 -5.89
N ALA B 282 7.95 -6.02 -6.84
CA ALA B 282 7.55 -4.86 -7.63
C ALA B 282 6.33 -4.19 -6.98
N GLU B 283 6.38 -2.86 -6.88
CA GLU B 283 5.28 -2.10 -6.29
C GLU B 283 4.06 -2.14 -7.19
N SER B 284 2.89 -2.40 -6.61
CA SER B 284 1.64 -2.45 -7.38
C SER B 284 1.17 -1.04 -7.73
N MET B 285 1.15 -0.71 -9.01
CA MET B 285 0.80 0.63 -9.48
C MET B 285 -0.57 0.67 -10.14
N ASP B 286 -1.26 1.80 -9.97
CA ASP B 286 -2.47 2.06 -10.75
C ASP B 286 -2.10 2.33 -12.21
N SER B 287 -2.99 1.96 -13.14
CA SER B 287 -2.81 2.34 -14.54
C SER B 287 -2.47 3.82 -14.70
N GLU B 288 -3.01 4.69 -13.85
CA GLU B 288 -2.80 6.12 -14.01
C GLU B 288 -1.83 6.72 -13.00
N ASP B 289 -1.08 5.89 -12.28
CA ASP B 289 0.02 6.44 -11.50
C ASP B 289 1.08 7.01 -12.44
N PRO B 290 1.75 8.10 -12.07
CA PRO B 290 2.79 8.64 -12.95
C PRO B 290 3.92 7.64 -13.09
N LEU B 291 4.43 7.52 -14.31
CA LEU B 291 5.60 6.69 -14.61
C LEU B 291 6.86 7.52 -14.77
N PHE B 292 6.79 8.62 -15.53
CA PHE B 292 7.97 9.48 -15.62
C PHE B 292 7.58 10.89 -16.00
N LEU B 293 8.52 11.80 -15.79
CA LEU B 293 8.52 13.18 -16.24
C LEU B 293 9.63 13.33 -17.27
N LEU B 294 9.36 14.07 -18.33
CA LEU B 294 10.41 14.38 -19.29
C LEU B 294 10.29 15.85 -19.63
N TYR B 295 11.27 16.63 -19.20
CA TYR B 295 11.22 18.07 -19.43
C TYR B 295 11.48 18.37 -20.90
N THR B 296 10.63 19.19 -21.50
CA THR B 296 10.74 19.52 -22.92
C THR B 296 10.41 20.98 -23.12
N SER B 297 11.11 21.60 -24.07
CA SER B 297 10.95 23.02 -24.34
C SER B 297 9.64 23.30 -25.07
N GLY B 298 8.99 24.41 -24.70
CA GLY B 298 7.77 24.85 -25.32
C GLY B 298 7.95 26.15 -26.08
N SER B 299 6.86 26.55 -26.75
CA SER B 299 6.89 27.78 -27.53
C SER B 299 7.31 28.97 -26.66
N THR B 300 6.65 29.13 -25.53
CA THR B 300 7.03 30.13 -24.53
C THR B 300 7.25 29.44 -23.19
N GLY B 301 7.96 30.13 -22.32
CA GLY B 301 8.08 29.69 -20.94
C GLY B 301 9.23 28.74 -20.71
N LYS B 302 9.37 28.39 -19.43
CA LYS B 302 10.38 27.44 -18.99
C LYS B 302 10.04 26.04 -19.50
N PRO B 303 11.02 25.13 -19.54
CA PRO B 303 10.73 23.75 -19.95
C PRO B 303 9.61 23.13 -19.11
N LYS B 304 8.74 22.40 -19.79
CA LYS B 304 7.59 21.74 -19.19
C LYS B 304 7.98 20.32 -18.77
N GLY B 305 7.65 19.94 -17.54
CA GLY B 305 7.75 18.55 -17.15
C GLY B 305 6.60 17.71 -17.71
N VAL B 306 6.78 17.14 -18.91
CA VAL B 306 5.72 16.36 -19.54
C VAL B 306 5.56 15.05 -18.79
N MET B 307 4.36 14.76 -18.28
CA MET B 307 4.13 13.61 -17.44
CA MET B 307 4.12 13.60 -17.44
C MET B 307 3.38 12.51 -18.20
N HIS B 308 3.93 11.30 -18.15
CA HIS B 308 3.31 10.11 -18.71
C HIS B 308 2.94 9.19 -17.57
N THR B 309 1.73 8.61 -17.63
CA THR B 309 1.36 7.63 -16.62
C THR B 309 1.74 6.23 -17.12
N THR B 310 1.11 5.19 -16.58
CA THR B 310 1.73 3.88 -16.68
C THR B 310 1.12 2.98 -17.76
N ALA B 311 -0.16 2.59 -17.62
CA ALA B 311 -0.71 1.58 -18.53
C ALA B 311 -0.78 2.09 -19.97
N GLY B 312 -1.42 3.25 -20.17
CA GLY B 312 -1.56 3.77 -21.52
C GLY B 312 -0.23 3.96 -22.22
N TYR B 313 0.75 4.54 -21.52
CA TYR B 313 2.07 4.71 -22.10
C TYR B 313 2.68 3.37 -22.52
N LEU B 314 2.61 2.36 -21.65
CA LEU B 314 3.21 1.07 -22.00
C LEU B 314 2.46 0.40 -23.14
N VAL B 315 1.14 0.48 -23.14
CA VAL B 315 0.37 -0.11 -24.22
C VAL B 315 0.76 0.53 -25.55
N GLY B 316 0.92 1.86 -25.57
CA GLY B 316 1.31 2.52 -26.79
C GLY B 316 2.72 2.17 -27.24
N ALA B 317 3.65 2.08 -26.28
CA ALA B 317 5.00 1.66 -26.61
C ALA B 317 5.01 0.24 -27.20
N ALA B 318 4.36 -0.70 -26.53
CA ALA B 318 4.33 -2.09 -27.03
C ALA B 318 3.62 -2.20 -28.37
N ALA B 319 2.47 -1.54 -28.51
CA ALA B 319 1.70 -1.61 -29.76
C ALA B 319 2.50 -1.05 -30.92
N THR B 320 3.16 0.10 -30.72
CA THR B 320 3.94 0.66 -31.82
C THR B 320 5.21 -0.14 -32.08
N GLY B 321 5.92 -0.58 -31.03
CA GLY B 321 7.07 -1.44 -31.27
C GLY B 321 6.69 -2.66 -32.08
N LYS B 322 5.54 -3.26 -31.75
CA LYS B 322 5.10 -4.46 -32.45
C LYS B 322 4.73 -4.14 -33.89
N TYR B 323 3.77 -3.23 -34.09
CA TYR B 323 3.18 -3.05 -35.41
C TYR B 323 3.92 -2.04 -36.28
N VAL B 324 4.59 -1.05 -35.70
CA VAL B 324 5.36 -0.12 -36.52
C VAL B 324 6.72 -0.72 -36.85
N PHE B 325 7.43 -1.22 -35.85
CA PHE B 325 8.79 -1.73 -36.06
C PHE B 325 8.83 -3.24 -36.30
N ASP B 326 7.69 -3.92 -36.34
CA ASP B 326 7.67 -5.35 -36.66
C ASP B 326 8.54 -6.14 -35.70
N ILE B 327 8.47 -5.80 -34.40
CA ILE B 327 9.33 -6.45 -33.41
C ILE B 327 8.76 -7.82 -33.05
N HIS B 328 9.62 -8.84 -33.10
CA HIS B 328 9.35 -10.17 -32.62
C HIS B 328 10.34 -10.47 -31.51
N PRO B 329 10.03 -11.42 -30.62
CA PRO B 329 10.92 -11.65 -29.46
C PRO B 329 12.38 -11.92 -29.81
N ALA B 330 12.68 -12.60 -30.92
CA ALA B 330 14.09 -12.88 -31.21
C ALA B 330 14.85 -11.70 -31.81
N ASP B 331 14.20 -10.57 -32.07
CA ASP B 331 14.86 -9.48 -32.78
C ASP B 331 15.92 -8.78 -31.91
N ARG B 332 16.80 -8.07 -32.59
CA ARG B 332 17.83 -7.23 -31.97
C ARG B 332 17.56 -5.79 -32.41
N PHE B 333 16.94 -4.99 -31.54
CA PHE B 333 16.47 -3.66 -31.88
C PHE B 333 17.49 -2.59 -31.48
N PHE B 334 17.78 -1.67 -32.39
CA PHE B 334 18.81 -0.64 -32.18
C PHE B 334 18.25 0.74 -32.50
N CYS B 335 17.87 1.48 -31.47
CA CYS B 335 17.55 2.90 -31.59
C CYS B 335 18.78 3.72 -31.26
N GLY B 336 19.14 4.65 -32.14
CA GLY B 336 20.30 5.49 -31.94
C GLY B 336 20.07 6.74 -31.11
N GLY B 337 18.89 6.91 -30.53
CA GLY B 337 18.57 8.10 -29.78
C GLY B 337 18.91 7.99 -28.30
N ASP B 338 19.16 9.13 -27.69
CA ASP B 338 19.64 9.16 -26.32
C ASP B 338 18.49 8.94 -25.34
N VAL B 339 18.81 8.30 -24.20
CA VAL B 339 17.81 8.10 -23.16
C VAL B 339 17.30 9.43 -22.62
N GLY B 340 18.06 10.51 -22.80
CA GLY B 340 17.63 11.82 -22.37
C GLY B 340 16.44 12.39 -23.12
N TRP B 341 16.02 11.76 -24.22
CA TRP B 341 14.89 12.23 -25.01
C TRP B 341 13.82 11.16 -25.11
N ILE B 342 12.64 11.55 -25.61
CA ILE B 342 11.52 10.61 -25.65
C ILE B 342 11.85 9.41 -26.53
N THR B 343 12.59 9.62 -27.63
CA THR B 343 12.90 8.49 -28.50
CA THR B 343 12.92 8.49 -28.50
C THR B 343 13.65 7.40 -27.73
N GLY B 344 14.60 7.79 -26.89
CA GLY B 344 15.29 6.81 -26.06
C GLY B 344 14.38 6.20 -25.01
N HIS B 345 13.52 7.00 -24.37
CA HIS B 345 12.59 6.44 -23.40
C HIS B 345 11.76 5.32 -24.03
N THR B 346 11.09 5.64 -25.13
CA THR B 346 10.08 4.73 -25.65
C THR B 346 10.70 3.58 -26.43
N TYR B 347 11.80 3.83 -27.18
CA TYR B 347 12.27 2.83 -28.11
C TYR B 347 13.67 2.29 -27.82
N VAL B 348 14.49 2.95 -27.01
CA VAL B 348 15.64 2.21 -26.48
C VAL B 348 15.19 1.34 -25.30
N VAL B 349 14.30 1.87 -24.45
CA VAL B 349 14.01 1.19 -23.19
C VAL B 349 12.68 0.45 -23.24
N TYR B 350 11.56 1.18 -23.24
CA TYR B 350 10.29 0.53 -22.87
C TYR B 350 9.79 -0.43 -23.96
N ALA B 351 9.68 0.01 -25.21
CA ALA B 351 9.04 -0.86 -26.22
C ALA B 351 9.77 -2.18 -26.42
N PRO B 352 11.08 -2.22 -26.70
CA PRO B 352 11.71 -3.53 -26.94
C PRO B 352 11.67 -4.42 -25.71
N LEU B 353 11.91 -3.85 -24.52
CA LEU B 353 11.89 -4.72 -23.34
C LEU B 353 10.47 -5.19 -23.03
N LEU B 354 9.46 -4.33 -23.20
CA LEU B 354 8.08 -4.81 -23.04
C LEU B 354 7.81 -6.01 -23.92
N LEU B 355 8.30 -5.97 -25.14
CA LEU B 355 8.05 -7.04 -26.11
C LEU B 355 8.99 -8.23 -25.95
N GLY B 356 9.94 -8.15 -25.02
CA GLY B 356 10.82 -9.27 -24.72
C GLY B 356 11.95 -9.51 -25.71
N CYS B 357 12.29 -8.51 -26.54
CA CYS B 357 13.38 -8.74 -27.49
C CYS B 357 14.68 -8.17 -26.88
N THR B 358 15.70 -7.99 -27.72
CA THR B 358 16.98 -7.43 -27.31
C THR B 358 17.07 -5.99 -27.77
N THR B 359 17.59 -5.11 -26.90
CA THR B 359 17.76 -3.72 -27.25
C THR B 359 19.23 -3.34 -27.10
N VAL B 360 19.70 -2.50 -28.01
CA VAL B 360 21.10 -2.08 -28.05
C VAL B 360 21.23 -0.72 -27.36
N VAL B 361 22.12 -0.64 -26.37
CA VAL B 361 22.47 0.61 -25.71
C VAL B 361 23.83 1.02 -26.24
N PHE B 362 23.88 2.11 -27.02
CA PHE B 362 25.06 2.52 -27.78
C PHE B 362 25.62 3.78 -27.16
N GLU B 363 26.83 3.70 -26.62
CA GLU B 363 27.46 4.78 -25.88
C GLU B 363 28.21 5.78 -26.76
N SER B 364 28.45 5.45 -28.02
CA SER B 364 29.37 6.28 -28.81
C SER B 364 28.58 7.20 -29.74
N THR B 365 29.24 7.67 -30.80
CA THR B 365 28.68 8.50 -31.85
C THR B 365 28.81 7.76 -33.18
N PRO B 366 28.04 8.16 -34.21
CA PRO B 366 28.18 7.51 -35.52
C PRO B 366 29.51 7.78 -36.20
N ALA B 367 30.37 8.59 -35.61
CA ALA B 367 31.63 8.96 -36.23
C ALA B 367 32.86 8.46 -35.47
N TYR B 368 32.67 7.80 -34.33
CA TYR B 368 33.82 7.38 -33.54
C TYR B 368 33.90 5.86 -33.47
N PRO B 369 35.06 5.25 -33.72
CA PRO B 369 36.32 5.91 -34.08
C PRO B 369 36.33 6.38 -35.53
N ASN B 370 35.36 5.96 -36.34
CA ASN B 370 35.26 6.40 -37.71
C ASN B 370 33.80 6.34 -38.13
N PHE B 371 33.52 6.80 -39.36
CA PHE B 371 32.15 6.91 -39.85
C PHE B 371 31.49 5.57 -40.14
N SER B 372 32.21 4.46 -40.01
CA SER B 372 31.59 3.15 -40.19
C SER B 372 30.89 2.65 -38.93
N ARG B 373 30.92 3.40 -37.82
CA ARG B 373 30.60 2.80 -36.51
C ARG B 373 29.19 2.21 -36.47
N TYR B 374 28.17 2.93 -36.95
CA TYR B 374 26.82 2.37 -36.91
C TYR B 374 26.76 1.00 -37.58
N TRP B 375 27.34 0.89 -38.77
CA TRP B 375 27.28 -0.36 -39.52
C TRP B 375 28.15 -1.42 -38.86
N ASP B 376 29.28 -1.03 -38.28
CA ASP B 376 30.07 -1.98 -37.48
C ASP B 376 29.20 -2.63 -36.41
N VAL B 377 28.42 -1.80 -35.71
CA VAL B 377 27.61 -2.27 -34.59
C VAL B 377 26.49 -3.18 -35.10
N ILE B 378 25.79 -2.73 -36.14
CA ILE B 378 24.67 -3.50 -36.68
C ILE B 378 25.16 -4.84 -37.20
N GLU B 379 26.30 -4.86 -37.87
CA GLU B 379 26.86 -6.11 -38.39
C GLU B 379 27.33 -7.02 -37.27
N LYS B 380 27.98 -6.47 -36.25
CA LYS B 380 28.50 -7.30 -35.17
C LYS B 380 27.36 -7.98 -34.41
N HIS B 381 26.30 -7.24 -34.11
CA HIS B 381 25.22 -7.76 -33.26
C HIS B 381 24.04 -8.29 -34.05
N LYS B 382 24.13 -8.31 -35.38
CA LYS B 382 23.08 -8.87 -36.24
C LYS B 382 21.76 -8.15 -36.01
N VAL B 383 21.82 -6.82 -36.02
CA VAL B 383 20.67 -6.00 -35.71
C VAL B 383 19.60 -6.12 -36.78
N THR B 384 18.34 -6.22 -36.36
CA THR B 384 17.21 -6.43 -37.24
C THR B 384 16.43 -5.17 -37.54
N GLN B 385 16.43 -4.19 -36.62
CA GLN B 385 15.79 -2.92 -36.85
C GLN B 385 16.72 -1.83 -36.34
N PHE B 386 16.85 -0.75 -37.11
CA PHE B 386 17.67 0.38 -36.75
C PHE B 386 16.83 1.64 -36.85
N TYR B 387 16.99 2.55 -35.88
CA TYR B 387 16.13 3.72 -35.74
C TYR B 387 17.00 4.95 -35.49
N VAL B 388 16.96 5.92 -36.41
CA VAL B 388 17.96 6.97 -36.48
C VAL B 388 17.28 8.31 -36.82
N ALA B 389 18.01 9.42 -36.56
CA ALA B 389 17.53 10.72 -37.02
C ALA B 389 18.15 11.07 -38.36
N PRO B 390 17.40 11.81 -39.21
CA PRO B 390 17.96 12.25 -40.50
C PRO B 390 19.24 13.07 -40.39
N THR B 391 19.45 13.82 -39.30
CA THR B 391 20.70 14.55 -39.14
CA THR B 391 20.71 14.55 -39.15
C THR B 391 21.89 13.60 -39.21
N ALA B 392 21.81 12.45 -38.54
CA ALA B 392 22.89 11.48 -38.59
C ALA B 392 23.02 10.89 -39.99
N LEU B 393 21.89 10.61 -40.66
CA LEU B 393 21.95 10.10 -42.03
C LEU B 393 22.60 11.09 -42.96
N ARG B 394 22.27 12.39 -42.82
CA ARG B 394 22.91 13.39 -43.68
C ARG B 394 24.40 13.48 -43.42
N LEU B 395 24.80 13.44 -42.14
CA LEU B 395 26.22 13.45 -41.80
C LEU B 395 26.95 12.29 -42.46
N LEU B 396 26.36 11.09 -42.39
CA LEU B 396 27.04 9.92 -42.92
C LEU B 396 27.00 9.88 -44.44
N LYS B 397 25.88 10.28 -45.04
CA LYS B 397 25.83 10.39 -46.50
C LYS B 397 26.89 11.36 -47.01
N ARG B 398 27.08 12.47 -46.29
CA ARG B 398 28.12 13.43 -46.65
C ARG B 398 29.51 12.81 -46.56
N ALA B 399 29.74 11.99 -45.53
CA ALA B 399 31.07 11.41 -45.35
C ALA B 399 31.45 10.50 -46.51
N GLY B 400 30.47 9.86 -47.16
CA GLY B 400 30.77 9.07 -48.34
C GLY B 400 30.46 7.60 -48.20
N ASP B 401 30.06 6.95 -49.30
CA ASP B 401 29.61 5.57 -49.21
C ASP B 401 30.75 4.59 -48.94
N HIS B 402 32.00 5.01 -49.08
CA HIS B 402 33.08 4.07 -48.84
C HIS B 402 33.18 3.69 -47.37
N HIS B 403 32.53 4.42 -46.47
CA HIS B 403 32.46 4.02 -45.08
C HIS B 403 31.45 2.92 -44.83
N ILE B 404 30.61 2.58 -45.82
CA ILE B 404 29.55 1.60 -45.67
C ILE B 404 29.84 0.43 -46.59
N ASN B 405 30.09 -0.72 -45.99
CA ASN B 405 30.44 -1.92 -46.73
C ASN B 405 30.30 -3.10 -45.79
N HIS B 406 29.06 -3.37 -45.37
CA HIS B 406 28.74 -4.29 -44.29
C HIS B 406 27.57 -5.14 -44.75
N GLU B 407 27.65 -6.47 -44.54
CA GLU B 407 26.58 -7.34 -45.03
C GLU B 407 25.24 -6.98 -44.39
N MET B 408 25.19 -6.91 -43.06
CA MET B 408 23.98 -6.55 -42.32
C MET B 408 22.76 -7.33 -42.83
N LYS B 409 22.91 -8.65 -42.94
CA LYS B 409 21.90 -9.44 -43.64
C LYS B 409 20.57 -9.46 -42.90
N ASP B 410 20.56 -9.22 -41.59
CA ASP B 410 19.33 -9.27 -40.79
C ASP B 410 18.58 -7.95 -40.75
N LEU B 411 19.16 -6.88 -41.28
CA LEU B 411 18.57 -5.55 -41.13
C LEU B 411 17.38 -5.43 -42.09
N ARG B 412 16.17 -5.39 -41.55
CA ARG B 412 14.98 -5.36 -42.39
C ARG B 412 14.07 -4.14 -42.18
N ILE B 413 14.24 -3.40 -41.08
CA ILE B 413 13.47 -2.20 -40.81
C ILE B 413 14.44 -1.06 -40.58
N LEU B 414 14.22 0.06 -41.27
CA LEU B 414 15.04 1.26 -41.12
C LEU B 414 14.09 2.39 -40.73
N GLY B 415 14.09 2.76 -39.45
CA GLY B 415 13.24 3.85 -38.98
C GLY B 415 13.95 5.19 -39.00
N SER B 416 13.17 6.25 -39.13
CA SER B 416 13.68 7.61 -39.11
C SER B 416 12.74 8.48 -38.29
N VAL B 417 13.29 9.44 -37.52
CA VAL B 417 12.46 10.23 -36.62
C VAL B 417 13.04 11.63 -36.47
N GLY B 418 12.17 12.63 -36.34
CA GLY B 418 12.55 13.97 -35.90
C GLY B 418 12.30 15.05 -36.94
N GLU B 419 12.39 14.71 -38.22
CA GLU B 419 12.08 15.58 -39.34
C GLU B 419 11.80 14.68 -40.55
N PRO B 420 11.14 15.19 -41.59
CA PRO B 420 10.86 14.32 -42.73
C PRO B 420 12.18 13.88 -43.33
N ILE B 421 12.25 12.63 -43.76
CA ILE B 421 13.47 12.17 -44.39
C ILE B 421 13.36 12.51 -45.87
N ALA B 422 14.11 13.53 -46.29
CA ALA B 422 14.00 14.11 -47.62
C ALA B 422 14.36 13.09 -48.70
N ALA B 423 13.88 13.37 -49.92
CA ALA B 423 13.93 12.42 -51.03
C ALA B 423 15.33 11.85 -51.23
N GLU B 424 16.35 12.72 -51.31
CA GLU B 424 17.71 12.24 -51.56
C GLU B 424 18.25 11.42 -50.38
N VAL B 425 17.92 11.83 -49.15
CA VAL B 425 18.33 11.06 -47.98
C VAL B 425 17.55 9.75 -47.93
N TRP B 426 16.23 9.82 -48.21
CA TRP B 426 15.41 8.61 -48.25
C TRP B 426 15.98 7.59 -49.23
N LYS B 427 16.29 8.04 -50.45
CA LYS B 427 16.80 7.13 -51.47
C LYS B 427 18.13 6.49 -51.05
N TRP B 428 19.01 7.28 -50.44
CA TRP B 428 20.27 6.75 -49.93
C TRP B 428 20.05 5.74 -48.80
N TYR B 429 19.16 6.07 -47.86
CA TYR B 429 18.82 5.14 -46.79
C TYR B 429 18.28 3.83 -47.35
N HIS B 430 17.40 3.92 -48.35
CA HIS B 430 16.76 2.72 -48.91
C HIS B 430 17.75 1.89 -49.71
N GLU B 431 18.50 2.53 -50.59
CA GLU B 431 19.31 1.81 -51.56
C GLU B 431 20.70 1.48 -51.04
N VAL B 432 21.36 2.43 -50.38
CA VAL B 432 22.73 2.20 -49.94
C VAL B 432 22.75 1.47 -48.60
N VAL B 433 22.04 2.00 -47.60
CA VAL B 433 22.05 1.38 -46.28
C VAL B 433 21.26 0.08 -46.29
N GLY B 434 20.05 0.12 -46.82
CA GLY B 434 19.16 -1.03 -46.75
C GLY B 434 19.29 -2.02 -47.87
N LYS B 435 20.09 -1.70 -48.90
CA LYS B 435 20.30 -2.57 -50.06
C LYS B 435 19.00 -2.90 -50.76
N ARG B 436 18.00 -2.02 -50.67
CA ARG B 436 16.65 -2.25 -51.20
C ARG B 436 16.00 -3.49 -50.58
N GLN B 437 16.51 -3.95 -49.44
CA GLN B 437 15.94 -5.10 -48.77
C GLN B 437 15.17 -4.76 -47.51
N ALA B 438 15.23 -3.50 -47.06
CA ALA B 438 14.60 -3.07 -45.82
C ALA B 438 13.48 -2.08 -46.10
N HIS B 439 12.56 -1.98 -45.14
CA HIS B 439 11.43 -1.07 -45.23
C HIS B 439 11.76 0.18 -44.43
N ILE B 440 11.71 1.34 -45.06
CA ILE B 440 11.99 2.62 -44.39
CA ILE B 440 12.00 2.60 -44.37
C ILE B 440 10.70 3.13 -43.77
N VAL B 441 10.72 3.38 -42.46
CA VAL B 441 9.56 3.82 -41.71
C VAL B 441 9.87 5.20 -41.12
N ASP B 442 9.24 6.24 -41.68
CA ASP B 442 9.38 7.60 -41.19
C ASP B 442 8.29 7.84 -40.14
N THR B 443 8.67 7.84 -38.86
CA THR B 443 7.73 7.92 -37.75
C THR B 443 7.59 9.37 -37.28
N TYR B 444 6.39 9.92 -37.38
CA TYR B 444 6.10 11.23 -36.79
C TYR B 444 5.47 11.05 -35.42
N TRP B 445 5.98 11.78 -34.44
CA TRP B 445 5.40 11.81 -33.09
C TRP B 445 6.12 12.91 -32.30
N GLN B 446 5.84 12.98 -31.00
CA GLN B 446 6.45 14.01 -30.17
C GLN B 446 6.47 13.52 -28.73
N THR B 447 7.26 14.21 -27.90
CA THR B 447 7.32 13.87 -26.47
C THR B 447 5.93 13.67 -25.90
N GLU B 448 5.00 14.58 -26.23
CA GLU B 448 3.67 14.56 -25.65
C GLU B 448 2.81 13.39 -26.13
N THR B 449 3.17 12.75 -27.25
CA THR B 449 2.30 11.66 -27.72
C THR B 449 2.75 10.30 -27.20
N GLY B 450 3.92 10.20 -26.57
CA GLY B 450 4.35 8.96 -25.95
C GLY B 450 4.97 7.95 -26.91
N SER B 451 4.36 7.80 -28.09
CA SER B 451 4.75 6.80 -29.08
C SER B 451 4.32 7.30 -30.46
N HIS B 452 4.70 6.57 -31.51
CA HIS B 452 4.39 6.98 -32.88
C HIS B 452 2.91 7.27 -33.07
N VAL B 453 2.59 8.29 -33.88
CA VAL B 453 1.18 8.60 -34.11
C VAL B 453 0.85 8.65 -35.60
N ILE B 454 1.79 9.09 -36.44
CA ILE B 454 1.60 9.02 -37.89
C ILE B 454 2.85 8.39 -38.47
N THR B 455 2.70 7.23 -39.11
CA THR B 455 3.84 6.41 -39.48
C THR B 455 3.41 5.26 -40.38
N PRO B 456 4.26 4.81 -41.29
CA PRO B 456 4.02 3.51 -41.94
C PRO B 456 4.17 2.39 -40.92
N LEU B 457 3.49 1.27 -41.20
CA LEU B 457 3.72 0.05 -40.42
C LEU B 457 4.74 -0.81 -41.14
N GLY B 458 5.80 -1.19 -40.42
CA GLY B 458 6.88 -1.95 -40.99
C GLY B 458 6.43 -3.23 -41.66
N GLY B 459 6.82 -3.41 -42.92
CA GLY B 459 6.43 -4.59 -43.65
C GLY B 459 5.03 -4.55 -44.22
N ILE B 460 4.32 -3.44 -44.06
CA ILE B 460 2.90 -3.38 -44.46
C ILE B 460 2.61 -2.18 -45.35
N THR B 461 2.87 -0.98 -44.84
CA THR B 461 2.35 0.24 -45.45
C THR B 461 3.20 0.67 -46.64
N PRO B 462 2.61 0.87 -47.83
CA PRO B 462 3.36 1.50 -48.93
C PRO B 462 3.73 2.92 -48.56
N THR B 463 4.92 3.35 -48.97
CA THR B 463 5.45 4.62 -48.48
C THR B 463 5.72 5.58 -49.63
N LYS B 464 5.84 6.86 -49.27
CA LYS B 464 6.28 7.93 -50.14
C LYS B 464 7.48 8.61 -49.50
N PRO B 465 8.54 8.91 -50.25
CA PRO B 465 9.68 9.64 -49.66
C PRO B 465 9.27 11.02 -49.20
N GLY B 466 9.52 11.32 -47.91
CA GLY B 466 9.21 12.59 -47.32
C GLY B 466 7.88 12.66 -46.61
N SER B 467 7.09 11.59 -46.65
CA SER B 467 5.78 11.54 -46.03
C SER B 467 5.80 10.57 -44.85
N ALA B 468 5.10 10.94 -43.77
CA ALA B 468 4.91 10.05 -42.63
C ALA B 468 3.83 9.01 -42.89
N SER B 469 3.15 9.09 -44.03
CA SER B 469 2.08 8.19 -44.49
CA SER B 469 2.11 8.15 -44.45
C SER B 469 0.82 8.32 -43.64
N LEU B 470 0.45 7.29 -42.88
CA LEU B 470 -0.90 7.15 -42.35
C LEU B 470 -0.92 7.07 -40.82
N PRO B 471 -2.05 7.41 -40.20
CA PRO B 471 -2.09 7.39 -38.73
C PRO B 471 -1.94 5.98 -38.18
N PHE B 472 -1.33 5.92 -37.00
CA PHE B 472 -1.31 4.68 -36.24
C PHE B 472 -2.70 4.40 -35.67
N PHE B 473 -2.91 3.16 -35.21
CA PHE B 473 -4.16 2.81 -34.55
C PHE B 473 -4.51 3.81 -33.46
N GLY B 474 -5.77 4.24 -33.43
CA GLY B 474 -6.25 5.11 -32.37
C GLY B 474 -5.99 6.58 -32.60
N ILE B 475 -5.29 6.94 -33.66
CA ILE B 475 -4.97 8.33 -33.96
C ILE B 475 -5.90 8.81 -35.07
N ASP B 476 -6.65 9.87 -34.79
CA ASP B 476 -7.69 10.39 -35.67
C ASP B 476 -7.26 11.78 -36.09
N PRO B 477 -6.43 11.91 -37.13
CA PRO B 477 -5.87 13.22 -37.45
C PRO B 477 -6.81 14.06 -38.28
N VAL B 478 -6.72 15.38 -38.05
CA VAL B 478 -7.52 16.35 -38.79
C VAL B 478 -6.62 17.53 -39.15
N ILE B 479 -7.01 18.24 -40.19
CA ILE B 479 -6.33 19.42 -40.68
C ILE B 479 -7.23 20.62 -40.39
N LEU B 480 -6.72 21.58 -39.63
CA LEU B 480 -7.51 22.73 -39.19
C LEU B 480 -7.06 23.99 -39.91
N ASP B 481 -8.01 24.86 -40.21
CA ASP B 481 -7.66 26.19 -40.67
C ASP B 481 -7.00 26.93 -39.52
N PRO B 482 -5.82 27.54 -39.74
CA PRO B 482 -5.09 28.12 -38.59
C PRO B 482 -5.85 29.21 -37.87
N VAL B 483 -6.54 30.10 -38.59
CA VAL B 483 -7.19 31.23 -37.95
C VAL B 483 -8.56 30.84 -37.40
N THR B 484 -9.42 30.26 -38.24
CA THR B 484 -10.76 29.92 -37.80
C THR B 484 -10.80 28.66 -36.93
N GLY B 485 -9.78 27.82 -37.00
CA GLY B 485 -9.80 26.55 -36.30
C GLY B 485 -10.75 25.52 -36.86
N ALA B 486 -11.38 25.79 -37.99
CA ALA B 486 -12.35 24.86 -38.58
C ALA B 486 -11.66 23.69 -39.25
N GLU B 487 -12.29 22.52 -39.17
CA GLU B 487 -11.83 21.36 -39.92
C GLU B 487 -11.86 21.65 -41.41
N ILE B 488 -10.81 21.23 -42.11
CA ILE B 488 -10.77 21.28 -43.56
C ILE B 488 -10.95 19.85 -44.07
N PRO B 489 -12.08 19.51 -44.66
CA PRO B 489 -12.35 18.11 -45.00
C PRO B 489 -11.70 17.72 -46.33
N GLY B 490 -11.67 16.41 -46.57
CA GLY B 490 -11.23 15.90 -47.85
C GLY B 490 -9.71 15.83 -47.97
N ASN B 491 -9.28 15.37 -49.12
CA ASN B 491 -7.86 15.20 -49.39
C ASN B 491 -7.32 16.38 -50.19
N ASP B 492 -5.99 16.45 -50.27
CA ASP B 492 -5.25 17.59 -50.82
C ASP B 492 -5.63 18.89 -50.10
N VAL B 493 -5.37 18.89 -48.79
CA VAL B 493 -5.63 20.03 -47.92
C VAL B 493 -4.39 20.26 -47.05
N GLU B 494 -4.27 21.49 -46.52
CA GLU B 494 -3.14 21.85 -45.69
C GLU B 494 -3.59 22.77 -44.57
N GLY B 495 -2.82 22.78 -43.49
CA GLY B 495 -3.14 23.61 -42.33
C GLY B 495 -2.48 23.07 -41.07
N ILE B 496 -3.18 23.24 -39.96
CA ILE B 496 -2.69 22.83 -38.65
C ILE B 496 -3.01 21.36 -38.44
N LEU B 497 -2.03 20.61 -37.93
CA LEU B 497 -2.24 19.21 -37.59
C LEU B 497 -2.77 19.08 -36.16
N ALA B 498 -3.93 18.44 -36.02
CA ALA B 498 -4.52 18.20 -34.71
C ALA B 498 -5.07 16.79 -34.68
N PHE B 499 -5.33 16.29 -33.48
CA PHE B 499 -5.98 14.99 -33.29
C PHE B 499 -7.36 15.20 -32.68
N ARG B 500 -8.32 14.42 -33.17
CA ARG B 500 -9.72 14.57 -32.79
C ARG B 500 -10.11 13.73 -31.59
N LYS B 501 -9.29 12.76 -31.18
CA LYS B 501 -9.65 11.84 -30.12
C LYS B 501 -8.44 11.56 -29.23
N PRO B 502 -8.68 11.24 -27.96
CA PRO B 502 -7.59 10.84 -27.07
C PRO B 502 -6.98 9.52 -27.53
N TRP B 503 -5.78 9.26 -27.07
CA TRP B 503 -5.09 8.01 -27.39
C TRP B 503 -4.34 7.54 -26.15
N PRO B 504 -4.04 6.25 -26.05
CA PRO B 504 -3.61 5.70 -24.75
C PRO B 504 -2.35 6.33 -24.20
N SER B 505 -1.36 6.63 -25.03
CA SER B 505 -0.07 7.09 -24.51
C SER B 505 0.05 8.61 -24.50
N MET B 506 -1.06 9.34 -24.57
CA MET B 506 -0.94 10.80 -24.54
C MET B 506 -0.43 11.25 -23.18
N ALA B 507 0.44 12.28 -23.19
CA ALA B 507 0.85 12.91 -21.94
C ALA B 507 -0.40 13.32 -21.17
N ARG B 508 -0.35 13.19 -19.85
CA ARG B 508 -1.52 13.45 -19.02
C ARG B 508 -1.51 14.83 -18.38
N THR B 509 -0.35 15.43 -18.20
CA THR B 509 -0.30 16.77 -17.63
C THR B 509 1.09 17.35 -17.86
N VAL B 510 1.25 18.59 -17.46
CA VAL B 510 2.53 19.23 -17.25
C VAL B 510 2.72 19.31 -15.73
N TRP B 511 3.81 18.74 -15.24
CA TRP B 511 4.07 18.61 -13.81
C TRP B 511 3.88 19.93 -13.07
N GLY B 512 2.98 19.92 -12.08
CA GLY B 512 2.68 21.09 -11.28
C GLY B 512 1.95 22.20 -11.99
N ASP B 513 1.52 21.99 -13.25
CA ASP B 513 0.87 23.09 -13.99
C ASP B 513 -0.12 22.52 -15.01
N HIS B 514 -1.22 21.93 -14.52
CA HIS B 514 -2.22 21.41 -15.45
C HIS B 514 -2.87 22.51 -16.28
N LYS B 515 -2.99 23.72 -15.72
CA LYS B 515 -3.54 24.82 -16.50
C LYS B 515 -2.70 25.08 -17.75
N ARG B 516 -1.37 25.04 -17.61
CA ARG B 516 -0.51 25.23 -18.77
C ARG B 516 -0.68 24.09 -19.76
N TYR B 517 -0.81 22.87 -19.26
CA TYR B 517 -1.14 21.74 -20.13
C TYR B 517 -2.42 21.99 -20.91
N MET B 518 -3.48 22.41 -20.21
CA MET B 518 -4.75 22.69 -20.88
C MET B 518 -4.57 23.80 -21.92
N ASP B 519 -3.97 24.92 -21.51
CA ASP B 519 -3.86 26.06 -22.40
C ASP B 519 -2.97 25.75 -23.60
N THR B 520 -1.96 24.90 -23.42
CA THR B 520 -1.01 24.65 -24.51
C THR B 520 -1.55 23.67 -25.55
N TYR B 521 -2.21 22.60 -25.11
CA TYR B 521 -2.57 21.49 -25.99
C TYR B 521 -4.06 21.36 -26.27
N LEU B 522 -4.92 21.80 -25.35
CA LEU B 522 -6.33 21.46 -25.43
C LEU B 522 -7.28 22.64 -25.50
N ASN B 523 -6.87 23.85 -25.08
CA ASN B 523 -7.74 25.01 -25.16
C ASN B 523 -7.56 25.82 -26.45
N VAL B 524 -6.50 25.55 -27.22
CA VAL B 524 -6.27 26.30 -28.45
C VAL B 524 -7.39 26.04 -29.46
N TYR B 525 -7.63 24.76 -29.77
CA TYR B 525 -8.72 24.34 -30.64
C TYR B 525 -9.54 23.33 -29.84
N LYS B 526 -10.61 23.82 -29.21
CA LYS B 526 -11.33 23.00 -28.24
C LYS B 526 -12.00 21.81 -28.91
N GLY B 527 -11.87 20.65 -28.29
CA GLY B 527 -12.27 19.39 -28.88
C GLY B 527 -11.18 18.68 -29.62
N PHE B 528 -10.00 19.28 -29.74
CA PHE B 528 -8.89 18.69 -30.46
C PHE B 528 -7.63 18.76 -29.60
N TYR B 529 -6.65 17.97 -29.99
CA TYR B 529 -5.31 18.05 -29.43
C TYR B 529 -4.43 18.76 -30.46
N PHE B 530 -3.80 19.85 -30.03
CA PHE B 530 -2.98 20.69 -30.90
C PHE B 530 -1.54 20.20 -30.89
N THR B 531 -1.04 19.77 -32.06
CA THR B 531 0.34 19.28 -32.13
C THR B 531 1.39 20.39 -32.18
N GLY B 532 1.01 21.59 -32.58
CA GLY B 532 1.99 22.62 -32.87
C GLY B 532 2.66 22.51 -34.22
N ASP B 533 2.30 21.52 -35.03
CA ASP B 533 2.87 21.31 -36.35
C ASP B 533 1.83 21.64 -37.42
N GLY B 534 2.33 22.07 -38.58
CA GLY B 534 1.51 22.14 -39.77
C GLY B 534 1.63 20.87 -40.58
N ALA B 535 0.64 20.60 -41.42
CA ALA B 535 0.68 19.38 -42.21
C ALA B 535 -0.20 19.52 -43.43
N GLY B 536 0.13 18.74 -44.45
CA GLY B 536 -0.75 18.55 -45.59
C GLY B 536 -1.18 17.09 -45.63
N ARG B 537 -2.40 16.86 -46.12
CA ARG B 537 -2.90 15.51 -46.39
C ARG B 537 -3.13 15.43 -47.89
N ASP B 538 -2.38 14.58 -48.58
CA ASP B 538 -2.34 14.66 -50.04
C ASP B 538 -3.56 13.95 -50.62
N HIS B 539 -3.55 13.79 -51.95
CA HIS B 539 -4.69 13.21 -52.67
C HIS B 539 -5.03 11.81 -52.18
N GLU B 540 -4.04 11.07 -51.69
CA GLU B 540 -4.23 9.70 -51.24
C GLU B 540 -4.46 9.60 -49.74
N GLY B 541 -4.61 10.73 -49.05
CA GLY B 541 -4.72 10.70 -47.60
C GLY B 541 -3.41 10.55 -46.86
N TYR B 542 -2.27 10.64 -47.54
CA TYR B 542 -0.97 10.55 -46.87
C TYR B 542 -0.59 11.90 -46.27
N TYR B 543 0.02 11.86 -45.09
CA TYR B 543 0.35 13.08 -44.36
C TYR B 543 1.78 13.53 -44.62
N TRP B 544 1.94 14.84 -44.76
CA TRP B 544 3.22 15.49 -45.01
C TRP B 544 3.42 16.51 -43.90
N ILE B 545 4.39 16.27 -43.02
CA ILE B 545 4.58 17.12 -41.85
C ILE B 545 5.39 18.35 -42.24
N ARG B 546 4.86 19.53 -41.92
CA ARG B 546 5.50 20.78 -42.32
C ARG B 546 6.37 21.39 -41.24
N GLY B 547 6.28 20.93 -40.00
CA GLY B 547 7.08 21.45 -38.91
C GLY B 547 6.31 22.43 -38.04
N ARG B 548 7.01 22.90 -37.01
CA ARG B 548 6.36 23.68 -35.95
C ARG B 548 5.82 25.00 -36.47
N VAL B 549 4.58 25.31 -36.08
CA VAL B 549 4.00 26.63 -36.32
C VAL B 549 4.28 27.61 -35.20
N ASP B 550 4.78 27.13 -34.06
CA ASP B 550 5.11 27.98 -32.92
C ASP B 550 6.60 28.33 -32.92
N ASP B 551 7.08 28.90 -31.82
CA ASP B 551 8.47 29.32 -31.70
C ASP B 551 9.39 28.20 -31.24
N VAL B 552 9.16 26.98 -31.73
CA VAL B 552 10.01 25.83 -31.42
C VAL B 552 10.78 25.45 -32.67
N VAL B 553 12.09 25.25 -32.53
CA VAL B 553 12.94 24.89 -33.65
C VAL B 553 13.70 23.62 -33.31
N ASN B 554 14.05 22.87 -34.34
CA ASN B 554 14.88 21.68 -34.22
C ASN B 554 16.28 22.02 -34.72
N VAL B 555 17.28 21.67 -33.93
CA VAL B 555 18.68 21.94 -34.28
C VAL B 555 19.47 20.67 -33.97
N SER B 556 19.90 19.97 -35.03
CA SER B 556 20.57 18.68 -34.90
C SER B 556 19.70 17.69 -34.11
N GLY B 557 18.39 17.78 -34.31
CA GLY B 557 17.45 16.91 -33.64
C GLY B 557 17.05 17.32 -32.25
N HIS B 558 17.51 18.46 -31.75
CA HIS B 558 17.20 18.92 -30.40
C HIS B 558 16.03 19.89 -30.46
N ARG B 559 14.96 19.55 -29.74
CA ARG B 559 13.80 20.44 -29.62
C ARG B 559 14.15 21.60 -28.69
N LEU B 560 14.33 22.78 -29.26
CA LEU B 560 14.74 23.95 -28.50
C LEU B 560 13.73 25.09 -28.67
N SER B 561 13.66 25.93 -27.64
CA SER B 561 12.79 27.09 -27.62
C SER B 561 13.60 28.33 -27.95
N THR B 562 13.23 29.04 -29.02
CA THR B 562 13.89 30.31 -29.30
C THR B 562 13.76 31.26 -28.11
N ALA B 563 12.64 31.19 -27.38
CA ALA B 563 12.44 32.03 -26.22
C ALA B 563 13.49 31.80 -25.15
N GLU B 564 13.85 30.53 -24.89
CA GLU B 564 14.83 30.25 -23.84
C GLU B 564 16.25 30.56 -24.29
N ILE B 565 16.53 30.49 -25.60
CA ILE B 565 17.84 30.92 -26.09
C ILE B 565 17.95 32.44 -26.01
N GLU B 566 16.85 33.15 -26.31
CA GLU B 566 16.82 34.59 -26.12
C GLU B 566 17.00 34.95 -24.65
N ALA B 567 16.27 34.25 -23.77
CA ALA B 567 16.41 34.48 -22.34
C ALA B 567 17.83 34.23 -21.87
N ALA B 568 18.51 33.24 -22.47
CA ALA B 568 19.90 33.00 -22.14
C ALA B 568 20.77 34.19 -22.54
N LEU B 569 20.59 34.68 -23.76
CA LEU B 569 21.37 35.83 -24.22
C LEU B 569 21.02 37.10 -23.43
N ILE B 570 19.74 37.26 -23.08
CA ILE B 570 19.35 38.42 -22.30
C ILE B 570 19.95 38.37 -20.90
N GLU B 571 20.27 37.16 -20.42
CA GLU B 571 20.88 37.02 -19.11
C GLU B 571 22.25 37.67 -19.03
N HIS B 572 22.92 37.87 -20.17
CA HIS B 572 24.15 38.64 -20.17
C HIS B 572 23.85 40.11 -19.92
N HIS B 573 24.74 40.78 -19.18
CA HIS B 573 24.44 42.13 -18.71
C HIS B 573 24.50 43.17 -19.83
N CYS B 574 25.36 42.95 -20.83
CA CYS B 574 25.46 43.90 -21.94
C CYS B 574 24.30 43.79 -22.92
N VAL B 575 23.58 42.67 -22.92
CA VAL B 575 22.47 42.49 -23.84
C VAL B 575 21.23 43.16 -23.25
N ALA B 576 20.51 43.90 -24.09
CA ALA B 576 19.24 44.52 -23.73
C ALA B 576 18.06 43.87 -24.42
N GLU B 577 18.17 43.61 -25.72
CA GLU B 577 17.17 42.88 -26.48
C GLU B 577 17.85 41.75 -27.25
N ALA B 578 17.12 40.66 -27.44
CA ALA B 578 17.67 39.52 -28.16
C ALA B 578 16.57 38.85 -28.97
N ALA B 579 16.91 38.43 -30.17
CA ALA B 579 15.99 37.69 -31.03
C ALA B 579 16.73 36.49 -31.62
N VAL B 580 16.11 35.32 -31.51
CA VAL B 580 16.65 34.08 -32.05
C VAL B 580 15.62 33.48 -33.00
N VAL B 581 16.05 33.16 -34.22
CA VAL B 581 15.19 32.53 -35.21
C VAL B 581 15.97 31.38 -35.85
N GLY B 582 15.23 30.49 -36.51
CA GLY B 582 15.83 29.36 -37.19
C GLY B 582 15.68 29.44 -38.71
N VAL B 592 20.12 27.60 -35.95
CA VAL B 592 19.55 28.69 -35.17
C VAL B 592 20.47 29.90 -35.20
N HIS B 593 19.92 31.05 -35.60
CA HIS B 593 20.65 32.30 -35.66
C HIS B 593 20.16 33.22 -34.55
N ALA B 594 21.10 33.95 -33.94
CA ALA B 594 20.80 34.82 -32.81
C ALA B 594 21.35 36.21 -33.09
N PHE B 595 20.50 37.22 -32.94
CA PHE B 595 20.87 38.62 -33.02
C PHE B 595 20.73 39.26 -31.65
N VAL B 596 21.67 40.14 -31.32
CA VAL B 596 21.68 40.80 -30.02
C VAL B 596 21.93 42.29 -30.23
N ALA B 597 21.12 43.11 -29.56
CA ALA B 597 21.33 44.55 -29.50
C ALA B 597 21.83 44.93 -28.12
N LEU B 598 22.95 45.65 -28.06
CA LEU B 598 23.57 46.00 -26.79
C LEU B 598 23.07 47.35 -26.31
N ASN B 604 36.16 43.68 -25.60
CA ASN B 604 35.42 44.59 -26.46
C ASN B 604 34.54 43.83 -27.44
N ARG B 605 34.41 44.36 -28.66
CA ARG B 605 33.58 43.71 -29.67
C ARG B 605 34.10 42.33 -30.02
N GLU B 606 35.39 42.07 -29.81
CA GLU B 606 35.95 40.76 -30.08
C GLU B 606 35.66 39.79 -28.94
N GLN B 607 35.86 40.22 -27.70
CA GLN B 607 35.69 39.35 -26.53
C GLN B 607 34.23 39.20 -26.11
N LEU B 608 33.33 40.03 -26.64
CA LEU B 608 31.93 39.96 -26.23
C LEU B 608 31.28 38.66 -26.70
N GLN B 609 31.58 38.22 -27.92
CA GLN B 609 30.97 37.00 -28.43
C GLN B 609 31.34 35.79 -27.60
N LYS B 610 32.51 35.83 -26.94
CA LYS B 610 32.88 34.74 -26.03
C LYS B 610 31.92 34.68 -24.85
N GLU B 611 31.70 35.82 -24.19
CA GLU B 611 30.80 35.85 -23.03
C GLU B 611 29.37 35.48 -23.43
N LEU B 612 28.96 35.82 -24.65
CA LEU B 612 27.62 35.45 -25.11
C LEU B 612 27.53 33.95 -25.37
N ILE B 613 28.49 33.40 -26.12
CA ILE B 613 28.48 31.97 -26.41
C ILE B 613 28.55 31.16 -25.13
N MET B 614 29.41 31.59 -24.18
CA MET B 614 29.50 30.91 -22.90
C MET B 614 28.18 30.98 -22.15
N GLN B 615 27.48 32.12 -22.24
CA GLN B 615 26.23 32.28 -21.50
C GLN B 615 25.19 31.25 -21.94
N VAL B 616 25.07 31.00 -23.24
CA VAL B 616 24.12 30.00 -23.70
C VAL B 616 24.59 28.60 -23.32
N ARG B 617 25.91 28.38 -23.27
CA ARG B 617 26.44 27.11 -22.80
C ARG B 617 26.10 26.88 -21.34
N LYS B 618 26.14 27.95 -20.53
CA LYS B 618 25.87 27.83 -19.10
C LYS B 618 24.37 27.71 -18.83
N SER B 619 23.55 28.43 -19.58
CA SER B 619 22.12 28.41 -19.32
C SER B 619 21.47 27.10 -19.78
N ILE B 620 21.89 26.58 -20.92
CA ILE B 620 21.24 25.42 -21.52
C ILE B 620 22.24 24.27 -21.62
N GLY B 621 23.28 24.45 -22.42
CA GLY B 621 24.27 23.44 -22.65
C GLY B 621 24.95 23.64 -23.98
N PRO B 622 26.09 22.97 -24.19
CA PRO B 622 26.83 23.15 -25.46
C PRO B 622 25.97 22.98 -26.71
N PHE B 623 25.17 21.91 -26.77
CA PHE B 623 24.37 21.62 -27.95
C PHE B 623 23.41 22.74 -28.34
N ALA B 624 23.28 23.78 -27.51
CA ALA B 624 22.35 24.86 -27.78
C ALA B 624 23.06 26.18 -28.09
N ALA B 625 24.38 26.17 -28.21
CA ALA B 625 25.15 27.39 -28.44
C ALA B 625 24.95 27.91 -29.87
N VAL B 628 26.54 31.67 -34.68
CA VAL B 628 27.17 32.75 -33.92
C VAL B 628 26.12 33.78 -33.50
N VAL B 629 26.58 34.85 -32.86
CA VAL B 629 25.72 35.90 -32.32
C VAL B 629 26.07 37.21 -33.02
N PHE B 630 25.09 37.79 -33.69
CA PHE B 630 25.27 39.04 -34.42
C PHE B 630 24.99 40.22 -33.50
N VAL B 631 25.78 41.28 -33.64
CA VAL B 631 25.59 42.51 -32.87
C VAL B 631 25.17 43.65 -33.79
N PRO C 26 -53.34 -0.49 28.37
CA PRO C 26 -52.36 -0.36 27.29
C PRO C 26 -51.00 0.14 27.78
N VAL C 27 -50.00 -0.73 27.78
CA VAL C 27 -48.68 -0.35 28.28
C VAL C 27 -48.05 0.73 27.40
N VAL C 28 -48.15 0.56 26.08
CA VAL C 28 -47.65 1.54 25.12
C VAL C 28 -48.83 2.47 24.81
N VAL C 29 -49.02 3.47 25.66
CA VAL C 29 -50.19 4.34 25.55
C VAL C 29 -50.19 5.15 24.26
N GLU C 30 -49.02 5.36 23.65
CA GLU C 30 -48.96 6.14 22.41
C GLU C 30 -49.73 5.48 21.28
N ALA C 31 -49.87 4.16 21.33
CA ALA C 31 -50.45 3.39 20.23
C ALA C 31 -51.95 3.15 20.39
N HIS C 32 -52.52 3.54 21.53
CA HIS C 32 -53.91 3.24 21.81
C HIS C 32 -54.82 3.84 20.75
N GLN C 33 -55.55 2.97 20.05
CA GLN C 33 -56.52 3.38 19.02
C GLN C 33 -55.88 4.17 17.90
N VAL C 34 -54.63 3.86 17.56
CA VAL C 34 -53.93 4.47 16.44
C VAL C 34 -54.06 3.52 15.26
N ASP C 35 -54.67 4.00 14.17
CA ASP C 35 -54.82 3.20 12.96
C ASP C 35 -53.52 3.14 12.19
N THR C 36 -53.35 2.05 11.44
CA THR C 36 -52.26 1.93 10.47
C THR C 36 -52.76 2.33 9.08
N PHE C 37 -51.90 3.01 8.33
CA PHE C 37 -52.24 3.57 7.02
C PHE C 37 -51.53 2.78 5.93
N ASP C 38 -52.27 2.37 4.91
CA ASP C 38 -51.64 1.70 3.79
C ASP C 38 -50.91 2.72 2.91
N VAL C 39 -49.97 2.22 2.12
CA VAL C 39 -49.36 3.07 1.09
C VAL C 39 -50.44 3.53 0.12
N PRO C 40 -50.52 4.83 -0.18
CA PRO C 40 -51.51 5.29 -1.17
C PRO C 40 -51.40 4.53 -2.48
N GLY C 41 -52.55 4.09 -3.00
CA GLY C 41 -52.57 3.37 -4.25
C GLY C 41 -51.96 4.14 -5.40
N VAL C 42 -52.13 5.47 -5.41
CA VAL C 42 -51.58 6.27 -6.47
C VAL C 42 -50.06 6.31 -6.46
N PHE C 43 -49.44 6.03 -5.29
CA PHE C 43 -48.00 5.88 -5.23
C PHE C 43 -47.53 4.84 -6.23
N TYR C 44 -48.26 3.73 -6.35
CA TYR C 44 -47.88 2.70 -7.31
C TYR C 44 -48.24 3.11 -8.73
N GLU C 45 -49.45 3.62 -8.93
CA GLU C 45 -49.91 3.90 -10.28
C GLU C 45 -49.12 5.04 -10.94
N ASN C 46 -48.62 5.99 -10.15
CA ASN C 46 -47.88 7.12 -10.68
C ASN C 46 -46.35 6.95 -10.56
N HIS C 47 -45.88 5.76 -10.20
CA HIS C 47 -44.46 5.55 -9.95
C HIS C 47 -43.69 5.61 -11.26
N PRO C 48 -42.56 6.33 -11.32
CA PRO C 48 -41.75 6.30 -12.54
C PRO C 48 -41.14 4.94 -12.82
N HIS C 49 -40.92 4.13 -11.78
CA HIS C 49 -40.37 2.78 -11.92
C HIS C 49 -41.26 1.79 -11.17
N GLU C 50 -40.69 1.04 -10.24
CA GLU C 50 -41.49 0.16 -9.38
C GLU C 50 -40.71 -0.07 -8.12
N PRO C 51 -41.38 -0.39 -7.01
CA PRO C 51 -40.65 -0.67 -5.77
C PRO C 51 -39.64 -1.78 -5.96
N HIS C 52 -38.62 -1.75 -5.11
CA HIS C 52 -37.60 -2.79 -5.12
C HIS C 52 -38.07 -4.05 -4.40
N LEU C 53 -39.23 -4.00 -3.77
CA LEU C 53 -39.83 -5.13 -3.09
C LEU C 53 -41.25 -5.32 -3.63
N SER C 54 -41.70 -6.56 -3.63
CA SER C 54 -43.02 -6.89 -4.16
C SER C 54 -44.14 -6.62 -3.16
N GLY C 55 -43.80 -6.36 -1.90
CA GLY C 55 -44.79 -6.14 -0.87
C GLY C 55 -44.23 -6.54 0.48
N MET C 56 -45.12 -6.54 1.49
CA MET C 56 -44.67 -6.80 2.85
C MET C 56 -44.23 -8.24 3.05
N ASN C 57 -44.78 -9.20 2.29
CA ASN C 57 -44.29 -10.56 2.45
C ASN C 57 -42.82 -10.68 2.05
N GLU C 58 -42.40 -9.98 1.00
CA GLU C 58 -40.98 -10.03 0.66
C GLU C 58 -40.15 -9.34 1.73
N TYR C 59 -40.62 -8.22 2.28
CA TYR C 59 -39.89 -7.61 3.40
C TYR C 59 -39.73 -8.62 4.54
N ASN C 60 -40.82 -9.30 4.90
CA ASN C 60 -40.76 -10.24 6.01
C ASN C 60 -39.82 -11.38 5.71
N GLN C 61 -39.79 -11.86 4.47
CA GLN C 61 -38.89 -12.96 4.14
C GLN C 61 -37.44 -12.50 4.20
N LEU C 62 -37.14 -11.37 3.57
CA LEU C 62 -35.79 -10.82 3.61
C LEU C 62 -35.39 -10.44 5.04
N TYR C 63 -36.32 -9.89 5.82
CA TYR C 63 -35.97 -9.54 7.19
C TYR C 63 -35.59 -10.77 7.99
N GLN C 64 -36.39 -11.84 7.89
CA GLN C 64 -36.08 -13.05 8.62
C GLN C 64 -34.74 -13.64 8.19
N GLN C 65 -34.43 -13.58 6.89
CA GLN C 65 -33.13 -14.05 6.46
C GLN C 65 -32.02 -13.18 7.04
N SER C 66 -32.25 -11.88 7.14
CA SER C 66 -31.20 -10.99 7.65
C SER C 66 -30.91 -11.24 9.13
N ILE C 67 -31.86 -11.82 9.87
CA ILE C 67 -31.65 -12.14 11.28
C ILE C 67 -31.16 -13.57 11.46
N ASN C 68 -31.76 -14.52 10.73
CA ASN C 68 -31.39 -15.92 10.88
C ASN C 68 -30.15 -16.28 10.08
N ASP C 69 -29.83 -15.54 9.05
CA ASP C 69 -28.68 -15.89 8.24
C ASP C 69 -28.03 -14.61 7.70
N PRO C 70 -27.54 -13.73 8.57
CA PRO C 70 -26.91 -12.49 8.08
C PRO C 70 -25.73 -12.74 7.18
N ASP C 71 -25.02 -13.85 7.31
N ASP C 71 -25.01 -13.85 7.38
CA ASP C 71 -23.84 -14.01 6.47
CA ASP C 71 -23.89 -14.22 6.52
C ASP C 71 -24.23 -14.28 5.01
C ASP C 71 -24.32 -14.21 5.06
N THR C 72 -25.36 -14.98 4.76
CA THR C 72 -25.84 -15.07 3.38
C THR C 72 -26.51 -13.78 2.94
N PHE C 73 -27.38 -13.23 3.78
CA PHE C 73 -28.16 -12.06 3.42
C PHE C 73 -27.27 -10.86 3.09
N TRP C 74 -26.34 -10.54 3.99
CA TRP C 74 -25.54 -9.34 3.80
C TRP C 74 -24.47 -9.52 2.73
N ALA C 75 -23.98 -10.75 2.53
CA ALA C 75 -23.08 -10.99 1.40
C ALA C 75 -23.77 -10.62 0.09
N ARG C 76 -25.02 -11.05 -0.08
CA ARG C 76 -25.74 -10.77 -1.31
C ARG C 76 -26.07 -9.29 -1.44
N MET C 77 -26.52 -8.67 -0.34
CA MET C 77 -26.81 -7.24 -0.38
C MET C 77 -25.58 -6.43 -0.77
N ALA C 78 -24.44 -6.75 -0.15
CA ALA C 78 -23.21 -6.02 -0.42
C ALA C 78 -22.77 -6.20 -1.86
N ARG C 79 -22.86 -7.42 -2.39
CA ARG C 79 -22.41 -7.62 -3.77
C ARG C 79 -23.38 -7.01 -4.76
N ASP C 80 -24.66 -6.91 -4.40
CA ASP C 80 -25.64 -6.18 -5.20
C ASP C 80 -25.27 -4.71 -5.35
N LEU C 81 -24.89 -4.07 -4.24
CA LEU C 81 -24.90 -2.60 -4.16
C LEU C 81 -23.53 -1.95 -4.20
N ILE C 82 -22.46 -2.66 -3.86
CA ILE C 82 -21.14 -2.05 -3.70
C ILE C 82 -20.17 -2.78 -4.63
N THR C 83 -19.37 -2.02 -5.37
CA THR C 83 -18.37 -2.59 -6.26
C THR C 83 -17.05 -2.71 -5.49
N PHE C 84 -16.63 -3.95 -5.23
CA PHE C 84 -15.37 -4.18 -4.54
C PHE C 84 -14.24 -4.36 -5.55
N GLU C 85 -13.07 -3.81 -5.22
CA GLU C 85 -11.86 -4.17 -5.98
C GLU C 85 -11.51 -5.62 -5.76
N LYS C 86 -11.60 -6.08 -4.52
CA LYS C 86 -11.32 -7.45 -4.13
C LYS C 86 -12.51 -7.93 -3.32
N ASP C 87 -13.09 -9.06 -3.72
CA ASP C 87 -14.24 -9.61 -3.02
C ASP C 87 -13.87 -9.98 -1.59
N PHE C 88 -14.85 -9.90 -0.69
CA PHE C 88 -14.58 -10.21 0.72
C PHE C 88 -14.61 -11.72 0.97
N ASP C 89 -13.88 -12.14 2.01
CA ASP C 89 -13.79 -13.55 2.43
C ASP C 89 -14.97 -13.97 3.29
N LYS C 90 -15.43 -13.09 4.18
CA LYS C 90 -16.44 -13.48 5.15
C LYS C 90 -17.32 -12.28 5.43
N THR C 91 -18.62 -12.53 5.61
CA THR C 91 -19.53 -11.42 5.82
C THR C 91 -19.28 -10.71 7.15
N HIS C 92 -19.09 -11.47 8.24
CA HIS C 92 -18.98 -10.82 9.54
C HIS C 92 -18.20 -11.72 10.48
N ILE C 93 -17.35 -11.09 11.30
CA ILE C 93 -16.72 -11.75 12.44
C ILE C 93 -16.86 -10.83 13.64
N GLY C 94 -16.66 -11.41 14.83
CA GLY C 94 -16.79 -10.66 16.08
C GLY C 94 -18.17 -10.77 16.69
N THR C 95 -18.32 -10.16 17.87
CA THR C 95 -19.57 -10.17 18.60
C THR C 95 -19.78 -8.79 19.22
N LEU C 96 -21.02 -8.51 19.64
CA LEU C 96 -21.27 -7.26 20.36
C LEU C 96 -20.45 -7.18 21.63
N GLU C 97 -20.49 -8.23 22.44
CA GLU C 97 -19.77 -8.16 23.71
C GLU C 97 -18.27 -8.05 23.49
N GLY C 98 -17.76 -8.60 22.39
CA GLY C 98 -16.34 -8.52 22.11
C GLY C 98 -15.88 -7.16 21.64
N GLY C 99 -16.79 -6.32 21.15
CA GLY C 99 -16.40 -5.02 20.62
C GLY C 99 -15.38 -5.14 19.51
N ASP C 100 -15.48 -6.20 18.70
CA ASP C 100 -14.49 -6.57 17.70
C ASP C 100 -15.16 -6.86 16.36
N ASN C 101 -16.31 -6.24 16.12
CA ASN C 101 -17.07 -6.55 14.92
C ASN C 101 -16.37 -6.06 13.66
N ALA C 102 -16.39 -6.89 12.63
CA ALA C 102 -15.78 -6.55 11.35
C ALA C 102 -16.66 -7.14 10.26
N TRP C 103 -16.90 -6.35 9.21
CA TRP C 103 -17.81 -6.75 8.16
C TRP C 103 -17.11 -6.73 6.81
N PHE C 104 -17.42 -7.74 5.99
CA PHE C 104 -16.86 -7.89 4.66
C PHE C 104 -15.34 -7.94 4.73
N VAL C 105 -14.84 -8.75 5.68
CA VAL C 105 -13.41 -8.83 5.93
C VAL C 105 -12.72 -9.43 4.72
N GLY C 106 -11.52 -8.92 4.43
CA GLY C 106 -10.79 -9.33 3.26
C GLY C 106 -11.17 -8.59 1.99
N GLY C 107 -12.26 -7.81 2.01
CA GLY C 107 -12.62 -7.05 0.84
C GLY C 107 -11.77 -5.80 0.72
N ARG C 108 -11.65 -5.30 -0.51
CA ARG C 108 -10.98 -4.03 -0.77
C ARG C 108 -11.88 -3.20 -1.66
N LEU C 109 -11.89 -1.88 -1.45
CA LEU C 109 -12.79 -1.01 -2.19
C LEU C 109 -12.37 0.43 -1.93
N ASN C 110 -13.06 1.36 -2.59
CA ASN C 110 -12.87 2.76 -2.31
C ASN C 110 -14.22 3.45 -2.35
N ALA C 111 -14.47 4.32 -1.36
CA ALA C 111 -15.79 4.95 -1.28
C ALA C 111 -16.00 5.95 -2.41
N SER C 112 -14.95 6.67 -2.82
CA SER C 112 -15.16 7.64 -3.89
C SER C 112 -15.36 6.92 -5.22
N PHE C 113 -14.76 5.73 -5.38
CA PHE C 113 -15.02 4.96 -6.58
C PHE C 113 -16.50 4.59 -6.67
N ASN C 114 -17.09 4.19 -5.54
CA ASN C 114 -18.47 3.76 -5.53
C ASN C 114 -19.45 4.92 -5.61
N CYS C 115 -19.04 6.09 -5.13
CA CYS C 115 -19.88 7.28 -5.19
C CYS C 115 -19.71 8.06 -6.48
N VAL C 116 -18.62 7.85 -7.22
CA VAL C 116 -18.31 8.75 -8.34
C VAL C 116 -17.88 7.96 -9.57
N ASP C 117 -16.69 7.34 -9.51
CA ASP C 117 -16.10 6.72 -10.70
C ASP C 117 -17.08 5.80 -11.41
N ARG C 118 -17.69 4.88 -10.66
CA ARG C 118 -18.45 3.83 -11.36
C ARG C 118 -19.65 4.42 -12.07
N HIS C 119 -20.15 5.55 -11.58
CA HIS C 119 -21.26 6.22 -12.26
C HIS C 119 -20.76 7.08 -13.40
N ALA C 120 -19.64 7.77 -13.21
CA ALA C 120 -19.07 8.55 -14.30
C ALA C 120 -18.66 7.66 -15.47
N MET C 121 -18.23 6.43 -15.19
CA MET C 121 -17.90 5.49 -16.26
C MET C 121 -19.13 5.12 -17.08
N ARG C 122 -20.29 5.03 -16.45
CA ARG C 122 -21.49 4.54 -17.12
C ARG C 122 -22.30 5.67 -17.73
N ASP C 123 -22.29 6.84 -17.13
CA ASP C 123 -23.18 7.93 -17.55
C ASP C 123 -22.56 9.24 -17.09
N PRO C 124 -21.51 9.70 -17.80
CA PRO C 124 -20.72 10.85 -17.29
C PRO C 124 -21.49 12.15 -17.19
N ASN C 125 -22.50 12.34 -18.03
CA ASN C 125 -23.25 13.60 -18.04
C ASN C 125 -24.49 13.55 -17.15
N LYS C 126 -24.73 12.45 -16.46
CA LYS C 126 -25.79 12.44 -15.46
C LYS C 126 -25.49 13.46 -14.38
N VAL C 127 -26.52 14.19 -13.95
CA VAL C 127 -26.32 15.16 -12.87
C VAL C 127 -26.17 14.42 -11.54
N ALA C 128 -25.02 14.61 -10.89
CA ALA C 128 -24.79 14.06 -9.56
C ALA C 128 -25.26 14.98 -8.45
N ILE C 129 -25.02 16.28 -8.58
CA ILE C 129 -25.31 17.24 -7.51
C ILE C 129 -26.07 18.40 -8.10
N ILE C 130 -27.21 18.73 -7.50
CA ILE C 130 -27.87 20.00 -7.72
C ILE C 130 -27.50 20.90 -6.55
N TYR C 131 -26.81 22.01 -6.84
CA TYR C 131 -26.46 22.99 -5.82
C TYR C 131 -27.51 24.09 -5.85
N GLU C 132 -28.27 24.20 -4.76
CA GLU C 132 -29.22 25.29 -4.58
C GLU C 132 -28.56 26.30 -3.64
N ALA C 133 -28.18 27.45 -4.18
CA ALA C 133 -27.42 28.44 -3.43
C ALA C 133 -28.32 29.17 -2.44
N ASP C 134 -27.69 29.90 -1.51
CA ASP C 134 -28.44 30.69 -0.56
C ASP C 134 -29.43 31.60 -1.26
N GLU C 135 -28.98 32.29 -2.32
CA GLU C 135 -29.87 33.13 -3.11
C GLU C 135 -30.58 32.28 -4.16
N PRO C 136 -31.90 32.42 -4.30
CA PRO C 136 -32.61 31.67 -5.35
C PRO C 136 -32.13 32.06 -6.73
N GLY C 137 -32.37 31.17 -7.69
CA GLY C 137 -31.97 31.43 -9.05
C GLY C 137 -30.49 31.46 -9.27
N HIS C 138 -29.69 31.06 -8.28
CA HIS C 138 -28.27 30.87 -8.49
C HIS C 138 -28.02 29.37 -8.46
N GLY C 139 -26.89 28.94 -7.97
CA GLY C 139 -26.59 27.51 -7.93
C GLY C 139 -26.27 26.97 -9.31
N ARG C 140 -26.05 25.64 -9.35
CA ARG C 140 -25.65 25.00 -10.59
C ARG C 140 -25.85 23.50 -10.43
N SER C 141 -25.83 22.79 -11.55
CA SER C 141 -25.84 21.34 -11.52
C SER C 141 -24.49 20.82 -11.94
N ILE C 142 -24.11 19.69 -11.35
CA ILE C 142 -22.76 19.13 -11.46
C ILE C 142 -22.89 17.68 -11.88
N THR C 143 -22.29 17.33 -13.02
CA THR C 143 -22.38 15.96 -13.52
C THR C 143 -21.44 15.04 -12.75
N TYR C 144 -21.64 13.73 -12.93
CA TYR C 144 -20.72 12.78 -12.31
C TYR C 144 -19.31 12.93 -12.86
N ALA C 145 -19.16 13.27 -14.14
CA ALA C 145 -17.82 13.51 -14.68
C ALA C 145 -17.20 14.78 -14.10
N GLU C 146 -17.98 15.85 -13.96
CA GLU C 146 -17.48 17.04 -13.29
C GLU C 146 -17.10 16.73 -11.84
N LEU C 147 -17.93 15.93 -11.17
CA LEU C 147 -17.63 15.55 -9.79
C LEU C 147 -16.33 14.75 -9.71
N LEU C 148 -16.11 13.83 -10.66
CA LEU C 148 -14.87 13.07 -10.65
C LEU C 148 -13.67 13.98 -10.79
N LYS C 149 -13.78 15.00 -11.66
CA LYS C 149 -12.68 15.95 -11.83
C LYS C 149 -12.40 16.72 -10.53
N GLU C 150 -13.45 17.26 -9.90
CA GLU C 150 -13.20 18.12 -8.74
C GLU C 150 -12.69 17.31 -7.56
N VAL C 151 -13.24 16.10 -7.36
CA VAL C 151 -12.72 15.22 -6.32
C VAL C 151 -11.26 14.87 -6.59
N SER C 152 -10.93 14.56 -7.85
CA SER C 152 -9.55 14.18 -8.18
C SER C 152 -8.57 15.32 -7.91
N ARG C 153 -8.89 16.53 -8.37
CA ARG C 153 -7.83 17.54 -8.23
C ARG C 153 -7.73 18.07 -6.80
N LEU C 154 -8.81 18.02 -6.02
CA LEU C 154 -8.66 18.33 -4.61
C LEU C 154 -7.84 17.25 -3.90
N ALA C 155 -8.07 15.98 -4.25
CA ALA C 155 -7.25 14.92 -3.72
C ALA C 155 -5.77 15.14 -4.05
N TRP C 156 -5.47 15.60 -5.28
CA TRP C 156 -4.10 15.96 -5.65
C TRP C 156 -3.54 17.04 -4.73
N VAL C 157 -4.34 18.06 -4.42
CA VAL C 157 -3.85 19.12 -3.52
C VAL C 157 -3.42 18.53 -2.19
N MET C 158 -4.27 17.70 -1.59
CA MET C 158 -3.96 17.15 -0.28
C MET C 158 -2.74 16.24 -0.35
N LYS C 159 -2.69 15.37 -1.36
CA LYS C 159 -1.51 14.53 -1.57
C LYS C 159 -0.24 15.38 -1.69
N SER C 160 -0.30 16.43 -2.51
CA SER C 160 0.86 17.28 -2.73
C SER C 160 1.29 17.98 -1.45
N GLN C 161 0.34 18.27 -0.56
CA GLN C 161 0.68 18.94 0.69
C GLN C 161 1.03 17.95 1.79
N GLY C 162 1.11 16.66 1.47
CA GLY C 162 1.60 15.68 2.42
C GLY C 162 0.56 14.80 3.08
N VAL C 163 -0.72 14.95 2.75
CA VAL C 163 -1.76 14.13 3.36
C VAL C 163 -1.61 12.70 2.84
N ARG C 164 -1.66 11.72 3.75
CA ARG C 164 -1.46 10.33 3.38
C ARG C 164 -2.62 9.48 3.90
N LYS C 165 -2.70 8.26 3.37
CA LYS C 165 -3.69 7.28 3.80
C LYS C 165 -3.65 7.12 5.31
N GLY C 166 -4.82 7.20 5.95
CA GLY C 166 -4.90 7.05 7.39
C GLY C 166 -4.77 8.34 8.17
N ASP C 167 -4.39 9.45 7.52
CA ASP C 167 -4.39 10.74 8.17
C ASP C 167 -5.82 11.28 8.29
N THR C 168 -6.10 12.02 9.35
CA THR C 168 -7.40 12.68 9.43
C THR C 168 -7.31 14.07 8.81
N VAL C 169 -8.44 14.52 8.26
CA VAL C 169 -8.52 15.85 7.65
C VAL C 169 -9.73 16.56 8.23
N ALA C 170 -9.51 17.75 8.78
CA ALA C 170 -10.60 18.50 9.35
C ALA C 170 -11.34 19.26 8.26
N ILE C 171 -12.67 19.27 8.33
CA ILE C 171 -13.49 19.97 7.35
C ILE C 171 -14.45 20.90 8.09
N TYR C 172 -14.43 22.17 7.71
CA TYR C 172 -15.27 23.19 8.35
C TYR C 172 -15.92 23.99 7.22
N LEU C 173 -16.96 23.41 6.62
CA LEU C 173 -17.57 23.94 5.41
C LEU C 173 -19.07 24.07 5.55
N PRO C 174 -19.67 25.06 4.89
CA PRO C 174 -21.13 25.14 4.81
C PRO C 174 -21.65 24.20 3.72
N MET C 175 -22.97 24.27 3.46
CA MET C 175 -23.62 23.39 2.50
C MET C 175 -23.44 23.94 1.07
N ILE C 176 -22.24 23.73 0.54
CA ILE C 176 -21.91 24.02 -0.85
C ILE C 176 -21.41 22.72 -1.46
N PRO C 177 -21.43 22.56 -2.79
CA PRO C 177 -20.97 21.30 -3.37
C PRO C 177 -19.53 21.00 -3.05
N GLU C 178 -18.73 22.02 -2.76
CA GLU C 178 -17.34 21.78 -2.38
C GLU C 178 -17.24 20.95 -1.10
N ALA C 179 -18.29 20.93 -0.27
CA ALA C 179 -18.30 20.03 0.89
C ALA C 179 -18.27 18.58 0.42
N ILE C 180 -19.10 18.23 -0.55
CA ILE C 180 -19.06 16.86 -1.09
C ILE C 180 -17.71 16.59 -1.72
N PHE C 181 -17.18 17.56 -2.48
CA PHE C 181 -15.85 17.34 -3.06
C PHE C 181 -14.85 16.97 -1.97
N ALA C 182 -14.94 17.64 -0.82
CA ALA C 182 -13.93 17.45 0.24
C ALA C 182 -14.07 16.10 0.93
N LEU C 183 -15.29 15.72 1.31
CA LEU C 183 -15.45 14.39 1.90
C LEU C 183 -14.95 13.32 0.93
N LEU C 184 -15.35 13.40 -0.34
CA LEU C 184 -15.00 12.31 -1.26
C LEU C 184 -13.53 12.36 -1.66
N ALA C 185 -12.91 13.55 -1.69
CA ALA C 185 -11.48 13.61 -1.95
C ALA C 185 -10.68 12.96 -0.81
N CYS C 186 -11.12 13.17 0.44
CA CYS C 186 -10.49 12.46 1.54
C CYS C 186 -10.62 10.96 1.36
N ALA C 187 -11.85 10.48 1.11
CA ALA C 187 -12.06 9.05 0.89
C ALA C 187 -11.22 8.54 -0.28
N ARG C 188 -11.00 9.37 -1.30
CA ARG C 188 -10.28 8.91 -2.48
C ARG C 188 -8.84 8.55 -2.14
N ILE C 189 -8.19 9.30 -1.24
CA ILE C 189 -6.82 8.98 -0.88
C ILE C 189 -6.72 8.19 0.42
N GLY C 190 -7.85 7.80 0.99
CA GLY C 190 -7.82 7.04 2.24
C GLY C 190 -7.57 7.89 3.45
N ALA C 191 -7.67 9.20 3.33
CA ALA C 191 -7.66 10.06 4.49
C ALA C 191 -9.01 9.96 5.19
N ILE C 192 -9.03 10.31 6.45
CA ILE C 192 -10.21 10.12 7.28
C ILE C 192 -10.81 11.50 7.50
N HIS C 193 -11.95 11.79 6.86
CA HIS C 193 -12.50 13.12 7.04
C HIS C 193 -13.15 13.26 8.40
N SER C 194 -12.99 14.45 8.99
CA SER C 194 -13.55 14.77 10.30
C SER C 194 -14.32 16.08 10.11
N VAL C 195 -15.61 15.98 9.79
CA VAL C 195 -16.42 17.15 9.46
C VAL C 195 -16.90 17.81 10.75
N VAL C 196 -16.73 19.12 10.82
CA VAL C 196 -17.18 19.92 11.97
C VAL C 196 -18.24 20.87 11.46
N PHE C 197 -19.44 20.78 12.04
CA PHE C 197 -20.55 21.65 11.68
C PHE C 197 -20.11 23.11 11.67
N ALA C 198 -20.35 23.79 10.56
CA ALA C 198 -19.87 25.17 10.41
C ALA C 198 -20.57 26.16 11.33
N GLY C 199 -21.48 25.74 12.21
CA GLY C 199 -22.02 26.60 13.23
C GLY C 199 -21.34 26.46 14.58
N PHE C 200 -20.37 25.55 14.70
CA PHE C 200 -19.63 25.39 15.94
C PHE C 200 -18.71 26.57 16.19
N SER C 201 -18.44 26.82 17.47
CA SER C 201 -17.54 27.87 17.88
C SER C 201 -16.10 27.47 17.62
N SER C 202 -15.18 28.42 17.78
CA SER C 202 -13.76 28.13 17.59
CA SER C 202 -13.77 28.12 17.57
C SER C 202 -13.27 27.10 18.59
N ASP C 203 -13.71 27.21 19.86
CA ASP C 203 -13.33 26.20 20.85
C ASP C 203 -13.78 24.81 20.41
N SER C 204 -15.01 24.69 19.92
CA SER C 204 -15.52 23.38 19.53
C SER C 204 -14.76 22.84 18.33
N LEU C 205 -14.51 23.69 17.33
CA LEU C 205 -13.68 23.28 16.20
C LEU C 205 -12.30 22.85 16.66
N ARG C 206 -11.72 23.62 17.59
CA ARG C 206 -10.38 23.30 18.10
C ARG C 206 -10.36 21.93 18.76
N ASP C 207 -11.30 21.68 19.68
CA ASP C 207 -11.31 20.42 20.42
C ASP C 207 -11.36 19.22 19.48
N ARG C 208 -12.19 19.28 18.44
CA ARG C 208 -12.32 18.16 17.52
C ARG C 208 -11.08 18.03 16.63
N THR C 209 -10.54 19.15 16.16
CA THR C 209 -9.36 19.09 15.31
C THR C 209 -8.16 18.59 16.08
N LEU C 210 -8.07 18.96 17.35
CA LEU C 210 -6.97 18.52 18.20
C LEU C 210 -7.08 17.04 18.51
N ASP C 211 -8.27 16.59 18.93
CA ASP C 211 -8.44 15.18 19.27
C ASP C 211 -8.20 14.28 18.07
N ALA C 212 -8.58 14.74 16.88
CA ALA C 212 -8.38 13.95 15.66
C ALA C 212 -6.96 14.02 15.14
N ARG C 213 -6.14 14.94 15.68
CA ARG C 213 -4.74 15.12 15.29
C ARG C 213 -4.61 15.42 13.79
N SER C 214 -5.56 16.17 13.26
CA SER C 214 -5.55 16.48 11.83
C SER C 214 -4.39 17.42 11.51
N LYS C 215 -3.76 17.21 10.36
CA LYS C 215 -2.68 18.10 9.94
C LYS C 215 -3.08 19.00 8.78
N PHE C 216 -4.33 18.90 8.32
CA PHE C 216 -4.85 19.61 7.16
C PHE C 216 -6.28 19.98 7.48
N ILE C 217 -6.68 21.21 7.16
CA ILE C 217 -8.06 21.65 7.34
C ILE C 217 -8.52 22.35 6.07
N ILE C 218 -9.82 22.20 5.78
CA ILE C 218 -10.48 22.75 4.59
C ILE C 218 -11.63 23.62 5.08
N THR C 219 -11.70 24.86 4.60
CA THR C 219 -12.79 25.73 5.03
C THR C 219 -13.13 26.72 3.92
N THR C 220 -14.05 27.64 4.20
CA THR C 220 -14.41 28.73 3.30
C THR C 220 -13.87 30.05 3.85
N ASP C 221 -13.75 31.04 2.98
CA ASP C 221 -13.48 32.39 3.49
C ASP C 221 -14.62 32.85 4.39
N GLU C 222 -15.86 32.71 3.91
CA GLU C 222 -17.06 32.97 4.69
C GLU C 222 -18.17 32.06 4.19
N GLY C 223 -19.18 31.85 5.03
CA GLY C 223 -20.39 31.19 4.58
C GLY C 223 -21.56 32.16 4.46
N LYS C 224 -22.57 31.80 3.66
CA LYS C 224 -23.79 32.60 3.52
C LYS C 224 -24.99 31.69 3.73
N ARG C 225 -25.85 32.04 4.68
CA ARG C 225 -27.01 31.22 4.98
C ARG C 225 -28.14 32.11 5.44
N GLY C 226 -29.30 32.02 4.78
CA GLY C 226 -30.39 32.91 5.10
C GLY C 226 -30.03 34.37 4.92
N GLY C 227 -29.10 34.66 4.01
CA GLY C 227 -28.62 36.01 3.76
C GLY C 227 -27.63 36.55 4.78
N LYS C 228 -27.26 35.77 5.78
CA LYS C 228 -26.32 36.22 6.80
C LYS C 228 -24.93 35.63 6.55
N VAL C 229 -23.92 36.42 6.87
CA VAL C 229 -22.52 36.02 6.72
C VAL C 229 -22.03 35.31 7.97
N ILE C 230 -21.33 34.21 7.79
CA ILE C 230 -20.64 33.49 8.86
C ILE C 230 -19.14 33.61 8.59
N GLY C 231 -18.41 34.14 9.56
CA GLY C 231 -16.98 34.34 9.38
C GLY C 231 -16.13 33.10 9.59
N THR C 232 -16.21 32.14 8.66
CA THR C 232 -15.59 30.84 8.91
C THR C 232 -14.06 30.94 9.00
N LYS C 233 -13.44 31.74 8.13
CA LYS C 233 -11.98 31.78 8.15
C LYS C 233 -11.47 32.39 9.45
N LYS C 234 -12.15 33.40 9.96
CA LYS C 234 -11.75 33.99 11.23
C LYS C 234 -11.94 32.98 12.38
N ILE C 235 -12.98 32.15 12.30
CA ILE C 235 -13.20 31.15 13.35
C ILE C 235 -12.12 30.09 13.29
N VAL C 236 -11.79 29.61 12.08
CA VAL C 236 -10.70 28.67 11.92
C VAL C 236 -9.39 29.25 12.43
N ASP C 237 -9.10 30.51 12.10
CA ASP C 237 -7.86 31.13 12.57
C ASP C 237 -7.73 31.05 14.08
N GLU C 238 -8.80 31.37 14.81
CA GLU C 238 -8.71 31.31 16.26
C GLU C 238 -8.55 29.88 16.75
N ALA C 239 -9.28 28.94 16.12
CA ALA C 239 -9.15 27.54 16.51
C ALA C 239 -7.73 27.03 16.28
N LEU C 240 -7.12 27.39 15.14
CA LEU C 240 -5.82 26.83 14.77
C LEU C 240 -4.69 27.27 15.70
N LYS C 241 -4.89 28.33 16.50
CA LYS C 241 -3.84 28.76 17.41
C LYS C 241 -3.47 27.68 18.42
N GLN C 242 -4.39 26.75 18.69
CA GLN C 242 -4.12 25.65 19.60
C GLN C 242 -4.15 24.31 18.88
N CYS C 243 -3.93 24.31 17.57
CA CYS C 243 -3.86 23.11 16.76
C CYS C 243 -2.52 23.09 16.04
N PRO C 244 -1.42 22.89 16.78
CA PRO C 244 -0.09 23.03 16.17
C PRO C 244 0.23 21.96 15.15
N ASP C 245 -0.56 20.89 15.06
CA ASP C 245 -0.29 19.87 14.06
C ASP C 245 -0.81 20.24 12.67
N VAL C 246 -1.70 21.22 12.57
CA VAL C 246 -2.23 21.64 11.27
C VAL C 246 -1.16 22.47 10.57
N THR C 247 -0.70 21.99 9.41
CA THR C 247 0.30 22.73 8.67
C THR C 247 -0.21 23.37 7.38
N ASN C 248 -1.46 23.09 6.97
CA ASN C 248 -2.06 23.77 5.85
C ASN C 248 -3.56 23.97 6.08
N CYS C 249 -4.05 25.13 5.65
CA CYS C 249 -5.47 25.46 5.69
C CYS C 249 -5.88 25.80 4.27
N LEU C 250 -6.73 24.97 3.66
CA LEU C 250 -7.19 25.20 2.29
C LEU C 250 -8.50 25.98 2.34
N VAL C 251 -8.52 27.15 1.70
CA VAL C 251 -9.65 28.07 1.81
C VAL C 251 -10.35 28.16 0.47
N PHE C 252 -11.65 27.86 0.45
CA PHE C 252 -12.48 28.08 -0.72
C PHE C 252 -13.08 29.47 -0.70
N LYS C 253 -12.98 30.17 -1.82
CA LYS C 253 -13.47 31.56 -1.94
C LYS C 253 -14.96 31.53 -2.24
N ARG C 254 -15.79 31.52 -1.19
CA ARG C 254 -17.24 31.48 -1.37
C ARG C 254 -17.82 32.88 -1.55
N THR C 255 -17.43 33.83 -0.69
CA THR C 255 -17.93 35.20 -0.80
C THR C 255 -16.93 36.15 -1.45
N GLY C 256 -15.64 35.84 -1.39
CA GLY C 256 -14.63 36.74 -1.90
C GLY C 256 -14.31 37.92 -1.00
N ALA C 257 -14.87 37.96 0.21
CA ALA C 257 -14.54 39.04 1.14
C ALA C 257 -13.08 38.98 1.53
N ASP C 258 -12.51 40.13 1.88
CA ASP C 258 -11.17 40.13 2.45
C ASP C 258 -11.20 39.37 3.78
N VAL C 259 -10.27 38.43 3.95
CA VAL C 259 -10.18 37.67 5.19
C VAL C 259 -8.72 37.63 5.64
N PRO C 260 -8.46 37.43 6.92
CA PRO C 260 -7.07 37.29 7.38
C PRO C 260 -6.41 36.10 6.70
N TRP C 261 -5.13 36.26 6.37
CA TRP C 261 -4.38 35.27 5.62
C TRP C 261 -3.03 35.06 6.30
N THR C 262 -2.63 33.80 6.45
CA THR C 262 -1.37 33.43 7.09
C THR C 262 -0.51 32.76 6.04
N LYS C 263 0.49 33.48 5.52
CA LYS C 263 1.33 32.91 4.48
C LYS C 263 2.15 31.75 5.04
N GLY C 264 2.38 30.75 4.20
CA GLY C 264 3.06 29.55 4.62
C GLY C 264 2.16 28.46 5.18
N ARG C 265 0.89 28.78 5.44
CA ARG C 265 -0.07 27.81 5.96
C ARG C 265 -1.33 27.79 5.10
N ASP C 266 -1.86 28.98 4.81
CA ASP C 266 -3.11 29.10 4.06
C ASP C 266 -2.86 29.01 2.56
N LEU C 267 -3.74 28.29 1.88
CA LEU C 267 -3.71 28.12 0.43
C LEU C 267 -5.12 28.34 -0.10
N TRP C 268 -5.20 28.93 -1.29
CA TRP C 268 -6.49 29.12 -1.96
C TRP C 268 -6.86 27.86 -2.73
N TRP C 269 -8.07 27.34 -2.49
CA TRP C 269 -8.58 26.18 -3.21
C TRP C 269 -8.43 26.36 -4.73
N HIS C 270 -8.96 27.47 -5.26
CA HIS C 270 -8.98 27.64 -6.71
C HIS C 270 -7.57 27.73 -7.29
N GLU C 271 -6.64 28.35 -6.56
CA GLU C 271 -5.25 28.44 -7.03
C GLU C 271 -4.57 27.08 -7.02
N GLU C 272 -4.80 26.28 -5.99
CA GLU C 272 -4.12 24.98 -5.91
C GLU C 272 -4.68 23.98 -6.91
N VAL C 273 -6.01 23.88 -7.04
CA VAL C 273 -6.55 22.81 -7.89
C VAL C 273 -6.19 23.04 -9.36
N ASP C 274 -5.99 24.29 -9.77
CA ASP C 274 -5.63 24.55 -11.17
C ASP C 274 -4.26 23.96 -11.52
N LYS C 275 -3.44 23.61 -10.52
CA LYS C 275 -2.12 23.07 -10.79
C LYS C 275 -2.14 21.59 -11.18
N TYR C 276 -3.19 20.88 -10.81
CA TYR C 276 -3.15 19.42 -10.78
C TYR C 276 -4.08 18.80 -11.79
N PRO C 277 -3.84 17.54 -12.17
CA PRO C 277 -4.68 16.86 -13.16
C PRO C 277 -6.12 16.70 -12.70
N ASN C 278 -6.97 16.40 -13.67
CA ASN C 278 -8.40 16.23 -13.48
C ASN C 278 -8.78 14.80 -13.20
N TYR C 279 -7.80 13.93 -13.00
CA TYR C 279 -8.04 12.56 -12.58
C TYR C 279 -6.91 12.15 -11.64
N LEU C 280 -7.25 11.36 -10.64
CA LEU C 280 -6.27 10.76 -9.73
C LEU C 280 -6.73 9.34 -9.44
N PRO C 281 -5.81 8.37 -9.39
CA PRO C 281 -6.17 7.02 -8.90
C PRO C 281 -6.83 7.05 -7.53
N ALA C 282 -7.71 6.08 -7.29
CA ALA C 282 -8.33 5.91 -5.98
C ALA C 282 -7.50 4.92 -5.15
N GLU C 283 -7.23 5.29 -3.89
CA GLU C 283 -6.44 4.42 -3.01
C GLU C 283 -7.24 3.16 -2.67
N SER C 284 -6.58 2.00 -2.76
CA SER C 284 -7.22 0.73 -2.40
C SER C 284 -7.37 0.60 -0.89
N MET C 285 -8.60 0.58 -0.40
CA MET C 285 -8.89 0.55 1.03
C MET C 285 -9.42 -0.81 1.46
N ASP C 286 -9.05 -1.21 2.68
CA ASP C 286 -9.64 -2.40 3.29
C ASP C 286 -11.09 -2.09 3.69
N SER C 287 -11.95 -3.12 3.67
CA SER C 287 -13.31 -2.93 4.18
C SER C 287 -13.31 -2.26 5.55
N GLU C 288 -12.33 -2.54 6.40
CA GLU C 288 -12.32 -2.00 7.74
C GLU C 288 -11.34 -0.85 7.93
N ASP C 289 -10.82 -0.26 6.86
CA ASP C 289 -10.10 0.99 7.07
C ASP C 289 -11.08 2.08 7.52
N PRO C 290 -10.68 2.99 8.41
CA PRO C 290 -11.58 4.07 8.80
C PRO C 290 -11.95 4.92 7.61
N LEU C 291 -13.23 5.27 7.53
CA LEU C 291 -13.73 6.20 6.52
C LEU C 291 -13.88 7.61 7.07
N PHE C 292 -14.46 7.77 8.27
CA PHE C 292 -14.58 9.11 8.81
C PHE C 292 -14.77 9.06 10.32
N LEU C 293 -14.52 10.20 10.94
CA LEU C 293 -14.86 10.48 12.33
C LEU C 293 -15.98 11.51 12.34
N LEU C 294 -16.95 11.32 13.22
CA LEU C 294 -17.97 12.35 13.42
C LEU C 294 -18.13 12.57 14.91
N TYR C 295 -17.71 13.74 15.37
CA TYR C 295 -17.75 14.02 16.80
C TYR C 295 -19.19 14.22 17.27
N THR C 296 -19.52 13.57 18.39
CA THR C 296 -20.88 13.46 18.86
C THR C 296 -20.90 13.64 20.37
N SER C 297 -21.90 14.35 20.87
CA SER C 297 -22.00 14.60 22.30
C SER C 297 -22.55 13.37 23.01
N GLY C 298 -21.93 13.01 24.13
CA GLY C 298 -22.34 11.86 24.91
C GLY C 298 -22.88 12.27 26.27
N SER C 299 -23.41 11.27 26.99
CA SER C 299 -24.00 11.51 28.31
C SER C 299 -22.98 12.14 29.25
N THR C 300 -21.77 11.58 29.30
CA THR C 300 -20.69 12.12 30.10
C THR C 300 -19.51 12.45 29.20
N GLY C 301 -18.66 13.35 29.67
CA GLY C 301 -17.41 13.63 28.98
C GLY C 301 -17.57 14.55 27.79
N LYS C 302 -16.44 14.81 27.15
CA LYS C 302 -16.36 15.66 25.96
C LYS C 302 -16.85 14.90 24.74
N PRO C 303 -17.16 15.61 23.65
CA PRO C 303 -17.61 14.93 22.43
C PRO C 303 -16.71 13.78 22.01
N LYS C 304 -17.34 12.69 21.57
CA LYS C 304 -16.66 11.47 21.16
C LYS C 304 -16.44 11.48 19.65
N GLY C 305 -15.27 11.06 19.21
CA GLY C 305 -15.06 10.92 17.79
C GLY C 305 -15.57 9.58 17.31
N VAL C 306 -16.84 9.54 16.90
CA VAL C 306 -17.45 8.29 16.45
C VAL C 306 -16.85 7.89 15.11
N MET C 307 -16.27 6.70 15.04
CA MET C 307 -15.54 6.26 13.86
CA MET C 307 -15.55 6.29 13.86
C MET C 307 -16.34 5.25 13.08
N HIS C 308 -16.51 5.53 11.79
CA HIS C 308 -17.12 4.59 10.85
C HIS C 308 -16.05 4.08 9.89
N THR C 309 -16.09 2.77 9.61
CA THR C 309 -15.15 2.23 8.63
C THR C 309 -15.84 2.23 7.27
N THR C 310 -15.35 1.43 6.32
CA THR C 310 -15.65 1.71 4.92
C THR C 310 -16.76 0.82 4.35
N ALA C 311 -16.56 -0.50 4.21
CA ALA C 311 -17.53 -1.32 3.49
C ALA C 311 -18.88 -1.37 4.22
N GLY C 312 -18.87 -1.71 5.51
CA GLY C 312 -20.13 -1.84 6.22
C GLY C 312 -20.94 -0.56 6.19
N TYR C 313 -20.29 0.58 6.39
CA TYR C 313 -21.00 1.86 6.38
C TYR C 313 -21.63 2.12 5.02
N LEU C 314 -20.87 1.93 3.93
CA LEU C 314 -21.40 2.12 2.58
C LEU C 314 -22.55 1.16 2.27
N VAL C 315 -22.41 -0.11 2.65
CA VAL C 315 -23.49 -1.06 2.41
C VAL C 315 -24.77 -0.60 3.10
N GLY C 316 -24.65 -0.19 4.36
CA GLY C 316 -25.85 0.27 5.07
C GLY C 316 -26.44 1.52 4.45
N ALA C 317 -25.58 2.44 4.00
CA ALA C 317 -26.08 3.65 3.36
C ALA C 317 -26.80 3.33 2.06
N ALA C 318 -26.18 2.48 1.22
CA ALA C 318 -26.82 2.10 -0.04
C ALA C 318 -28.09 1.30 0.18
N ALA C 319 -28.07 0.36 1.13
CA ALA C 319 -29.23 -0.49 1.35
C ALA C 319 -30.41 0.32 1.88
N THR C 320 -30.18 1.23 2.82
CA THR C 320 -31.29 2.03 3.32
C THR C 320 -31.75 3.04 2.28
N GLY C 321 -30.82 3.67 1.55
CA GLY C 321 -31.26 4.56 0.48
C GLY C 321 -32.16 3.85 -0.52
N LYS C 322 -31.79 2.62 -0.88
CA LYS C 322 -32.58 1.85 -1.84
C LYS C 322 -33.92 1.46 -1.24
N TYR C 323 -33.90 0.72 -0.13
CA TYR C 323 -35.12 0.10 0.38
C TYR C 323 -35.95 1.00 1.29
N VAL C 324 -35.33 1.94 2.00
CA VAL C 324 -36.11 2.87 2.82
C VAL C 324 -36.65 4.01 1.96
N PHE C 325 -35.77 4.68 1.21
CA PHE C 325 -36.20 5.84 0.43
C PHE C 325 -36.62 5.51 -0.99
N ASP C 326 -36.64 4.24 -1.39
CA ASP C 326 -37.10 3.86 -2.73
C ASP C 326 -36.28 4.58 -3.80
N ILE C 327 -34.97 4.67 -3.60
CA ILE C 327 -34.12 5.42 -4.54
C ILE C 327 -33.86 4.58 -5.78
N HIS C 328 -34.09 5.18 -6.94
CA HIS C 328 -33.72 4.67 -8.25
C HIS C 328 -32.76 5.65 -8.90
N PRO C 329 -31.94 5.19 -9.86
CA PRO C 329 -30.92 6.09 -10.44
C PRO C 329 -31.45 7.40 -10.98
N ALA C 330 -32.65 7.42 -11.56
CA ALA C 330 -33.19 8.64 -12.14
C ALA C 330 -33.66 9.64 -11.09
N ASP C 331 -33.70 9.26 -9.82
CA ASP C 331 -34.36 10.07 -8.81
C ASP C 331 -33.55 11.33 -8.48
N ARG C 332 -34.25 12.29 -7.91
CA ARG C 332 -33.67 13.56 -7.45
C ARG C 332 -33.93 13.63 -5.95
N PHE C 333 -32.93 13.30 -5.14
CA PHE C 333 -33.08 13.15 -3.71
C PHE C 333 -32.67 14.43 -2.98
N PHE C 334 -33.46 14.83 -2.00
CA PHE C 334 -33.22 16.09 -1.29
C PHE C 334 -33.35 15.85 0.22
N CYS C 335 -32.20 15.73 0.88
CA CYS C 335 -32.15 15.72 2.35
C CYS C 335 -31.86 17.14 2.83
N GLY C 336 -32.67 17.61 3.78
CA GLY C 336 -32.49 18.95 4.30
C GLY C 336 -31.47 19.10 5.41
N GLY C 337 -30.80 18.04 5.80
CA GLY C 337 -29.86 18.11 6.91
C GLY C 337 -28.47 18.56 6.50
N ASP C 338 -27.70 19.00 7.48
CA ASP C 338 -26.38 19.58 7.24
C ASP C 338 -25.32 18.48 7.17
N VAL C 339 -24.31 18.69 6.32
CA VAL C 339 -23.18 17.78 6.22
C VAL C 339 -22.45 17.65 7.56
N GLY C 340 -22.57 18.65 8.44
CA GLY C 340 -21.97 18.55 9.75
C GLY C 340 -22.56 17.49 10.65
N TRP C 341 -23.64 16.84 10.25
CA TRP C 341 -24.28 15.82 11.08
C TRP C 341 -24.42 14.53 10.30
N ILE C 342 -24.72 13.45 11.02
CA ILE C 342 -24.76 12.13 10.39
C ILE C 342 -25.81 12.06 9.29
N THR C 343 -26.94 12.77 9.45
CA THR C 343 -27.95 12.76 8.40
CA THR C 343 -27.95 12.78 8.40
C THR C 343 -27.37 13.29 7.09
N GLY C 344 -26.61 14.38 7.14
CA GLY C 344 -25.98 14.89 5.94
C GLY C 344 -24.90 13.96 5.41
N HIS C 345 -24.12 13.33 6.30
CA HIS C 345 -23.13 12.35 5.84
C HIS C 345 -23.81 11.26 5.04
N THR C 346 -24.79 10.59 5.66
CA THR C 346 -25.31 9.37 5.05
C THR C 346 -26.27 9.67 3.91
N TYR C 347 -27.12 10.70 4.03
CA TYR C 347 -28.19 10.86 3.05
C TYR C 347 -28.10 12.10 2.16
N VAL C 348 -27.29 13.12 2.50
CA VAL C 348 -26.94 14.08 1.47
C VAL C 348 -25.84 13.53 0.57
N VAL C 349 -24.85 12.87 1.15
CA VAL C 349 -23.65 12.50 0.41
C VAL C 349 -23.66 11.04 0.00
N TYR C 350 -23.46 10.12 0.96
CA TYR C 350 -23.05 8.77 0.58
C TYR C 350 -24.18 7.97 -0.08
N ALA C 351 -25.37 7.90 0.53
CA ALA C 351 -26.40 7.02 -0.02
C ALA C 351 -26.81 7.39 -1.44
N PRO C 352 -27.20 8.63 -1.75
CA PRO C 352 -27.65 8.90 -3.14
C PRO C 352 -26.53 8.77 -4.15
N LEU C 353 -25.32 9.21 -3.80
CA LEU C 353 -24.23 9.06 -4.75
C LEU C 353 -23.83 7.60 -4.93
N LEU C 354 -23.85 6.80 -3.85
CA LEU C 354 -23.63 5.37 -4.01
C LEU C 354 -24.61 4.75 -5.00
N LEU C 355 -25.89 5.17 -4.91
CA LEU C 355 -26.94 4.62 -5.75
C LEU C 355 -26.97 5.24 -7.14
N GLY C 356 -26.15 6.27 -7.35
CA GLY C 356 -26.03 6.87 -8.67
C GLY C 356 -27.15 7.82 -9.04
N CYS C 357 -27.88 8.37 -8.09
CA CYS C 357 -28.93 9.32 -8.44
C CYS C 357 -28.41 10.74 -8.28
N THR C 358 -29.32 11.70 -8.26
CA THR C 358 -28.99 13.09 -8.04
C THR C 358 -29.27 13.46 -6.58
N THR C 359 -28.36 14.21 -5.96
CA THR C 359 -28.57 14.72 -4.61
C THR C 359 -28.54 16.24 -4.60
N VAL C 360 -29.41 16.84 -3.79
CA VAL C 360 -29.54 18.29 -3.69
C VAL C 360 -28.69 18.77 -2.51
N VAL C 361 -27.83 19.75 -2.77
CA VAL C 361 -27.06 20.43 -1.73
C VAL C 361 -27.66 21.81 -1.56
N PHE C 362 -28.34 22.02 -0.43
CA PHE C 362 -29.15 23.20 -0.16
C PHE C 362 -28.41 24.07 0.86
N GLU C 363 -27.98 25.25 0.41
CA GLU C 363 -27.19 26.20 1.20
C GLU C 363 -28.04 27.08 2.10
N SER C 364 -29.34 27.20 1.84
CA SER C 364 -30.16 28.21 2.49
C SER C 364 -30.92 27.64 3.68
N THR C 365 -31.94 28.37 4.15
CA THR C 365 -32.84 27.92 5.19
C THR C 365 -34.25 27.73 4.64
N PRO C 366 -35.13 27.01 5.35
CA PRO C 366 -36.51 26.85 4.86
C PRO C 366 -37.31 28.14 4.88
N ALA C 367 -36.73 29.23 5.42
CA ALA C 367 -37.45 30.49 5.58
C ALA C 367 -36.91 31.60 4.71
N TYR C 368 -35.82 31.37 3.97
CA TYR C 368 -35.19 32.43 3.19
C TYR C 368 -35.31 32.14 1.69
N PRO C 369 -35.74 33.11 0.87
CA PRO C 369 -36.17 34.43 1.35
C PRO C 369 -37.57 34.41 1.95
N ASN C 370 -38.30 33.31 1.77
CA ASN C 370 -39.62 33.21 2.35
C ASN C 370 -39.88 31.76 2.73
N PHE C 371 -41.01 31.54 3.40
CA PHE C 371 -41.31 30.20 3.90
C PHE C 371 -41.67 29.21 2.80
N SER C 372 -41.75 29.64 1.55
CA SER C 372 -42.01 28.72 0.44
C SER C 372 -40.75 28.04 -0.07
N ARG C 373 -39.58 28.31 0.51
CA ARG C 373 -38.31 27.94 -0.15
C ARG C 373 -38.19 26.43 -0.41
N TYR C 374 -38.46 25.59 0.60
CA TYR C 374 -38.34 24.15 0.39
C TYR C 374 -39.15 23.72 -0.82
N TRP C 375 -40.40 24.20 -0.91
CA TRP C 375 -41.26 23.79 -2.00
C TRP C 375 -40.86 24.44 -3.32
N ASP C 376 -40.33 25.66 -3.28
CA ASP C 376 -39.73 26.24 -4.48
C ASP C 376 -38.64 25.32 -5.02
N VAL C 377 -37.76 24.84 -4.13
CA VAL C 377 -36.65 23.99 -4.53
C VAL C 377 -37.16 22.66 -5.07
N ILE C 378 -38.09 22.04 -4.35
CA ILE C 378 -38.62 20.75 -4.77
C ILE C 378 -39.29 20.87 -6.15
N GLU C 379 -40.13 21.89 -6.32
CA GLU C 379 -40.84 22.07 -7.58
C GLU C 379 -39.88 22.42 -8.72
N LYS C 380 -38.86 23.24 -8.45
CA LYS C 380 -37.92 23.61 -9.52
C LYS C 380 -37.13 22.41 -10.02
N HIS C 381 -36.59 21.61 -9.09
CA HIS C 381 -35.69 20.53 -9.45
C HIS C 381 -36.42 19.19 -9.56
N LYS C 382 -37.75 19.19 -9.45
CA LYS C 382 -38.57 17.99 -9.66
C LYS C 382 -38.13 16.86 -8.73
N VAL C 383 -38.03 17.21 -7.45
CA VAL C 383 -37.54 16.29 -6.43
C VAL C 383 -38.52 15.15 -6.19
N THR C 384 -37.98 13.94 -6.01
CA THR C 384 -38.73 12.71 -5.82
C THR C 384 -38.81 12.27 -4.36
N GLN C 385 -37.80 12.56 -3.56
CA GLN C 385 -37.78 12.24 -2.13
C GLN C 385 -37.30 13.46 -1.36
N PHE C 386 -37.98 13.77 -0.26
CA PHE C 386 -37.58 14.87 0.61
C PHE C 386 -37.46 14.34 2.04
N TYR C 387 -36.41 14.78 2.74
CA TYR C 387 -36.01 14.21 4.02
C TYR C 387 -35.68 15.37 4.96
N VAL C 388 -36.46 15.56 6.02
CA VAL C 388 -36.28 16.71 6.88
C VAL C 388 -36.60 16.35 8.33
N ALA C 389 -36.34 17.29 9.23
CA ALA C 389 -36.55 17.18 10.68
C ALA C 389 -37.93 17.72 11.05
N PRO C 390 -38.59 17.09 12.03
CA PRO C 390 -39.88 17.63 12.51
C PRO C 390 -39.83 19.08 12.96
N THR C 391 -38.68 19.55 13.47
CA THR C 391 -38.57 20.96 13.87
C THR C 391 -38.90 21.87 12.69
N ALA C 392 -38.33 21.58 11.52
CA ALA C 392 -38.62 22.37 10.33
C ALA C 392 -40.08 22.24 9.93
N LEU C 393 -40.64 21.04 10.04
CA LEU C 393 -42.05 20.85 9.71
C LEU C 393 -42.94 21.66 10.66
N ARG C 394 -42.60 21.68 11.95
CA ARG C 394 -43.36 22.48 12.90
C ARG C 394 -43.29 23.96 12.56
N LEU C 395 -42.12 24.43 12.14
CA LEU C 395 -41.97 25.84 11.81
C LEU C 395 -42.83 26.20 10.61
N LEU C 396 -42.78 25.38 9.55
CA LEU C 396 -43.51 25.69 8.33
C LEU C 396 -45.01 25.51 8.52
N LYS C 397 -45.44 24.47 9.23
CA LYS C 397 -46.85 24.34 9.56
C LYS C 397 -47.33 25.56 10.35
N ARG C 398 -46.47 26.07 11.24
CA ARG C 398 -46.80 27.26 12.02
C ARG C 398 -47.01 28.47 11.13
N ALA C 399 -46.22 28.60 10.05
CA ALA C 399 -46.27 29.78 9.20
C ALA C 399 -47.54 29.84 8.35
N GLY C 400 -48.18 28.70 8.09
CA GLY C 400 -49.44 28.74 7.37
C GLY C 400 -49.40 28.02 6.03
N ASP C 401 -50.51 27.38 5.67
CA ASP C 401 -50.56 26.62 4.42
C ASP C 401 -50.55 27.49 3.18
N HIS C 402 -50.67 28.81 3.32
CA HIS C 402 -50.67 29.67 2.14
C HIS C 402 -49.29 29.80 1.52
N HIS C 403 -48.24 29.42 2.25
CA HIS C 403 -46.90 29.37 1.67
C HIS C 403 -46.70 28.14 0.81
N ILE C 404 -47.66 27.22 0.76
CA ILE C 404 -47.53 25.97 0.04
C ILE C 404 -48.59 25.94 -1.05
N ASN C 405 -48.14 26.01 -2.30
CA ASN C 405 -49.00 26.01 -3.47
C ASN C 405 -48.13 25.60 -4.65
N HIS C 406 -47.64 24.37 -4.61
CA HIS C 406 -46.64 23.88 -5.54
C HIS C 406 -47.06 22.50 -6.03
N GLU C 407 -47.06 22.30 -7.35
CA GLU C 407 -47.49 21.03 -7.90
C GLU C 407 -46.67 19.86 -7.33
N MET C 408 -45.35 19.89 -7.51
CA MET C 408 -44.46 18.88 -6.95
C MET C 408 -44.91 17.48 -7.34
N LYS C 409 -45.19 17.29 -8.63
CA LYS C 409 -45.80 16.05 -9.09
C LYS C 409 -44.92 14.82 -8.85
N ASP C 410 -43.59 15.00 -8.77
CA ASP C 410 -42.68 13.86 -8.65
C ASP C 410 -42.42 13.44 -7.21
N LEU C 411 -42.81 14.27 -6.24
CA LEU C 411 -42.54 14.01 -4.83
C LEU C 411 -43.38 12.82 -4.35
N ARG C 412 -42.73 11.70 -4.03
CA ARG C 412 -43.45 10.51 -3.62
C ARG C 412 -43.03 9.92 -2.29
N ILE C 413 -41.88 10.30 -1.74
CA ILE C 413 -41.42 9.86 -0.43
C ILE C 413 -41.18 11.11 0.41
N LEU C 414 -41.71 11.10 1.63
CA LEU C 414 -41.52 12.19 2.59
C LEU C 414 -40.91 11.60 3.85
N GLY C 415 -39.60 11.81 4.05
CA GLY C 415 -38.95 11.30 5.24
C GLY C 415 -38.87 12.31 6.39
N SER C 416 -38.76 11.77 7.60
CA SER C 416 -38.62 12.56 8.82
C SER C 416 -37.63 11.87 9.75
N VAL C 417 -36.78 12.66 10.42
CA VAL C 417 -35.71 12.12 11.25
C VAL C 417 -35.45 13.04 12.44
N GLY C 418 -35.09 12.44 13.58
CA GLY C 418 -34.56 13.19 14.70
C GLY C 418 -35.40 13.11 15.96
N GLU C 419 -36.72 13.12 15.79
CA GLU C 419 -37.65 12.99 16.90
C GLU C 419 -38.94 12.42 16.34
N PRO C 420 -39.85 11.96 17.19
CA PRO C 420 -41.12 11.47 16.66
C PRO C 420 -41.82 12.59 15.93
N ILE C 421 -42.48 12.26 14.84
CA ILE C 421 -43.30 13.22 14.10
C ILE C 421 -44.72 13.06 14.64
N ALA C 422 -45.19 14.08 15.36
CA ALA C 422 -46.46 14.00 16.07
C ALA C 422 -47.63 13.80 15.10
N ALA C 423 -48.75 13.30 15.65
CA ALA C 423 -49.90 12.97 14.82
C ALA C 423 -50.34 14.13 13.95
N GLU C 424 -50.42 15.34 14.53
CA GLU C 424 -50.94 16.47 13.76
C GLU C 424 -49.94 16.93 12.72
N VAL C 425 -48.64 16.89 13.04
CA VAL C 425 -47.61 17.19 12.06
C VAL C 425 -47.59 16.11 10.98
N TRP C 426 -47.70 14.84 11.39
CA TRP C 426 -47.78 13.74 10.43
C TRP C 426 -48.92 13.96 9.45
N LYS C 427 -50.12 14.25 9.96
CA LYS C 427 -51.28 14.48 9.10
C LYS C 427 -51.04 15.64 8.14
N TRP C 428 -50.45 16.73 8.64
CA TRP C 428 -50.14 17.87 7.79
C TRP C 428 -49.14 17.48 6.71
N TYR C 429 -48.06 16.81 7.10
CA TYR C 429 -47.07 16.33 6.13
C TYR C 429 -47.72 15.46 5.06
N HIS C 430 -48.63 14.58 5.48
CA HIS C 430 -49.25 13.63 4.55
C HIS C 430 -50.24 14.33 3.63
N GLU C 431 -51.12 15.16 4.19
CA GLU C 431 -52.22 15.70 3.40
C GLU C 431 -51.85 17.00 2.71
N VAL C 432 -51.24 17.94 3.44
CA VAL C 432 -50.93 19.25 2.87
C VAL C 432 -49.69 19.15 1.98
N VAL C 433 -48.56 18.71 2.53
CA VAL C 433 -47.34 18.66 1.75
C VAL C 433 -47.42 17.56 0.69
N GLY C 434 -47.81 16.36 1.09
CA GLY C 434 -47.83 15.21 0.20
C GLY C 434 -49.06 15.03 -0.66
N LYS C 435 -50.14 15.76 -0.39
CA LYS C 435 -51.39 15.64 -1.15
C LYS C 435 -51.94 14.21 -1.12
N ARG C 436 -51.60 13.45 -0.08
CA ARG C 436 -52.03 12.05 0.09
C ARG C 436 -51.49 11.14 -0.99
N GLN C 437 -50.48 11.58 -1.74
CA GLN C 437 -49.89 10.76 -2.78
C GLN C 437 -48.45 10.35 -2.45
N ALA C 438 -47.91 10.79 -1.33
CA ALA C 438 -46.56 10.42 -0.91
C ALA C 438 -46.60 9.55 0.34
N HIS C 439 -45.61 8.68 0.46
CA HIS C 439 -45.47 7.81 1.63
C HIS C 439 -44.57 8.49 2.65
N ILE C 440 -45.06 8.63 3.88
CA ILE C 440 -44.30 9.30 4.94
C ILE C 440 -43.47 8.27 5.69
N VAL C 441 -42.16 8.53 5.80
CA VAL C 441 -41.21 7.56 6.32
C VAL C 441 -40.52 8.17 7.54
N ASP C 442 -40.92 7.76 8.73
CA ASP C 442 -40.30 8.21 9.98
C ASP C 442 -39.13 7.29 10.31
N THR C 443 -37.90 7.76 10.08
CA THR C 443 -36.69 6.96 10.23
C THR C 443 -36.05 7.20 11.59
N TYR C 444 -35.92 6.14 12.39
CA TYR C 444 -35.19 6.21 13.65
C TYR C 444 -33.78 5.66 13.48
N TRP C 445 -32.79 6.41 13.96
CA TRP C 445 -31.39 5.96 13.95
C TRP C 445 -30.56 6.99 14.72
N GLN C 446 -29.24 6.83 14.71
CA GLN C 446 -28.35 7.74 15.43
C GLN C 446 -27.00 7.75 14.75
N THR C 447 -26.15 8.70 15.14
CA THR C 447 -24.81 8.78 14.57
C THR C 447 -24.12 7.43 14.62
N GLU C 448 -24.27 6.72 15.75
CA GLU C 448 -23.55 5.47 15.96
C GLU C 448 -24.09 4.32 15.11
N THR C 449 -25.31 4.42 14.58
CA THR C 449 -25.79 3.31 13.76
C THR C 449 -25.45 3.47 12.28
N GLY C 450 -24.93 4.62 11.87
CA GLY C 450 -24.50 4.81 10.48
C GLY C 450 -25.63 5.07 9.49
N SER C 451 -26.73 4.31 9.61
CA SER C 451 -27.88 4.44 8.72
CA SER C 451 -27.88 4.43 8.73
C SER C 451 -29.14 4.07 9.51
N HIS C 452 -30.30 4.18 8.86
CA HIS C 452 -31.59 3.89 9.49
C HIS C 452 -31.59 2.51 10.13
N VAL C 453 -32.25 2.38 11.29
CA VAL C 453 -32.32 1.06 11.93
C VAL C 453 -33.75 0.65 12.30
N ILE C 454 -34.65 1.60 12.54
CA ILE C 454 -36.07 1.28 12.67
C ILE C 454 -36.84 2.30 11.85
N THR C 455 -37.57 1.81 10.84
CA THR C 455 -38.15 2.69 9.84
C THR C 455 -39.15 1.91 8.98
N PRO C 456 -40.20 2.56 8.50
CA PRO C 456 -40.97 1.96 7.40
C PRO C 456 -40.13 1.97 6.13
N LEU C 457 -40.42 1.04 5.23
CA LEU C 457 -39.76 1.03 3.92
C LEU C 457 -40.66 1.74 2.92
N GLY C 458 -40.12 2.74 2.23
CA GLY C 458 -40.90 3.56 1.34
C GLY C 458 -41.64 2.78 0.27
N GLY C 459 -42.95 3.00 0.16
CA GLY C 459 -43.76 2.28 -0.78
C GLY C 459 -44.16 0.88 -0.37
N ILE C 460 -43.80 0.44 0.84
CA ILE C 460 -44.03 -0.94 1.25
C ILE C 460 -44.74 -1.05 2.60
N THR C 461 -44.19 -0.37 3.65
CA THR C 461 -44.62 -0.66 5.02
C THR C 461 -45.82 0.19 5.41
N PRO C 462 -46.92 -0.41 5.88
CA PRO C 462 -48.00 0.39 6.47
C PRO C 462 -47.47 1.13 7.68
N THR C 463 -47.96 2.36 7.88
CA THR C 463 -47.39 3.26 8.87
C THR C 463 -48.43 3.64 9.92
N LYS C 464 -47.93 4.08 11.08
CA LYS C 464 -48.73 4.69 12.14
C LYS C 464 -48.16 6.05 12.49
N PRO C 465 -48.99 7.08 12.69
CA PRO C 465 -48.46 8.40 13.05
C PRO C 465 -47.77 8.36 14.41
N GLY C 466 -46.50 8.77 14.43
CA GLY C 466 -45.71 8.80 15.64
C GLY C 466 -44.89 7.55 15.90
N SER C 467 -44.98 6.54 15.05
CA SER C 467 -44.27 5.29 15.21
C SER C 467 -43.20 5.17 14.13
N ALA C 468 -42.02 4.69 14.51
CA ALA C 468 -40.98 4.39 13.52
C ALA C 468 -41.25 3.07 12.81
N SER C 469 -42.34 2.39 13.16
CA SER C 469 -42.76 1.09 12.63
C SER C 469 -41.77 -0.02 12.93
N LEU C 470 -41.11 -0.58 11.91
CA LEU C 470 -40.47 -1.88 12.01
C LEU C 470 -38.96 -1.82 11.77
N PRO C 471 -38.21 -2.79 12.29
CA PRO C 471 -36.75 -2.76 12.09
C PRO C 471 -36.36 -2.89 10.62
N PHE C 472 -35.23 -2.28 10.29
CA PHE C 472 -34.62 -2.48 9.00
C PHE C 472 -33.94 -3.85 8.96
N PHE C 473 -33.59 -4.28 7.75
CA PHE C 473 -32.85 -5.53 7.58
C PHE C 473 -31.64 -5.55 8.51
N GLY C 474 -31.44 -6.69 9.17
CA GLY C 474 -30.27 -6.89 9.99
C GLY C 474 -30.35 -6.28 11.38
N ILE C 475 -31.43 -5.59 11.71
CA ILE C 475 -31.60 -4.95 13.01
C ILE C 475 -32.51 -5.81 13.87
N ASP C 476 -32.01 -6.24 15.02
CA ASP C 476 -32.76 -7.13 15.90
C ASP C 476 -33.06 -6.40 17.21
N PRO C 477 -34.13 -5.62 17.26
CA PRO C 477 -34.39 -4.80 18.45
C PRO C 477 -35.00 -5.61 19.59
N VAL C 478 -34.65 -5.21 20.81
CA VAL C 478 -35.20 -5.79 22.03
C VAL C 478 -35.53 -4.66 22.99
N ILE C 479 -36.45 -4.94 23.90
CA ILE C 479 -36.85 -4.02 24.95
C ILE C 479 -36.34 -4.61 26.27
N LEU C 480 -35.49 -3.86 26.97
CA LEU C 480 -34.91 -4.34 28.22
C LEU C 480 -35.52 -3.61 29.40
N ASP C 481 -35.59 -4.31 30.54
CA ASP C 481 -35.93 -3.65 31.78
C ASP C 481 -34.76 -2.77 32.20
N PRO C 482 -34.99 -1.48 32.47
CA PRO C 482 -33.85 -0.59 32.74
C PRO C 482 -33.02 -1.02 33.94
N VAL C 483 -33.68 -1.47 35.00
CA VAL C 483 -32.97 -1.86 36.23
C VAL C 483 -32.27 -3.20 36.03
N THR C 484 -33.04 -4.26 35.79
CA THR C 484 -32.49 -5.61 35.72
C THR C 484 -31.77 -5.91 34.41
N GLY C 485 -31.96 -5.09 33.37
CA GLY C 485 -31.41 -5.41 32.07
C GLY C 485 -32.01 -6.62 31.40
N ALA C 486 -33.02 -7.24 32.00
CA ALA C 486 -33.62 -8.42 31.43
C ALA C 486 -34.42 -8.07 30.18
N GLU C 487 -34.42 -8.98 29.22
CA GLU C 487 -35.22 -8.80 28.02
C GLU C 487 -36.70 -8.99 28.36
N ILE C 488 -37.55 -8.08 27.89
CA ILE C 488 -38.98 -8.14 28.13
C ILE C 488 -39.65 -8.71 26.87
N PRO C 489 -40.15 -9.94 26.90
CA PRO C 489 -40.64 -10.57 25.68
C PRO C 489 -42.03 -10.10 25.29
N GLY C 490 -42.34 -10.28 24.00
CA GLY C 490 -43.69 -10.11 23.51
C GLY C 490 -44.02 -8.70 23.08
N ASN C 491 -45.29 -8.51 22.76
CA ASN C 491 -45.80 -7.22 22.31
C ASN C 491 -46.50 -6.47 23.44
N ASP C 492 -46.73 -5.18 23.21
CA ASP C 492 -47.17 -4.22 24.23
C ASP C 492 -46.28 -4.27 25.46
N VAL C 493 -45.02 -3.89 25.27
CA VAL C 493 -44.03 -3.80 26.34
C VAL C 493 -43.29 -2.48 26.19
N GLU C 494 -42.60 -2.08 27.25
CA GLU C 494 -41.84 -0.84 27.22
C GLU C 494 -40.60 -0.96 28.10
N GLY C 495 -39.58 -0.17 27.77
CA GLY C 495 -38.32 -0.19 28.48
C GLY C 495 -37.21 0.41 27.63
N ILE C 496 -36.02 -0.16 27.77
CA ILE C 496 -34.84 0.34 27.10
C ILE C 496 -34.73 -0.29 25.71
N LEU C 497 -34.40 0.52 24.72
CA LEU C 497 -34.21 0.03 23.37
C LEU C 497 -32.77 -0.43 23.20
N ALA C 498 -32.59 -1.69 22.85
CA ALA C 498 -31.26 -2.23 22.56
C ALA C 498 -31.35 -3.11 21.32
N PHE C 499 -30.20 -3.33 20.69
CA PHE C 499 -30.10 -4.25 19.56
C PHE C 499 -29.36 -5.51 19.97
N ARG C 500 -29.87 -6.65 19.52
CA ARG C 500 -29.34 -7.94 19.95
C ARG C 500 -28.15 -8.40 19.11
N LYS C 501 -27.95 -7.85 17.93
CA LYS C 501 -26.94 -8.36 17.02
C LYS C 501 -26.21 -7.20 16.35
N PRO C 502 -24.97 -7.42 15.92
CA PRO C 502 -24.26 -6.37 15.18
C PRO C 502 -24.92 -6.15 13.83
N TRP C 503 -24.62 -5.01 13.21
CA TRP C 503 -25.12 -4.69 11.89
C TRP C 503 -24.01 -4.00 11.11
N PRO C 504 -24.08 -4.01 9.77
CA PRO C 504 -22.89 -3.61 8.99
C PRO C 504 -22.40 -2.21 9.25
N SER C 505 -23.29 -1.24 9.42
CA SER C 505 -22.88 0.15 9.49
C SER C 505 -22.70 0.65 10.93
N MET C 506 -22.59 -0.24 11.90
CA MET C 506 -22.41 0.19 13.28
C MET C 506 -21.08 0.91 13.44
N ALA C 507 -21.06 1.96 14.26
CA ALA C 507 -19.78 2.59 14.59
C ALA C 507 -18.83 1.53 15.16
N ARG C 508 -17.56 1.64 14.79
CA ARG C 508 -16.56 0.66 15.18
C ARG C 508 -15.76 1.05 16.42
N THR C 509 -15.58 2.34 16.69
CA THR C 509 -14.89 2.73 17.91
C THR C 509 -15.19 4.19 18.20
N VAL C 510 -14.68 4.66 19.32
CA VAL C 510 -14.54 6.08 19.63
C VAL C 510 -13.06 6.42 19.46
N TRP C 511 -12.77 7.41 18.63
CA TRP C 511 -11.40 7.69 18.21
C TRP C 511 -10.48 7.85 19.42
N GLY C 512 -9.44 7.00 19.48
CA GLY C 512 -8.46 7.04 20.54
C GLY C 512 -8.93 6.56 21.89
N ASP C 513 -10.12 5.96 21.98
CA ASP C 513 -10.67 5.59 23.29
C ASP C 513 -11.66 4.45 23.10
N HIS C 514 -11.15 3.28 22.67
CA HIS C 514 -12.03 2.12 22.51
C HIS C 514 -12.65 1.69 23.83
N LYS C 515 -11.93 1.87 24.96
CA LYS C 515 -12.52 1.54 26.24
C LYS C 515 -13.79 2.35 26.47
N ARG C 516 -13.79 3.63 26.11
CA ARG C 516 -15.00 4.42 26.27
C ARG C 516 -16.11 3.91 25.37
N TYR C 517 -15.77 3.53 24.13
CA TYR C 517 -16.75 2.92 23.24
C TYR C 517 -17.38 1.68 23.88
N MET C 518 -16.54 0.78 24.40
CA MET C 518 -17.05 -0.42 25.08
C MET C 518 -17.94 -0.04 26.26
N ASP C 519 -17.44 0.84 27.12
CA ASP C 519 -18.18 1.17 28.33
C ASP C 519 -19.50 1.87 28.02
N THR C 520 -19.56 2.62 26.92
CA THR C 520 -20.74 3.42 26.61
C THR C 520 -21.82 2.59 25.91
N TYR C 521 -21.42 1.73 24.98
CA TYR C 521 -22.38 1.06 24.10
C TYR C 521 -22.55 -0.43 24.37
N LEU C 522 -21.51 -1.13 24.84
CA LEU C 522 -21.51 -2.59 24.82
C LEU C 522 -21.36 -3.25 26.18
N ASN C 523 -20.87 -2.53 27.19
CA ASN C 523 -20.70 -3.08 28.53
C ASN C 523 -21.88 -2.77 29.45
N VAL C 524 -22.79 -1.88 29.03
CA VAL C 524 -23.95 -1.54 29.86
C VAL C 524 -24.86 -2.75 30.01
N TYR C 525 -25.30 -3.30 28.88
CA TYR C 525 -26.09 -4.53 28.83
C TYR C 525 -25.30 -5.51 27.97
N LYS C 526 -24.52 -6.38 28.62
CA LYS C 526 -23.58 -7.20 27.86
C LYS C 526 -24.32 -8.16 26.94
N GLY C 527 -23.86 -8.24 25.68
CA GLY C 527 -24.55 -8.99 24.66
C GLY C 527 -25.52 -8.16 23.83
N PHE C 528 -25.71 -6.89 24.18
CA PHE C 528 -26.58 -6.00 23.43
C PHE C 528 -25.85 -4.71 23.11
N TYR C 529 -26.38 -3.99 22.12
CA TYR C 529 -25.98 -2.62 21.84
C TYR C 529 -26.98 -1.68 22.50
N PHE C 530 -26.49 -0.75 23.29
CA PHE C 530 -27.32 0.17 24.07
C PHE C 530 -27.53 1.47 23.30
N THR C 531 -28.78 1.76 22.93
CA THR C 531 -29.05 2.97 22.14
C THR C 531 -29.09 4.24 22.98
N GLY C 532 -29.28 4.12 24.29
CA GLY C 532 -29.56 5.29 25.10
C GLY C 532 -30.96 5.81 24.99
N ASP C 533 -31.84 5.12 24.26
CA ASP C 533 -33.22 5.53 24.06
C ASP C 533 -34.16 4.56 24.77
N GLY C 534 -35.30 5.08 25.21
CA GLY C 534 -36.39 4.24 25.60
C GLY C 534 -37.37 4.02 24.46
N ALA C 535 -38.15 2.95 24.55
CA ALA C 535 -39.09 2.63 23.48
C ALA C 535 -40.17 1.69 24.00
N GLY C 536 -41.31 1.72 23.31
CA GLY C 536 -42.34 0.71 23.47
C GLY C 536 -42.53 -0.03 22.17
N ARG C 537 -42.88 -1.31 22.28
CA ARG C 537 -43.28 -2.13 21.14
C ARG C 537 -44.75 -2.46 21.31
N ASP C 538 -45.58 -1.93 20.42
CA ASP C 538 -47.03 -1.99 20.63
C ASP C 538 -47.56 -3.39 20.30
N HIS C 539 -48.89 -3.52 20.27
CA HIS C 539 -49.53 -4.83 20.12
C HIS C 539 -49.24 -5.46 18.75
N GLU C 540 -48.97 -4.64 17.74
CA GLU C 540 -48.65 -5.14 16.41
C GLU C 540 -47.14 -5.24 16.18
N GLY C 541 -46.32 -5.07 17.21
CA GLY C 541 -44.89 -5.09 17.05
C GLY C 541 -44.29 -3.82 16.46
N TYR C 542 -45.06 -2.75 16.35
CA TYR C 542 -44.54 -1.46 15.88
C TYR C 542 -43.85 -0.74 17.03
N TYR C 543 -42.73 -0.10 16.72
CA TYR C 543 -41.90 0.54 17.73
C TYR C 543 -42.25 2.02 17.88
N TRP C 544 -42.27 2.48 19.13
CA TRP C 544 -42.55 3.87 19.47
C TRP C 544 -41.37 4.38 20.27
N ILE C 545 -40.65 5.35 19.72
CA ILE C 545 -39.41 5.83 20.35
C ILE C 545 -39.76 6.87 21.41
N ARG C 546 -39.26 6.65 22.63
CA ARG C 546 -39.56 7.51 23.76
C ARG C 546 -38.52 8.59 24.02
N GLY C 547 -37.34 8.51 23.39
CA GLY C 547 -36.31 9.51 23.60
C GLY C 547 -35.26 9.06 24.59
N ARG C 548 -34.28 9.96 24.81
CA ARG C 548 -33.06 9.59 25.52
C ARG C 548 -33.33 9.30 26.99
N VAL C 549 -32.67 8.27 27.53
CA VAL C 549 -32.73 7.99 28.95
C VAL C 549 -31.51 8.50 29.70
N ASP C 550 -30.50 9.04 29.00
CA ASP C 550 -29.30 9.57 29.62
C ASP C 550 -29.35 11.10 29.60
N ASP C 551 -28.23 11.74 29.89
CA ASP C 551 -28.17 13.20 30.00
C ASP C 551 -27.86 13.86 28.65
N VAL C 552 -28.57 13.42 27.62
CA VAL C 552 -28.46 13.98 26.27
C VAL C 552 -29.82 14.56 25.90
N VAL C 553 -29.82 15.76 25.34
CA VAL C 553 -31.05 16.43 24.98
C VAL C 553 -30.99 16.86 23.51
N ASN C 554 -32.16 16.94 22.88
CA ASN C 554 -32.30 17.37 21.50
C ASN C 554 -32.91 18.76 21.50
N VAL C 555 -32.15 19.75 21.04
CA VAL C 555 -32.56 21.15 21.05
C VAL C 555 -32.60 21.61 19.59
N SER C 556 -33.81 21.80 19.07
CA SER C 556 -34.03 22.29 17.71
C SER C 556 -33.26 21.49 16.66
N GLY C 557 -32.89 20.26 16.97
CA GLY C 557 -32.15 19.41 16.06
C GLY C 557 -30.70 19.16 16.40
N HIS C 558 -30.22 19.60 17.56
CA HIS C 558 -28.81 19.43 17.93
C HIS C 558 -28.72 18.51 19.14
N ARG C 559 -28.07 17.36 18.96
CA ARG C 559 -27.77 16.45 20.06
C ARG C 559 -26.75 17.09 20.99
N LEU C 560 -27.18 17.43 22.20
CA LEU C 560 -26.36 18.21 23.13
C LEU C 560 -26.21 17.46 24.45
N SER C 561 -25.02 17.61 25.05
CA SER C 561 -24.73 17.04 26.36
C SER C 561 -25.02 18.08 27.43
N THR C 562 -25.92 17.77 28.36
CA THR C 562 -26.14 18.69 29.47
C THR C 562 -24.87 18.88 30.28
N ALA C 563 -24.06 17.82 30.39
CA ALA C 563 -22.77 17.94 31.06
C ALA C 563 -21.86 18.94 30.37
N GLU C 564 -21.90 18.99 29.04
CA GLU C 564 -21.06 19.92 28.30
C GLU C 564 -21.49 21.37 28.53
N ILE C 565 -22.79 21.64 28.50
CA ILE C 565 -23.26 23.01 28.75
C ILE C 565 -22.99 23.40 30.20
N GLU C 566 -23.17 22.47 31.13
CA GLU C 566 -22.80 22.71 32.53
C GLU C 566 -21.32 23.05 32.64
N ALA C 567 -20.47 22.26 31.99
CA ALA C 567 -19.04 22.54 32.02
C ALA C 567 -18.72 23.89 31.38
N ALA C 568 -19.52 24.29 30.39
CA ALA C 568 -19.32 25.61 29.79
C ALA C 568 -19.62 26.72 30.78
N LEU C 569 -20.78 26.63 31.45
CA LEU C 569 -21.14 27.65 32.44
C LEU C 569 -20.11 27.75 33.55
N ILE C 570 -19.48 26.63 33.92
CA ILE C 570 -18.51 26.64 35.02
C ILE C 570 -17.22 27.34 34.60
N GLU C 571 -16.94 27.45 33.31
CA GLU C 571 -15.77 28.22 32.87
C GLU C 571 -15.87 29.69 33.27
N HIS C 572 -17.06 30.17 33.64
CA HIS C 572 -17.19 31.52 34.18
C HIS C 572 -16.68 31.54 35.62
N HIS C 573 -15.87 32.56 35.93
CA HIS C 573 -15.19 32.59 37.23
C HIS C 573 -16.15 32.68 38.40
N CYS C 574 -17.31 33.32 38.20
CA CYS C 574 -18.28 33.44 39.27
C CYS C 574 -19.03 32.14 39.54
N VAL C 575 -19.15 31.28 38.53
CA VAL C 575 -19.97 30.08 38.66
C VAL C 575 -19.16 28.99 39.35
N ALA C 576 -19.75 28.41 40.40
CA ALA C 576 -19.15 27.29 41.11
C ALA C 576 -19.81 25.96 40.79
N GLU C 577 -21.14 25.93 40.69
CA GLU C 577 -21.89 24.74 40.32
C GLU C 577 -22.95 25.11 39.29
N ALA C 578 -23.16 24.23 38.32
CA ALA C 578 -24.16 24.46 37.29
C ALA C 578 -24.90 23.15 37.01
N ALA C 579 -26.18 23.28 36.67
CA ALA C 579 -27.01 22.14 36.32
C ALA C 579 -27.88 22.52 35.12
N VAL C 580 -27.88 21.68 34.11
CA VAL C 580 -28.65 21.90 32.89
C VAL C 580 -29.65 20.75 32.74
N VAL C 581 -30.89 21.08 32.40
CA VAL C 581 -31.90 20.09 32.07
C VAL C 581 -32.65 20.53 30.83
N GLY C 582 -33.36 19.58 30.22
CA GLY C 582 -34.20 19.88 29.07
C GLY C 582 -35.69 19.76 29.35
N VAL C 583 -36.46 20.78 29.00
CA VAL C 583 -37.90 20.76 29.26
C VAL C 583 -38.64 20.65 27.93
N PRO C 584 -39.80 20.00 27.89
CA PRO C 584 -40.53 19.88 26.61
C PRO C 584 -40.90 21.24 26.04
N ASP C 585 -40.65 21.41 24.74
CA ASP C 585 -40.82 22.68 24.05
C ASP C 585 -41.68 22.48 22.81
N PRO C 586 -42.65 23.38 22.57
CA PRO C 586 -43.57 23.19 21.44
C PRO C 586 -42.96 23.48 20.08
N LEU C 587 -41.82 24.16 20.01
CA LEU C 587 -41.18 24.50 18.74
C LEU C 587 -39.89 23.73 18.50
N THR C 588 -38.97 23.77 19.47
CA THR C 588 -37.67 23.13 19.33
C THR C 588 -37.67 21.67 19.77
N GLY C 589 -38.73 21.21 20.45
CA GLY C 589 -38.78 19.86 20.97
C GLY C 589 -38.44 19.81 22.44
N GLN C 590 -37.24 20.27 22.78
CA GLN C 590 -36.82 20.43 24.16
C GLN C 590 -36.10 21.77 24.28
N ALA C 591 -36.28 22.43 25.42
CA ALA C 591 -35.66 23.71 25.71
C ALA C 591 -34.64 23.52 26.82
N VAL C 592 -33.40 23.92 26.56
CA VAL C 592 -32.33 23.78 27.55
C VAL C 592 -32.43 24.91 28.56
N HIS C 593 -32.49 24.56 29.83
CA HIS C 593 -32.47 25.53 30.92
C HIS C 593 -31.32 25.19 31.86
N ALA C 594 -30.81 26.22 32.53
CA ALA C 594 -29.59 26.08 33.32
C ALA C 594 -29.73 26.83 34.63
N PHE C 595 -29.45 26.14 35.73
CA PHE C 595 -29.39 26.73 37.05
C PHE C 595 -27.92 26.79 37.47
N VAL C 596 -27.50 27.94 37.98
CA VAL C 596 -26.12 28.12 38.43
C VAL C 596 -26.13 28.55 39.88
N ALA C 597 -25.01 28.26 40.55
CA ALA C 597 -24.75 28.74 41.91
C ALA C 597 -23.43 29.48 41.88
N LEU C 598 -23.42 30.70 42.40
CA LEU C 598 -22.29 31.61 42.22
C LEU C 598 -21.30 31.49 43.37
N LYS C 599 -20.11 32.06 43.16
CA LYS C 599 -19.08 32.06 44.19
C LYS C 599 -19.33 33.16 45.22
N SER C 600 -19.50 34.40 44.77
CA SER C 600 -19.76 35.52 45.65
C SER C 600 -20.84 36.40 45.01
N GLY C 601 -20.96 37.62 45.51
CA GLY C 601 -21.98 38.52 44.99
C GLY C 601 -21.58 39.12 43.66
N ASN C 602 -22.57 39.31 42.80
CA ASN C 602 -22.40 40.01 41.53
C ASN C 602 -23.43 41.14 41.53
N ASP C 603 -22.99 42.34 41.91
CA ASP C 603 -23.88 43.49 42.03
C ASP C 603 -24.54 43.87 40.70
N ASN C 604 -24.14 43.20 39.62
CA ASN C 604 -24.80 43.30 38.33
C ASN C 604 -25.19 41.88 37.90
N ARG C 605 -26.24 41.34 38.53
CA ARG C 605 -26.69 40.00 38.20
C ARG C 605 -27.32 39.92 36.82
N GLU C 606 -27.94 41.01 36.36
CA GLU C 606 -28.42 41.06 34.99
C GLU C 606 -27.25 41.00 34.01
N GLN C 607 -26.12 41.61 34.38
CA GLN C 607 -24.91 41.49 33.57
C GLN C 607 -24.34 40.08 33.63
N LEU C 608 -24.40 39.45 34.81
CA LEU C 608 -23.95 38.07 34.94
C LEU C 608 -24.74 37.14 34.03
N GLN C 609 -26.06 37.35 33.95
CA GLN C 609 -26.89 36.59 33.02
C GLN C 609 -26.37 36.73 31.59
N LYS C 610 -25.96 37.94 31.20
CA LYS C 610 -25.43 38.15 29.86
C LYS C 610 -24.13 37.36 29.66
N GLU C 611 -23.22 37.45 30.63
CA GLU C 611 -21.92 36.80 30.48
C GLU C 611 -22.05 35.28 30.43
N LEU C 612 -23.05 34.72 31.13
CA LEU C 612 -23.23 33.27 31.10
C LEU C 612 -23.66 32.79 29.72
N ILE C 613 -24.61 33.50 29.10
CA ILE C 613 -25.07 33.12 27.77
C ILE C 613 -23.93 33.20 26.77
N MET C 614 -23.11 34.25 26.88
CA MET C 614 -21.97 34.40 25.99
C MET C 614 -20.99 33.24 26.15
N GLN C 615 -20.79 32.78 27.38
CA GLN C 615 -19.83 31.71 27.63
C GLN C 615 -20.23 30.42 26.93
N VAL C 616 -21.52 30.07 26.97
CA VAL C 616 -21.97 28.88 26.28
C VAL C 616 -21.84 29.06 24.77
N ARG C 617 -22.18 30.26 24.27
CA ARG C 617 -22.00 30.55 22.86
C ARG C 617 -20.55 30.43 22.44
N LYS C 618 -19.62 30.80 23.32
CA LYS C 618 -18.20 30.68 22.98
C LYS C 618 -17.71 29.25 23.10
N SER C 619 -18.21 28.49 24.09
CA SER C 619 -17.69 27.16 24.31
C SER C 619 -18.19 26.16 23.26
N ILE C 620 -19.44 26.29 22.84
CA ILE C 620 -20.04 25.31 21.94
C ILE C 620 -20.44 26.01 20.65
N GLY C 621 -21.36 26.96 20.77
CA GLY C 621 -21.82 27.72 19.63
C GLY C 621 -23.11 28.42 19.96
N PRO C 622 -23.52 29.37 19.10
CA PRO C 622 -24.75 30.12 19.38
C PRO C 622 -25.96 29.22 19.57
N PHE C 623 -26.04 28.12 18.83
CA PHE C 623 -27.17 27.20 18.89
C PHE C 623 -27.29 26.46 20.21
N ALA C 624 -26.28 26.55 21.09
CA ALA C 624 -26.29 25.85 22.36
C ALA C 624 -26.68 26.74 23.53
N ALA C 625 -26.96 28.01 23.28
CA ALA C 625 -27.27 28.93 24.37
C ALA C 625 -28.51 28.47 25.12
N PRO C 626 -28.50 28.50 26.45
CA PRO C 626 -29.72 28.18 27.21
C PRO C 626 -30.75 29.28 27.09
N LYS C 627 -32.01 28.90 27.25
CA LYS C 627 -33.08 29.89 27.24
C LYS C 627 -32.96 30.83 28.43
N VAL C 628 -32.76 30.27 29.63
CA VAL C 628 -32.62 31.05 30.84
C VAL C 628 -31.48 30.48 31.67
N VAL C 629 -30.80 31.36 32.40
CA VAL C 629 -29.73 30.99 33.32
C VAL C 629 -30.16 31.48 34.71
N PHE C 630 -30.74 30.58 35.50
CA PHE C 630 -31.19 30.94 36.84
C PHE C 630 -29.99 31.02 37.77
N VAL C 631 -29.86 32.14 38.48
CA VAL C 631 -28.70 32.39 39.33
C VAL C 631 -29.06 32.02 40.76
N ILE C 632 -30.20 31.37 40.93
CA ILE C 632 -30.68 31.00 42.24
C ILE C 632 -29.90 29.79 42.74
N ASP C 633 -29.28 29.93 43.91
CA ASP C 633 -28.44 28.87 44.46
C ASP C 633 -29.14 28.11 45.59
O2' PRX D . 25.61 -27.68 13.74
C2' PRX D . 24.24 -27.91 13.45
C1' PRX D . 23.46 -27.94 14.76
O4' PRX D . 23.03 -26.62 15.04
C4' PRX D . 23.41 -25.75 13.94
C5' PRX D . 22.34 -24.70 13.73
O5' PRX D . 22.21 -23.86 14.87
P PRX D . 21.14 -22.68 14.88
O1P PRX D . 21.23 -21.93 13.60
O2P PRX D . 21.32 -21.99 16.18
O3P PRX D . 19.76 -23.48 14.96
C1P PRX D . 19.42 -24.38 16.04
C2P PRX D . 18.02 -24.88 15.83
C3P PRX D . 17.83 -25.52 14.48
C3' PRX D . 23.62 -26.68 12.78
O3' PRX D . 24.42 -26.11 11.76
N9 PRX D . 22.28 -28.82 14.68
C8 PRX D . 20.95 -28.45 14.63
N7 PRX D . 20.13 -29.46 14.67
C5 PRX D . 20.96 -30.57 14.73
C4 PRX D . 22.29 -30.19 14.73
N3 PRX D . 23.35 -30.99 14.75
C2 PRX D . 22.98 -32.28 14.79
N1 PRX D . 21.75 -32.79 14.83
C6 PRX D . 20.69 -31.95 14.81
N6 PRX D . 19.46 -32.46 14.93
C1 EDO E . 0.77 -47.03 7.58
O1 EDO E . 1.45 -47.66 6.47
C2 EDO E . 1.79 -46.78 8.67
O2 EDO E . 2.83 -45.93 8.17
C1 EDO F . 1.67 -32.51 -0.75
O1 EDO F . 1.87 -33.43 -1.82
C2 EDO F . 0.85 -31.34 -1.27
O2 EDO F . -0.37 -31.85 -1.79
C1 EDO G . -3.75 -25.89 6.23
O1 EDO G . -3.49 -27.11 6.94
C2 EDO G . -4.60 -24.97 7.09
O2 EDO G . -3.89 -24.70 8.29
C1 EDO H . -9.69 -23.52 12.45
O1 EDO H . -8.96 -23.43 11.21
C2 EDO H . -8.72 -23.63 13.63
O2 EDO H . -8.20 -24.97 13.71
C1 EDO I . -5.30 -12.49 25.80
O1 EDO I . -4.31 -11.84 26.61
C2 EDO I . -6.53 -12.86 26.62
O2 EDO I . -6.14 -13.85 27.58
C1 EDO J . 1.87 -12.82 32.25
O1 EDO J . 1.12 -11.64 32.57
C2 EDO J . 2.14 -12.84 30.76
O2 EDO J . 0.92 -12.73 30.02
C1 EDO K . 18.47 -5.66 2.91
O1 EDO K . 19.26 -6.54 3.71
C2 EDO K . 17.90 -4.55 3.76
O2 EDO K . 18.90 -3.59 4.06
C1 EDO L . 3.12 9.89 26.28
O1 EDO L . 4.47 9.60 25.91
C2 EDO L . 2.64 8.77 27.20
O2 EDO L . 1.26 8.92 27.52
C1 EDO M . 0.92 -10.56 -12.80
O1 EDO M . 0.09 -11.47 -12.07
C2 EDO M . 1.53 -9.57 -11.83
O2 EDO M . 2.30 -10.27 -10.83
O2' PRX N . 7.86 19.12 -35.32
C2' PRX N . 7.69 17.72 -35.15
C1' PRX N . 9.08 17.07 -35.21
O4' PRX N . 9.56 17.00 -33.89
C4' PRX N . 8.57 17.54 -32.96
C5' PRX N . 8.62 16.80 -31.66
O5' PRX N . 9.87 16.93 -31.01
P PRX N . 10.14 16.15 -29.64
O1P PRX N . 8.99 16.30 -28.73
O2P PRX N . 11.55 16.56 -29.21
O3P PRX N . 10.20 14.65 -30.14
C1P PRX N . 11.15 14.19 -31.15
C2P PRX N . 11.09 12.71 -31.18
C3P PRX N . 9.76 12.17 -31.63
C3' PRX N . 7.28 17.42 -33.73
O3' PRX N . 6.26 18.28 -33.23
N9 PRX N . 9.03 15.70 -35.77
C8 PRX N . 9.13 14.51 -35.10
N7 PRX N . 9.11 13.45 -35.89
C5 PRX N . 8.99 13.99 -37.16
C4 PRX N . 8.92 15.38 -37.10
N3 PRX N . 8.78 16.21 -38.13
C2 PRX N . 8.67 15.54 -39.29
N1 PRX N . 8.73 14.22 -39.50
C6 PRX N . 8.88 13.40 -38.44
N6 PRX N . 8.95 12.08 -38.66
C1 EDO O . 1.93 -8.38 -46.39
O1 EDO O . 2.14 -9.75 -46.03
C2 EDO O . 1.36 -8.32 -47.79
O2 EDO O . 0.07 -8.94 -47.80
C1 EDO P . -5.02 -5.95 -32.74
O1 EDO P . -6.34 -6.45 -32.95
C2 EDO P . -4.55 -6.30 -31.33
O2 EDO P . -5.55 -7.11 -30.68
C1 EDO Q . 11.51 -13.18 -23.49
O1 EDO Q . 11.32 -13.05 -24.91
C2 EDO Q . 10.46 -14.12 -22.89
O2 EDO Q . 9.15 -13.50 -22.93
C1 EDO R . 30.55 0.65 -18.41
O1 EDO R . 30.87 0.10 -17.13
C2 EDO R . 29.04 0.83 -18.48
O2 EDO R . 28.41 -0.32 -17.92
C1 EDO S . 32.88 -3.44 -32.38
O1 EDO S . 32.58 -3.38 -30.97
C2 EDO S . 31.76 -2.79 -33.20
O2 EDO S . 31.79 -1.36 -33.05
C1 EDO T . 24.76 -6.54 -15.50
O1 EDO T . 25.56 -5.39 -15.18
C2 EDO T . 25.62 -7.78 -15.67
O2 EDO T . 26.49 -7.62 -16.79
C1 EDO U . 7.74 14.63 -6.02
O1 EDO U . 6.56 13.85 -5.73
C2 EDO U . 8.67 14.67 -4.81
O2 EDO U . 9.81 13.82 -4.99
C1 EDO V . 1.11 16.59 -10.75
O1 EDO V . 1.51 17.52 -11.75
C2 EDO V . 2.12 16.61 -9.61
O2 EDO V . 2.23 17.92 -9.06
C1 EDO W . 28.71 20.76 -4.48
O1 EDO W . 27.40 20.18 -4.49
C2 EDO W . 29.71 19.76 -3.91
O2 EDO W . 29.26 19.35 -2.62
C1 EDO X . 36.67 9.09 -4.87
O1 EDO X . 37.02 9.94 -3.78
C2 EDO X . 36.29 9.99 -6.04
O2 EDO X . 37.35 9.99 -7.00
C1 EDO Y . -14.47 -1.93 -21.53
O1 EDO Y . -14.24 -0.52 -21.63
C2 EDO Y . -13.18 -2.68 -21.19
O2 EDO Y . -13.32 -4.07 -21.55
C1 EDO Z . -13.62 -2.18 -9.45
O1 EDO Z . -12.92 -3.27 -10.06
C2 EDO Z . -12.60 -1.36 -8.70
O2 EDO Z . -11.61 -0.87 -9.63
C1 EDO AA . -15.49 17.28 -16.37
O1 EDO AA . -14.10 17.08 -16.68
C2 EDO AA . -16.25 17.81 -17.57
O2 EDO AA . -16.37 16.78 -18.56
C1 EDO BA . -7.03 -12.89 2.44
O1 EDO BA . -8.00 -11.84 2.46
C2 EDO BA . -7.58 -14.11 1.71
O2 EDO BA . -8.30 -13.67 0.55
O2' PRX CA . -32.95 10.00 20.66
C2' PRX CA . -33.01 9.47 19.35
C1' PRX CA . -33.31 10.61 18.38
O4' PRX CA . -32.07 11.18 18.01
C4' PRX CA . -30.98 10.40 18.58
C5' PRX CA . -29.82 10.36 17.63
O5' PRX CA . -29.16 11.60 17.54
P PRX CA . -27.95 11.80 16.52
O1P PRX CA . -26.93 10.78 16.85
O2P PRX CA . -27.56 13.24 16.58
O3P PRX CA . -28.57 11.54 15.08
C1P PRX CA . -29.74 12.23 14.57
C2P PRX CA . -29.98 11.77 13.20
C3P PRX CA . -30.39 10.32 13.14
C3' PRX CA . -31.61 9.06 18.90
O3' PRX CA . -30.87 8.33 19.86
N9 PRX CA . -34.00 10.16 17.17
C8 PRX CA . -33.48 10.00 15.92
N7 PRX CA . -34.35 9.66 15.01
C5 PRX CA . -35.55 9.58 15.72
C4 PRX CA . -35.35 9.87 17.05
N3 PRX CA . -36.26 9.86 18.02
C2 PRX CA . -37.46 9.54 17.54
N1 PRX CA . -37.82 9.25 16.29
C6 PRX CA . -36.87 9.27 15.32
N6 PRX CA . -37.23 9.04 14.06
C1 EDO DA . -46.27 -3.14 -3.51
O1 EDO DA . -46.11 -3.43 -4.91
C2 EDO DA . -47.51 -3.86 -2.99
O2 EDO DA . -47.40 -5.24 -3.36
C1 EDO EA . -31.26 -7.87 -1.18
O1 EDO EA . -32.29 -8.80 -0.84
C2 EDO EA . -30.09 -8.65 -1.75
O2 EDO EA . -30.49 -9.22 -3.00
C1 EDO FA . -24.78 5.43 -13.56
O1 EDO FA . -24.52 4.37 -12.61
C2 EDO FA . -25.29 6.67 -12.83
O2 EDO FA . -26.67 6.51 -12.43
C1 EDO GA . -20.54 28.77 -4.55
O1 EDO GA . -19.25 29.21 -4.98
C2 EDO GA . -20.41 27.36 -4.00
O2 EDO GA . -19.83 26.48 -4.99
C1 EDO HA . -18.38 22.31 -11.91
O1 EDO HA . -19.58 23.05 -11.61
C2 EDO HA . -17.87 21.71 -10.61
O2 EDO HA . -17.77 22.72 -9.60
C1 EDO IA . -14.47 24.52 -6.55
O1 EDO IA . -15.61 24.49 -7.40
C2 EDO IA . -13.59 23.38 -6.98
O2 EDO IA . -12.57 23.90 -7.82
C1 EDO JA . -3.70 32.93 12.25
O1 EDO JA . -2.38 32.41 12.07
C2 EDO JA . -4.27 32.40 13.57
O2 EDO JA . -4.49 30.98 13.50
C1 EDO KA . -8.35 4.64 16.50
O1 EDO KA . -9.29 5.11 17.49
C2 EDO KA . -7.28 5.68 16.22
O2 EDO KA . -6.69 6.17 17.42
C1 EDO LA . -6.46 37.52 0.40
O1 EDO LA . -5.08 37.23 0.63
C2 EDO LA . -7.19 37.48 1.73
O2 EDO LA . -8.56 37.88 1.50
#